data_2AXL
#
_entry.id   2AXL
#
_entity_poly.entity_id   1
_entity_poly.type   'polypeptide(L)'
_entity_poly.pdbx_seq_one_letter_code
;MDDSEDTSWDFGPQAFKLLSAVDILGEKFGIGLPILFLRGSNSQRLADQYRRHSLFGTGKDQTESWWKAFSRQLITEGFL
VEVSRYNKFMKICALTKKGRNWLHKANTESQSLILQANEELCPKKLLLPSSKTVSSGTKEHCYN
;
_entity_poly.pdbx_strand_id   A
#
# COMPACT_ATOMS: atom_id res chain seq x y z
N MET A 1 8.87 20.73 -4.54
CA MET A 1 8.89 19.36 -5.13
C MET A 1 7.82 18.49 -4.45
N ASP A 2 7.67 18.63 -3.15
CA ASP A 2 6.66 17.81 -2.43
C ASP A 2 5.25 18.32 -2.79
N ASP A 3 5.16 19.52 -3.28
CA ASP A 3 3.82 20.08 -3.64
C ASP A 3 3.41 19.57 -5.04
N SER A 4 4.28 18.87 -5.70
CA SER A 4 3.93 18.35 -7.06
C SER A 4 3.45 16.91 -6.94
N GLU A 5 2.16 16.70 -7.00
CA GLU A 5 1.59 15.32 -6.90
C GLU A 5 1.75 14.63 -8.25
N ASP A 6 2.05 13.35 -8.23
CA ASP A 6 2.25 12.60 -9.50
C ASP A 6 0.91 12.25 -10.18
N THR A 7 0.90 11.30 -11.09
CA THR A 7 -0.38 10.94 -11.79
C THR A 7 -0.68 9.45 -11.53
N SER A 8 -1.91 9.02 -11.28
CA SER A 8 -3.10 9.93 -11.06
C SER A 8 -4.22 9.03 -10.60
N TRP A 9 -4.66 9.29 -9.41
CA TRP A 9 -5.85 8.66 -8.86
C TRP A 9 -5.92 9.27 -7.47
N ASP A 10 -7.06 9.72 -7.06
CA ASP A 10 -7.16 10.32 -5.71
C ASP A 10 -7.71 9.33 -4.72
N PHE A 11 -7.02 9.03 -3.67
CA PHE A 11 -7.63 8.07 -2.68
C PHE A 11 -7.39 8.67 -1.29
N GLY A 12 -8.01 9.76 -0.88
CA GLY A 12 -7.73 10.25 0.52
C GLY A 12 -7.95 9.13 1.56
N PRO A 13 -9.07 8.48 1.50
CA PRO A 13 -9.41 7.38 2.43
C PRO A 13 -8.19 6.54 2.77
N GLN A 14 -7.48 6.06 1.78
CA GLN A 14 -6.29 5.24 2.08
C GLN A 14 -5.36 6.02 3.01
N ALA A 15 -5.18 7.30 2.84
CA ALA A 15 -4.26 8.01 3.78
C ALA A 15 -4.89 7.97 5.16
N PHE A 16 -6.18 8.09 5.24
CA PHE A 16 -6.81 8.02 6.57
C PHE A 16 -6.49 6.62 7.07
N LYS A 17 -6.65 5.65 6.24
CA LYS A 17 -6.34 4.27 6.68
C LYS A 17 -4.88 4.17 7.15
N LEU A 18 -3.91 4.69 6.42
CA LEU A 18 -2.51 4.55 6.94
C LEU A 18 -2.37 5.58 8.04
N LEU A 19 -2.72 6.79 7.78
CA LEU A 19 -2.57 7.84 8.82
C LEU A 19 -3.40 7.51 10.09
N SER A 20 -4.68 7.12 10.05
CA SER A 20 -5.34 6.91 11.40
C SER A 20 -4.81 5.60 12.07
N ALA A 21 -4.44 4.59 11.32
CA ALA A 21 -3.96 3.34 11.99
C ALA A 21 -2.61 3.57 12.68
N VAL A 22 -1.65 4.21 12.06
CA VAL A 22 -0.32 4.43 12.74
C VAL A 22 -0.59 5.28 13.98
N ASP A 23 -1.55 6.13 13.88
CA ASP A 23 -1.92 6.99 15.02
C ASP A 23 -2.29 6.12 16.22
N ILE A 24 -3.13 5.12 16.05
CA ILE A 24 -3.47 4.26 17.23
C ILE A 24 -2.16 3.62 17.72
N LEU A 25 -1.36 3.15 16.80
CA LEU A 25 -0.05 2.53 17.16
C LEU A 25 0.88 3.65 17.58
N GLY A 26 0.40 4.87 17.50
CA GLY A 26 1.23 6.06 17.88
C GLY A 26 2.52 6.08 17.08
N GLU A 27 2.49 5.54 15.88
CA GLU A 27 3.68 5.50 14.96
C GLU A 27 4.93 4.82 15.61
N LYS A 28 4.85 4.30 16.82
CA LYS A 28 6.10 3.66 17.39
C LYS A 28 6.21 2.23 16.83
N PHE A 29 5.90 2.07 15.59
CA PHE A 29 6.01 0.70 15.01
C PHE A 29 6.47 0.79 13.56
N GLY A 30 7.08 -0.27 13.12
CA GLY A 30 7.60 -0.38 11.73
C GLY A 30 6.44 -0.61 10.75
N ILE A 31 6.75 -0.71 9.48
CA ILE A 31 5.69 -0.94 8.43
C ILE A 31 5.05 -2.35 8.51
N GLY A 32 5.81 -3.31 8.95
CA GLY A 32 5.33 -4.73 9.03
C GLY A 32 4.08 -4.91 9.90
N LEU A 33 4.01 -4.26 11.03
CA LEU A 33 2.82 -4.43 11.93
C LEU A 33 1.55 -3.82 11.28
N PRO A 34 1.54 -2.56 10.88
CA PRO A 34 0.33 -1.91 10.27
C PRO A 34 -0.06 -2.49 8.89
N ILE A 35 0.86 -2.92 8.07
CA ILE A 35 0.42 -3.50 6.75
C ILE A 35 -0.40 -4.78 7.03
N LEU A 36 0.09 -5.63 7.90
CA LEU A 36 -0.69 -6.86 8.25
C LEU A 36 -2.06 -6.49 8.87
N PHE A 37 -2.09 -5.53 9.78
CA PHE A 37 -3.41 -5.12 10.39
C PHE A 37 -4.22 -4.39 9.31
N LEU A 38 -4.10 -3.58 8.33
CA LEU A 38 -5.23 -3.17 7.59
C LEU A 38 -5.90 -4.40 6.96
N ARG A 39 -5.17 -5.37 6.45
CA ARG A 39 -5.83 -6.57 5.82
C ARG A 39 -6.62 -7.47 6.82
N GLY A 40 -6.63 -7.17 8.09
CA GLY A 40 -7.42 -7.98 9.07
C GLY A 40 -6.75 -9.32 9.26
N SER A 41 -5.58 -9.32 9.84
CA SER A 41 -4.85 -10.62 10.05
C SER A 41 -5.46 -11.51 11.17
N ASN A 42 -5.08 -12.77 11.21
CA ASN A 42 -5.60 -13.72 12.24
C ASN A 42 -4.81 -13.37 13.52
N SER A 43 -5.45 -12.65 14.40
CA SER A 43 -4.84 -12.22 15.69
C SER A 43 -5.92 -11.87 16.71
N GLN A 44 -6.24 -12.78 17.58
CA GLN A 44 -7.30 -12.50 18.60
C GLN A 44 -6.81 -11.50 19.66
N ARG A 45 -5.57 -11.57 20.07
CA ARG A 45 -5.07 -10.63 21.14
C ARG A 45 -5.18 -9.17 20.70
N LEU A 46 -4.85 -8.87 19.48
CA LEU A 46 -4.94 -7.45 19.01
C LEU A 46 -6.36 -7.18 18.51
N ALA A 47 -7.18 -8.19 18.46
CA ALA A 47 -8.56 -7.96 17.99
C ALA A 47 -9.44 -7.60 19.19
N ASP A 48 -9.04 -7.93 20.40
CA ASP A 48 -9.89 -7.57 21.58
C ASP A 48 -9.43 -6.23 22.15
N GLN A 49 -8.15 -6.03 22.17
CA GLN A 49 -7.60 -4.73 22.70
C GLN A 49 -7.94 -3.59 21.71
N TYR A 50 -7.61 -3.77 20.45
CA TYR A 50 -7.88 -2.70 19.43
C TYR A 50 -9.22 -3.00 18.73
N ARG A 51 -10.14 -3.53 19.47
CA ARG A 51 -11.49 -3.92 18.96
C ARG A 51 -12.27 -2.72 18.39
N ARG A 52 -12.28 -1.58 19.02
CA ARG A 52 -13.06 -0.48 18.42
C ARG A 52 -12.50 -0.14 17.06
N HIS A 53 -11.22 -0.29 16.90
CA HIS A 53 -10.56 0.04 15.60
C HIS A 53 -11.35 -0.44 14.39
N SER A 54 -12.08 0.44 13.74
CA SER A 54 -12.87 0.03 12.54
C SER A 54 -11.94 -0.35 11.36
N LEU A 55 -10.86 0.37 11.17
CA LEU A 55 -9.95 0.08 10.00
C LEU A 55 -9.56 -1.41 9.97
N PHE A 56 -9.79 -2.16 11.02
CA PHE A 56 -9.34 -3.54 10.91
C PHE A 56 -9.99 -4.21 9.70
N GLY A 57 -9.21 -4.81 8.87
CA GLY A 57 -9.64 -5.57 7.63
C GLY A 57 -10.25 -4.80 6.45
N THR A 58 -10.07 -3.51 6.26
CA THR A 58 -10.77 -2.99 5.03
C THR A 58 -9.73 -3.11 3.88
N GLY A 59 -8.52 -3.46 4.21
CA GLY A 59 -7.38 -3.66 3.24
C GLY A 59 -7.37 -5.07 2.81
N LYS A 60 -8.35 -5.71 3.30
CA LYS A 60 -8.56 -7.15 3.04
C LYS A 60 -8.75 -7.46 1.53
N ASP A 61 -9.52 -6.69 0.79
CA ASP A 61 -9.71 -6.94 -0.70
C ASP A 61 -8.43 -6.55 -1.45
N GLN A 62 -7.50 -5.94 -0.78
CA GLN A 62 -6.25 -5.45 -1.44
C GLN A 62 -5.06 -6.32 -1.14
N THR A 63 -4.33 -6.60 -2.16
CA THR A 63 -3.14 -7.43 -1.97
C THR A 63 -2.08 -6.64 -1.21
N GLU A 64 -1.09 -7.36 -0.77
CA GLU A 64 0.08 -6.81 -0.01
C GLU A 64 0.87 -5.72 -0.78
N SER A 65 1.23 -5.89 -2.03
CA SER A 65 2.00 -4.86 -2.73
C SER A 65 1.16 -3.60 -2.94
N TRP A 66 -0.12 -3.68 -3.02
CA TRP A 66 -0.90 -2.43 -3.22
C TRP A 66 -0.65 -1.60 -1.98
N TRP A 67 -0.71 -2.23 -0.87
CA TRP A 67 -0.53 -1.50 0.38
C TRP A 67 0.97 -1.06 0.34
N LYS A 68 1.85 -1.98 0.01
CA LYS A 68 3.32 -1.62 -0.10
C LYS A 68 3.45 -0.45 -1.07
N ALA A 69 2.83 -0.62 -2.18
CA ALA A 69 2.87 0.38 -3.23
C ALA A 69 2.29 1.70 -2.72
N PHE A 70 1.20 1.68 -2.01
CA PHE A 70 0.61 2.97 -1.48
C PHE A 70 1.61 3.65 -0.55
N SER A 71 2.25 2.88 0.32
CA SER A 71 3.23 3.50 1.24
C SER A 71 4.32 4.22 0.43
N ARG A 72 4.76 3.59 -0.63
CA ARG A 72 5.81 4.21 -1.50
C ARG A 72 5.32 5.55 -2.05
N GLN A 73 4.10 5.63 -2.50
CA GLN A 73 3.56 6.90 -3.04
C GLN A 73 3.71 8.05 -2.02
N LEU A 74 3.41 7.78 -0.77
CA LEU A 74 3.49 8.84 0.29
C LEU A 74 4.93 9.35 0.52
N ILE A 75 5.90 8.50 0.42
CA ILE A 75 7.31 8.94 0.66
C ILE A 75 7.75 10.03 -0.34
N THR A 76 7.48 9.84 -1.60
CA THR A 76 7.91 10.87 -2.63
C THR A 76 7.09 12.16 -2.49
N GLU A 77 5.82 12.08 -2.23
CA GLU A 77 5.00 13.33 -2.13
C GLU A 77 5.47 14.21 -0.96
N GLY A 78 6.05 13.65 0.06
CA GLY A 78 6.50 14.49 1.21
C GLY A 78 5.57 14.22 2.39
N PHE A 79 4.45 13.61 2.11
CA PHE A 79 3.45 13.25 3.14
C PHE A 79 4.11 12.35 4.19
N LEU A 80 5.06 11.54 3.79
CA LEU A 80 5.72 10.60 4.77
C LEU A 80 7.25 10.61 4.58
N VAL A 81 7.95 10.46 5.67
CA VAL A 81 9.44 10.39 5.67
C VAL A 81 9.81 9.12 6.44
N GLU A 82 10.81 8.38 6.04
CA GLU A 82 11.17 7.14 6.82
C GLU A 82 12.56 7.22 7.41
N VAL A 83 12.73 6.82 8.66
CA VAL A 83 14.08 6.89 9.26
C VAL A 83 14.54 5.48 9.57
N SER A 84 15.72 5.21 9.13
CA SER A 84 16.35 3.91 9.34
C SER A 84 17.02 3.90 10.69
N ARG A 85 17.16 5.03 11.34
CA ARG A 85 17.90 5.02 12.64
C ARG A 85 16.93 4.61 13.76
N TYR A 86 15.78 4.27 13.26
CA TYR A 86 14.56 3.92 14.03
C TYR A 86 13.85 2.66 13.48
N ASN A 87 13.84 1.64 14.32
CA ASN A 87 13.27 0.29 14.04
C ASN A 87 14.33 -0.59 13.37
N LYS A 88 15.10 -1.34 14.13
CA LYS A 88 16.08 -2.28 13.48
C LYS A 88 15.26 -3.31 12.72
N PHE A 89 13.96 -3.20 12.88
CA PHE A 89 12.95 -4.09 12.23
C PHE A 89 12.89 -3.63 10.77
N MET A 90 12.21 -2.54 10.59
CA MET A 90 11.95 -1.98 9.23
C MET A 90 11.59 -0.49 9.17
N LYS A 91 12.65 0.29 9.10
CA LYS A 91 12.57 1.77 8.98
C LYS A 91 11.32 2.35 9.60
N ILE A 92 11.25 2.77 10.87
CA ILE A 92 9.91 3.32 11.23
C ILE A 92 9.25 4.25 10.21
N CYS A 93 7.93 4.21 10.17
CA CYS A 93 7.21 5.16 9.28
C CYS A 93 7.08 6.39 10.20
N ALA A 94 7.25 7.57 9.70
CA ALA A 94 7.16 8.78 10.59
C ALA A 94 6.45 9.93 9.90
N LEU A 95 5.48 10.50 10.57
CA LEU A 95 4.72 11.65 9.99
C LEU A 95 5.48 12.94 10.30
N THR A 96 5.58 13.84 9.35
CA THR A 96 6.32 15.13 9.57
C THR A 96 5.33 16.27 9.85
N LYS A 97 5.79 17.49 9.81
CA LYS A 97 4.89 18.65 10.07
C LYS A 97 3.77 18.66 9.03
N LYS A 98 4.09 18.46 7.79
CA LYS A 98 3.06 18.45 6.72
C LYS A 98 2.09 17.28 6.94
N GLY A 99 2.60 16.13 7.24
CA GLY A 99 1.71 14.95 7.43
C GLY A 99 1.14 14.92 8.86
N ARG A 100 1.84 15.40 9.84
CA ARG A 100 1.28 15.39 11.25
C ARG A 100 0.10 16.36 11.33
N ASN A 101 0.26 17.53 10.73
CA ASN A 101 -0.85 18.50 10.74
C ASN A 101 -1.97 17.83 9.99
N TRP A 102 -1.63 17.12 8.94
CA TRP A 102 -2.69 16.38 8.22
C TRP A 102 -3.47 15.45 9.18
N LEU A 103 -2.74 14.61 9.89
CA LEU A 103 -3.36 13.63 10.84
C LEU A 103 -3.97 14.36 12.05
N HIS A 104 -3.29 15.33 12.58
CA HIS A 104 -3.82 16.06 13.78
C HIS A 104 -4.92 17.08 13.43
N LYS A 105 -5.24 17.33 12.17
CA LYS A 105 -6.30 18.36 11.87
C LYS A 105 -7.39 17.82 10.93
N ALA A 106 -7.05 17.01 9.96
CA ALA A 106 -8.16 16.52 9.02
C ALA A 106 -8.91 15.33 9.63
N ASN A 107 -8.58 15.00 10.82
CA ASN A 107 -9.21 13.84 11.50
C ASN A 107 -10.75 13.90 11.43
N THR A 108 -11.33 15.03 11.13
CA THR A 108 -12.83 15.08 11.05
C THR A 108 -13.30 14.46 9.73
N GLU A 109 -13.50 15.25 8.70
CA GLU A 109 -13.94 14.72 7.41
C GLU A 109 -13.22 15.48 6.29
N SER A 110 -11.94 15.25 6.12
CA SER A 110 -11.22 15.97 5.02
C SER A 110 -10.36 14.95 4.30
N GLN A 111 -10.73 14.59 3.09
CA GLN A 111 -9.96 13.57 2.31
C GLN A 111 -9.48 14.21 1.00
N SER A 112 -8.23 14.64 0.87
CA SER A 112 -7.84 15.24 -0.46
C SER A 112 -6.34 15.00 -0.70
N LEU A 113 -6.07 14.37 -1.81
CA LEU A 113 -4.70 14.06 -2.30
C LEU A 113 -4.97 13.51 -3.70
N ILE A 114 -4.60 14.15 -4.78
CA ILE A 114 -4.81 13.41 -6.06
C ILE A 114 -3.49 12.65 -5.92
N LEU A 115 -3.45 11.33 -5.97
CA LEU A 115 -2.11 10.65 -5.67
C LEU A 115 -1.25 10.20 -6.85
N GLN A 116 -0.08 9.82 -6.46
CA GLN A 116 0.89 9.28 -7.39
C GLN A 116 0.28 7.96 -7.76
N ALA A 117 0.27 7.47 -8.98
CA ALA A 117 -0.35 6.12 -9.21
C ALA A 117 0.53 4.99 -8.60
N ASN A 118 -0.03 3.89 -8.16
CA ASN A 118 0.78 2.80 -7.55
C ASN A 118 1.48 2.02 -8.66
N GLU A 119 2.66 1.59 -8.41
CA GLU A 119 3.42 0.83 -9.44
C GLU A 119 2.64 -0.41 -9.92
N GLU A 120 2.14 -1.26 -9.05
CA GLU A 120 1.41 -2.47 -9.57
C GLU A 120 -0.07 -2.15 -9.70
N LEU A 121 -0.51 -1.70 -10.86
CA LEU A 121 -1.98 -1.36 -10.98
C LEU A 121 -2.81 -2.56 -11.49
N CYS A 122 -2.19 -3.55 -12.08
CA CYS A 122 -2.97 -4.73 -12.55
C CYS A 122 -2.01 -5.94 -12.62
N PRO A 123 -1.57 -6.50 -11.50
CA PRO A 123 -0.62 -7.66 -11.54
C PRO A 123 -1.28 -8.96 -12.01
N LYS A 124 -2.51 -8.91 -12.47
CA LYS A 124 -3.20 -10.16 -12.93
C LYS A 124 -3.10 -10.30 -14.45
N LYS A 125 -2.52 -9.34 -15.11
CA LYS A 125 -2.40 -9.42 -16.60
C LYS A 125 -1.19 -10.28 -16.97
N LEU A 126 -0.90 -11.29 -16.19
CA LEU A 126 0.28 -12.17 -16.51
C LEU A 126 -0.17 -13.34 -17.39
N LEU A 127 -0.51 -13.06 -18.62
CA LEU A 127 -0.95 -14.14 -19.56
C LEU A 127 0.27 -14.91 -20.05
N LEU A 128 0.11 -16.16 -20.39
CA LEU A 128 1.29 -16.96 -20.87
C LEU A 128 1.34 -16.88 -22.40
N PRO A 129 2.36 -16.28 -22.97
CA PRO A 129 2.49 -16.17 -24.45
C PRO A 129 2.29 -17.51 -25.16
N SER A 130 1.55 -17.52 -26.24
CA SER A 130 1.31 -18.80 -26.99
C SER A 130 2.57 -19.17 -27.77
N SER A 131 2.72 -20.41 -28.14
CA SER A 131 3.94 -20.82 -28.90
C SER A 131 3.78 -20.38 -30.35
N LYS A 132 4.56 -19.40 -30.77
CA LYS A 132 4.47 -18.90 -32.19
C LYS A 132 5.35 -19.77 -33.09
N THR A 133 4.87 -20.06 -34.28
CA THR A 133 5.67 -20.88 -35.24
C THR A 133 6.63 -19.99 -36.02
N VAL A 134 7.89 -20.33 -36.05
CA VAL A 134 8.89 -19.49 -36.80
C VAL A 134 8.85 -19.83 -38.29
N SER A 135 8.80 -18.84 -39.14
CA SER A 135 8.76 -19.09 -40.60
C SER A 135 10.04 -19.79 -41.06
N SER A 136 11.17 -19.46 -40.47
CA SER A 136 12.44 -20.12 -40.90
C SER A 136 12.38 -21.61 -40.59
N GLY A 137 13.38 -22.35 -41.00
CA GLY A 137 13.39 -23.81 -40.73
C GLY A 137 12.68 -24.55 -41.87
N THR A 138 12.29 -23.85 -42.90
CA THR A 138 11.59 -24.52 -44.03
C THR A 138 12.56 -25.46 -44.76
N LYS A 139 12.14 -26.67 -45.04
CA LYS A 139 13.02 -27.63 -45.75
C LYS A 139 12.14 -28.78 -46.25
N GLU A 140 11.91 -28.83 -47.52
CA GLU A 140 11.06 -29.91 -48.11
C GLU A 140 11.91 -30.81 -49.01
N HIS A 141 13.20 -30.82 -48.81
CA HIS A 141 14.10 -31.64 -49.65
C HIS A 141 13.72 -33.12 -49.53
N CYS A 142 13.59 -33.63 -48.35
CA CYS A 142 13.23 -35.06 -48.18
C CYS A 142 11.78 -35.28 -48.63
N TYR A 143 10.91 -34.35 -48.32
CA TYR A 143 9.48 -34.50 -48.72
C TYR A 143 9.34 -34.19 -50.21
N ASN A 144 8.15 -34.24 -50.74
CA ASN A 144 7.95 -33.95 -52.19
C ASN A 144 8.72 -32.68 -52.56
N MET A 1 7.15 22.87 -3.41
CA MET A 1 8.02 22.19 -4.40
C MET A 1 7.85 20.67 -4.26
N ASP A 2 7.63 20.21 -3.06
CA ASP A 2 7.46 18.74 -2.86
C ASP A 2 6.02 18.34 -3.20
N ASP A 3 5.20 19.29 -3.57
CA ASP A 3 3.78 18.97 -3.91
C ASP A 3 3.71 18.23 -5.25
N SER A 4 4.84 18.06 -5.90
CA SER A 4 4.83 17.34 -7.21
C SER A 4 4.26 15.94 -7.01
N GLU A 5 3.03 15.73 -7.41
CA GLU A 5 2.38 14.39 -7.25
C GLU A 5 2.20 13.77 -8.63
N ASP A 6 2.43 12.49 -8.74
CA ASP A 6 2.29 11.80 -10.05
C ASP A 6 0.84 11.45 -10.36
N THR A 7 0.57 10.63 -11.36
CA THR A 7 -0.84 10.27 -11.71
C THR A 7 -0.97 8.73 -11.70
N SER A 8 -2.10 8.13 -11.36
CA SER A 8 -3.31 8.84 -10.80
C SER A 8 -4.22 7.76 -10.27
N TRP A 9 -4.72 8.02 -9.12
CA TRP A 9 -5.75 7.19 -8.51
C TRP A 9 -6.07 7.94 -7.23
N ASP A 10 -7.30 7.95 -6.81
CA ASP A 10 -7.63 8.70 -5.58
C ASP A 10 -7.27 7.88 -4.35
N PHE A 11 -6.61 8.45 -3.39
CA PHE A 11 -6.31 7.63 -2.18
C PHE A 11 -6.65 8.49 -0.96
N GLY A 12 -7.34 9.61 -1.07
CA GLY A 12 -7.64 10.37 0.19
C GLY A 12 -8.24 9.47 1.27
N PRO A 13 -9.42 8.95 1.02
CA PRO A 13 -10.12 8.07 1.97
C PRO A 13 -9.17 7.09 2.65
N GLN A 14 -8.60 6.19 1.91
CA GLN A 14 -7.69 5.21 2.55
C GLN A 14 -6.59 5.97 3.29
N ALA A 15 -6.27 7.19 2.95
CA ALA A 15 -5.19 7.87 3.70
C ALA A 15 -5.69 8.14 5.10
N PHE A 16 -6.93 8.51 5.24
CA PHE A 16 -7.46 8.75 6.60
C PHE A 16 -7.31 7.42 7.29
N LYS A 17 -7.65 6.37 6.63
CA LYS A 17 -7.50 5.04 7.25
C LYS A 17 -6.02 4.75 7.53
N LEU A 18 -5.10 5.00 6.62
CA LEU A 18 -3.67 4.73 6.97
C LEU A 18 -3.34 5.67 8.12
N LEU A 19 -3.72 6.91 8.02
CA LEU A 19 -3.41 7.85 9.11
C LEU A 19 -4.01 7.39 10.48
N SER A 20 -5.30 7.05 10.62
CA SER A 20 -5.69 6.67 12.05
C SER A 20 -5.04 5.31 12.46
N ALA A 21 -4.53 4.53 11.53
CA ALA A 21 -3.95 3.22 11.95
C ALA A 21 -2.53 3.40 12.52
N VAL A 22 -1.61 4.01 11.80
CA VAL A 22 -0.23 4.18 12.36
C VAL A 22 -0.35 5.01 13.63
N ASP A 23 -1.14 6.02 13.57
CA ASP A 23 -1.35 6.90 14.74
C ASP A 23 -1.94 6.07 15.88
N ILE A 24 -2.94 5.25 15.62
CA ILE A 24 -3.50 4.45 16.76
C ILE A 24 -2.37 3.54 17.29
N LEU A 25 -1.63 2.96 16.37
CA LEU A 25 -0.48 2.08 16.75
C LEU A 25 0.57 2.95 17.42
N GLY A 26 0.30 4.24 17.49
CA GLY A 26 1.23 5.20 18.13
C GLY A 26 2.49 5.35 17.26
N GLU A 27 2.44 4.83 16.05
CA GLU A 27 3.58 4.91 15.08
C GLU A 27 4.87 4.21 15.60
N LYS A 28 4.86 3.54 16.73
CA LYS A 28 6.15 2.87 17.17
C LYS A 28 6.27 1.52 16.45
N PHE A 29 5.91 1.48 15.22
CA PHE A 29 6.00 0.18 14.50
C PHE A 29 6.40 0.44 13.05
N GLY A 30 6.93 -0.59 12.44
CA GLY A 30 7.39 -0.54 11.03
C GLY A 30 6.21 -0.81 10.08
N ILE A 31 6.47 -0.84 8.80
CA ILE A 31 5.38 -1.09 7.77
C ILE A 31 4.82 -2.53 7.85
N GLY A 32 5.65 -3.45 8.25
CA GLY A 32 5.25 -4.91 8.33
C GLY A 32 4.04 -5.17 9.26
N LEU A 33 4.20 -4.94 10.54
CA LEU A 33 3.07 -5.22 11.49
C LEU A 33 1.75 -4.57 10.99
N PRO A 34 1.73 -3.29 10.65
CA PRO A 34 0.48 -2.62 10.18
C PRO A 34 -0.01 -3.09 8.79
N ILE A 35 0.83 -3.62 7.95
CA ILE A 35 0.29 -4.11 6.62
C ILE A 35 -0.79 -5.16 6.90
N LEU A 36 -0.53 -6.09 7.81
CA LEU A 36 -1.58 -7.08 8.21
C LEU A 36 -2.80 -6.38 8.83
N PHE A 37 -2.58 -5.40 9.71
CA PHE A 37 -3.74 -4.67 10.32
C PHE A 37 -4.49 -3.94 9.20
N LEU A 38 -4.31 -3.23 8.15
CA LEU A 38 -5.40 -2.77 7.38
C LEU A 38 -6.14 -3.97 6.77
N ARG A 39 -5.48 -5.05 6.44
CA ARG A 39 -6.18 -6.21 5.80
C ARG A 39 -7.10 -7.02 6.78
N GLY A 40 -7.11 -6.70 8.05
CA GLY A 40 -8.02 -7.41 9.01
C GLY A 40 -7.47 -8.78 9.30
N SER A 41 -6.24 -8.83 9.74
CA SER A 41 -5.60 -10.17 10.04
C SER A 41 -6.11 -10.81 11.37
N ASN A 42 -5.98 -12.11 11.48
CA ASN A 42 -6.41 -12.84 12.72
C ASN A 42 -5.17 -12.84 13.63
N SER A 43 -5.25 -12.05 14.67
CA SER A 43 -4.13 -11.94 15.67
C SER A 43 -4.68 -11.62 17.06
N GLN A 44 -4.28 -12.37 18.04
CA GLN A 44 -4.80 -12.14 19.43
C GLN A 44 -4.26 -10.82 20.01
N ARG A 45 -3.00 -10.51 19.82
CA ARG A 45 -2.43 -9.25 20.41
C ARG A 45 -3.16 -8.01 19.87
N LEU A 46 -3.38 -7.93 18.59
CA LEU A 46 -4.08 -6.73 18.03
C LEU A 46 -5.57 -6.84 18.37
N ALA A 47 -6.05 -8.02 18.64
CA ALA A 47 -7.48 -8.14 19.00
C ALA A 47 -7.77 -7.21 20.18
N ASP A 48 -6.96 -7.21 21.21
CA ASP A 48 -7.23 -6.30 22.36
C ASP A 48 -7.11 -4.85 21.90
N GLN A 49 -6.19 -4.61 21.00
CA GLN A 49 -6.00 -3.21 20.47
C GLN A 49 -7.16 -2.85 19.53
N TYR A 50 -7.71 -3.83 18.86
CA TYR A 50 -8.83 -3.56 17.90
C TYR A 50 -10.07 -3.07 18.68
N ARG A 51 -9.92 -2.94 19.96
CA ARG A 51 -11.01 -2.50 20.88
C ARG A 51 -11.55 -1.12 20.52
N ARG A 52 -10.75 -0.14 20.22
CA ARG A 52 -11.36 1.17 19.90
C ARG A 52 -11.24 1.45 18.41
N HIS A 53 -10.67 0.52 17.70
CA HIS A 53 -10.46 0.70 16.23
C HIS A 53 -11.49 -0.08 15.40
N SER A 54 -12.29 0.60 14.62
CA SER A 54 -13.30 -0.11 13.78
C SER A 54 -12.74 -0.40 12.38
N LEU A 55 -11.79 0.38 11.91
CA LEU A 55 -11.24 0.16 10.52
C LEU A 55 -10.70 -1.28 10.36
N PHE A 56 -10.94 -2.14 11.29
CA PHE A 56 -10.36 -3.47 11.08
C PHE A 56 -10.76 -3.98 9.68
N GLY A 57 -9.81 -4.49 8.95
CA GLY A 57 -9.99 -5.11 7.59
C GLY A 57 -10.68 -4.28 6.48
N THR A 58 -10.71 -2.97 6.47
CA THR A 58 -11.48 -2.41 5.29
C THR A 58 -10.41 -2.20 4.18
N GLY A 59 -9.17 -2.45 4.49
CA GLY A 59 -8.01 -2.33 3.54
C GLY A 59 -7.81 -3.64 2.88
N LYS A 60 -8.69 -4.48 3.21
CA LYS A 60 -8.72 -5.87 2.73
C LYS A 60 -8.85 -5.95 1.17
N ASP A 61 -9.25 -4.90 0.50
CA ASP A 61 -9.38 -4.93 -1.02
C ASP A 61 -7.99 -4.75 -1.66
N GLN A 62 -7.00 -4.48 -0.86
CA GLN A 62 -5.62 -4.20 -1.38
C GLN A 62 -4.70 -5.38 -1.19
N THR A 63 -3.94 -5.63 -2.19
CA THR A 63 -2.97 -6.71 -2.09
C THR A 63 -1.83 -6.30 -1.17
N GLU A 64 -1.04 -7.28 -0.81
CA GLU A 64 0.16 -7.12 0.07
C GLU A 64 1.18 -6.05 -0.42
N SER A 65 1.79 -6.18 -1.56
CA SER A 65 2.77 -5.18 -1.99
C SER A 65 2.09 -3.88 -2.38
N TRP A 66 0.83 -3.85 -2.59
CA TRP A 66 0.20 -2.54 -2.95
C TRP A 66 0.49 -1.62 -1.79
N TRP A 67 0.32 -2.11 -0.63
CA TRP A 67 0.54 -1.26 0.54
C TRP A 67 2.05 -0.95 0.48
N LYS A 68 2.86 -1.91 0.08
CA LYS A 68 4.35 -1.67 -0.06
C LYS A 68 4.54 -0.58 -1.10
N ALA A 69 3.90 -0.78 -2.20
CA ALA A 69 4.00 0.14 -3.31
C ALA A 69 3.52 1.54 -2.89
N PHE A 70 2.40 1.65 -2.24
CA PHE A 70 1.90 3.00 -1.79
C PHE A 70 2.93 3.66 -0.86
N SER A 71 3.53 2.87 0.00
CA SER A 71 4.54 3.45 0.93
C SER A 71 5.53 4.30 0.14
N ARG A 72 5.94 3.82 -1.00
CA ARG A 72 6.90 4.58 -1.86
C ARG A 72 6.27 5.92 -2.29
N GLN A 73 5.03 5.91 -2.68
CA GLN A 73 4.35 7.18 -3.11
C GLN A 73 4.45 8.26 -2.02
N LEU A 74 4.22 7.89 -0.78
CA LEU A 74 4.27 8.89 0.35
C LEU A 74 5.66 9.54 0.52
N ILE A 75 6.70 8.78 0.37
CA ILE A 75 8.07 9.35 0.55
C ILE A 75 8.35 10.51 -0.42
N THR A 76 8.01 10.34 -1.67
CA THR A 76 8.28 11.43 -2.68
C THR A 76 7.48 12.69 -2.37
N GLU A 77 6.24 12.58 -2.00
CA GLU A 77 5.43 13.81 -1.70
C GLU A 77 5.97 14.54 -0.47
N GLY A 78 6.59 13.85 0.46
CA GLY A 78 7.13 14.55 1.67
C GLY A 78 6.12 14.34 2.81
N PHE A 79 5.05 13.68 2.51
CA PHE A 79 3.99 13.37 3.51
C PHE A 79 4.57 12.41 4.57
N LEU A 80 5.52 11.59 4.19
CA LEU A 80 6.09 10.60 5.17
C LEU A 80 7.63 10.62 5.13
N VAL A 81 8.22 10.42 6.29
CA VAL A 81 9.71 10.37 6.43
C VAL A 81 10.02 8.99 7.03
N GLU A 82 10.99 8.26 6.53
CA GLU A 82 11.29 6.92 7.14
C GLU A 82 12.62 6.90 7.86
N VAL A 83 12.66 6.42 9.09
CA VAL A 83 13.97 6.40 9.80
C VAL A 83 14.46 4.96 9.83
N SER A 84 15.54 4.78 9.17
CA SER A 84 16.20 3.47 9.09
C SER A 84 16.98 3.23 10.37
N ARG A 85 17.18 4.23 11.19
CA ARG A 85 18.01 4.01 12.41
C ARG A 85 17.12 3.43 13.51
N TYR A 86 15.93 3.14 13.05
CA TYR A 86 14.77 2.66 13.82
C TYR A 86 13.98 1.54 13.11
N ASN A 87 14.09 0.36 13.68
CA ASN A 87 13.50 -0.92 13.16
C ASN A 87 14.46 -1.54 12.13
N LYS A 88 15.47 -2.26 12.56
CA LYS A 88 16.35 -2.96 11.57
C LYS A 88 15.47 -3.97 10.83
N PHE A 89 14.24 -4.06 11.30
CA PHE A 89 13.20 -4.97 10.73
C PHE A 89 12.70 -4.27 9.47
N MET A 90 11.82 -3.34 9.70
CA MET A 90 11.11 -2.61 8.60
C MET A 90 11.08 -1.09 8.73
N LYS A 91 12.27 -0.57 8.91
CA LYS A 91 12.52 0.90 9.00
C LYS A 91 11.34 1.66 9.58
N ILE A 92 11.28 2.03 10.87
CA ILE A 92 10.01 2.75 11.20
C ILE A 92 9.54 3.81 10.20
N CYS A 93 8.25 3.76 9.87
CA CYS A 93 7.71 4.80 8.99
C CYS A 93 7.16 5.81 10.02
N ALA A 94 7.24 7.09 9.78
CA ALA A 94 6.75 8.08 10.78
C ALA A 94 6.10 9.28 10.13
N LEU A 95 4.99 9.71 10.65
CA LEU A 95 4.28 10.90 10.09
C LEU A 95 5.00 12.18 10.58
N THR A 96 5.15 13.16 9.72
CA THR A 96 5.85 14.42 10.12
C THR A 96 4.83 15.46 10.60
N LYS A 97 5.28 16.45 11.31
CA LYS A 97 4.36 17.50 11.84
C LYS A 97 3.39 17.92 10.73
N LYS A 98 3.76 17.68 9.50
CA LYS A 98 2.87 18.06 8.36
C LYS A 98 1.62 17.18 8.36
N GLY A 99 1.76 15.94 8.73
CA GLY A 99 0.58 15.02 8.69
C GLY A 99 -0.14 14.99 10.05
N ARG A 100 0.52 15.30 11.14
CA ARG A 100 -0.17 15.27 12.47
C ARG A 100 -1.30 16.30 12.49
N ASN A 101 -1.01 17.49 11.99
CA ASN A 101 -2.06 18.54 11.97
C ASN A 101 -3.09 18.04 10.99
N TRP A 102 -2.65 17.44 9.91
CA TRP A 102 -3.65 16.90 8.96
C TRP A 102 -4.63 15.93 9.67
N LEU A 103 -4.09 14.92 10.31
CA LEU A 103 -4.91 13.89 11.01
C LEU A 103 -5.63 14.50 12.22
N HIS A 104 -4.97 15.36 12.95
CA HIS A 104 -5.62 15.94 14.17
C HIS A 104 -6.87 16.77 13.87
N LYS A 105 -7.01 17.42 12.72
CA LYS A 105 -8.23 18.26 12.46
C LYS A 105 -8.93 17.89 11.16
N ALA A 106 -8.21 17.70 10.07
CA ALA A 106 -8.96 17.37 8.76
C ALA A 106 -9.84 16.13 8.92
N ASN A 107 -9.79 15.55 10.06
CA ASN A 107 -10.57 14.30 10.34
C ASN A 107 -12.05 14.48 9.96
N THR A 108 -12.61 15.66 10.06
CA THR A 108 -14.05 15.82 9.68
C THR A 108 -14.31 15.20 8.30
N GLU A 109 -14.27 15.99 7.25
CA GLU A 109 -14.50 15.46 5.91
C GLU A 109 -13.57 16.19 4.92
N SER A 110 -12.30 15.93 4.97
CA SER A 110 -11.38 16.64 4.02
C SER A 110 -10.45 15.58 3.42
N GLN A 111 -10.86 14.94 2.36
CA GLN A 111 -10.03 13.86 1.73
C GLN A 111 -9.73 14.27 0.29
N SER A 112 -8.59 14.90 -0.03
CA SER A 112 -8.36 15.25 -1.48
C SER A 112 -6.84 15.20 -1.77
N LEU A 113 -6.48 14.21 -2.54
CA LEU A 113 -5.09 13.98 -3.02
C LEU A 113 -5.30 12.99 -4.16
N ILE A 114 -4.91 13.25 -5.39
CA ILE A 114 -5.09 12.15 -6.36
C ILE A 114 -3.61 11.77 -6.31
N LEU A 115 -3.23 10.51 -6.11
CA LEU A 115 -1.74 10.25 -5.92
C LEU A 115 -0.95 9.68 -7.08
N GLN A 116 0.28 9.50 -6.78
CA GLN A 116 1.21 8.88 -7.71
C GLN A 116 0.63 7.50 -7.89
N ALA A 117 0.35 6.99 -9.06
CA ALA A 117 -0.19 5.58 -9.12
C ALA A 117 0.84 4.56 -8.60
N ASN A 118 0.44 3.50 -7.92
CA ASN A 118 1.42 2.51 -7.41
C ASN A 118 2.13 1.86 -8.59
N GLU A 119 3.41 1.69 -8.47
CA GLU A 119 4.18 1.07 -9.58
C GLU A 119 3.73 -0.38 -9.87
N GLU A 120 3.56 -1.23 -8.87
CA GLU A 120 3.12 -2.63 -9.22
C GLU A 120 1.59 -2.66 -9.30
N LEU A 121 1.03 -2.47 -10.48
CA LEU A 121 -0.48 -2.50 -10.54
C LEU A 121 -1.03 -3.88 -10.94
N CYS A 122 -0.21 -4.91 -10.91
CA CYS A 122 -0.74 -6.27 -11.26
C CYS A 122 0.17 -7.31 -10.58
N PRO A 123 -0.34 -8.18 -9.73
CA PRO A 123 0.53 -9.20 -9.03
C PRO A 123 1.00 -10.32 -9.96
N LYS A 124 0.53 -10.37 -11.17
CA LYS A 124 0.95 -11.47 -12.12
C LYS A 124 2.32 -11.15 -12.72
N LYS A 125 2.95 -10.09 -12.27
CA LYS A 125 4.28 -9.72 -12.83
C LYS A 125 5.32 -10.77 -12.41
N LEU A 126 4.92 -11.75 -11.63
CA LEU A 126 5.89 -12.80 -11.19
C LEU A 126 6.27 -13.69 -12.38
N LEU A 127 7.51 -14.10 -12.45
CA LEU A 127 7.98 -14.95 -13.58
C LEU A 127 7.82 -16.42 -13.18
N LEU A 128 7.06 -17.18 -13.93
CA LEU A 128 6.88 -18.62 -13.58
C LEU A 128 6.81 -19.44 -14.88
N PRO A 129 7.87 -19.51 -15.64
CA PRO A 129 7.88 -20.28 -16.93
C PRO A 129 7.78 -21.79 -16.70
N SER A 130 7.07 -22.48 -17.56
CA SER A 130 6.94 -23.97 -17.41
C SER A 130 8.14 -24.64 -18.05
N SER A 131 8.28 -25.93 -17.89
CA SER A 131 9.45 -26.63 -18.51
C SER A 131 8.97 -27.93 -19.15
N LYS A 132 8.24 -27.83 -20.25
CA LYS A 132 7.72 -29.05 -20.94
C LYS A 132 8.83 -29.68 -21.77
N THR A 133 8.87 -31.00 -21.83
CA THR A 133 9.92 -31.70 -22.63
C THR A 133 9.66 -31.47 -24.11
N VAL A 134 10.70 -31.17 -24.87
CA VAL A 134 10.52 -30.92 -26.34
C VAL A 134 10.99 -32.15 -27.13
N SER A 135 10.14 -32.69 -27.96
CA SER A 135 10.53 -33.89 -28.76
C SER A 135 11.46 -33.49 -29.91
N SER A 136 11.26 -32.33 -30.48
CA SER A 136 12.15 -31.90 -31.60
C SER A 136 13.58 -31.70 -31.09
N GLY A 137 14.51 -31.47 -31.98
CA GLY A 137 15.93 -31.26 -31.55
C GLY A 137 16.66 -32.61 -31.53
N THR A 138 15.97 -33.68 -31.82
CA THR A 138 16.62 -35.02 -31.80
C THR A 138 17.60 -35.13 -32.98
N LYS A 139 18.77 -35.68 -32.75
CA LYS A 139 19.75 -35.84 -33.85
C LYS A 139 20.82 -36.83 -33.38
N GLU A 140 20.80 -38.01 -33.93
CA GLU A 140 21.79 -39.07 -33.53
C GLU A 140 22.92 -39.13 -34.56
N HIS A 141 23.28 -38.01 -35.12
CA HIS A 141 24.38 -37.98 -36.14
C HIS A 141 25.71 -38.39 -35.51
N CYS A 142 25.94 -38.03 -34.28
CA CYS A 142 27.22 -38.40 -33.63
C CYS A 142 27.47 -39.90 -33.79
N TYR A 143 26.44 -40.70 -33.61
CA TYR A 143 26.61 -42.18 -33.77
C TYR A 143 26.75 -42.52 -35.26
N ASN A 144 27.66 -43.38 -35.59
CA ASN A 144 27.84 -43.75 -37.03
C ASN A 144 27.76 -42.50 -37.90
N MET A 1 11.25 20.01 -4.42
CA MET A 1 10.18 20.17 -5.44
C MET A 1 9.57 18.81 -5.75
N ASP A 2 9.96 17.78 -5.03
CA ASP A 2 9.39 16.43 -5.30
C ASP A 2 8.01 16.31 -4.65
N ASP A 3 7.58 17.33 -3.96
CA ASP A 3 6.24 17.29 -3.29
C ASP A 3 5.14 17.25 -4.35
N SER A 4 5.48 17.49 -5.59
CA SER A 4 4.45 17.47 -6.67
C SER A 4 3.75 16.11 -6.67
N GLU A 5 2.47 16.10 -6.41
CA GLU A 5 1.70 14.82 -6.39
C GLU A 5 1.63 14.27 -7.81
N ASP A 6 1.85 12.99 -7.96
CA ASP A 6 1.84 12.37 -9.32
C ASP A 6 0.42 11.99 -9.75
N THR A 7 0.25 11.32 -10.87
CA THR A 7 -1.13 10.94 -11.34
C THR A 7 -1.17 9.42 -11.55
N SER A 8 -2.29 8.71 -11.37
CA SER A 8 -3.55 9.28 -10.78
C SER A 8 -4.42 8.09 -10.43
N TRP A 9 -5.03 8.20 -9.30
CA TRP A 9 -6.02 7.25 -8.85
C TRP A 9 -6.45 7.82 -7.51
N ASP A 10 -7.70 7.76 -7.19
CA ASP A 10 -8.14 8.34 -5.91
C ASP A 10 -7.77 7.42 -4.76
N PHE A 11 -6.81 7.76 -3.97
CA PHE A 11 -6.50 6.85 -2.81
C PHE A 11 -6.33 7.77 -1.58
N GLY A 12 -6.83 8.97 -1.53
CA GLY A 12 -6.62 9.77 -0.28
C GLY A 12 -7.18 9.06 0.96
N PRO A 13 -8.46 8.80 0.95
CA PRO A 13 -9.14 8.09 2.07
C PRO A 13 -8.28 6.97 2.62
N GLN A 14 -7.92 6.02 1.80
CA GLN A 14 -7.05 4.92 2.31
C GLN A 14 -5.70 5.49 2.72
N ALA A 15 -5.30 6.64 2.24
CA ALA A 15 -3.95 7.12 2.66
C ALA A 15 -4.12 7.91 3.94
N PHE A 16 -5.15 8.71 4.04
CA PHE A 16 -5.35 9.47 5.29
C PHE A 16 -5.60 8.42 6.34
N LYS A 17 -6.27 7.38 5.97
CA LYS A 17 -6.51 6.30 6.96
C LYS A 17 -5.17 5.71 7.44
N LEU A 18 -4.15 5.59 6.61
CA LEU A 18 -2.88 5.04 7.15
C LEU A 18 -2.45 5.99 8.26
N LEU A 19 -2.57 7.26 8.03
CA LEU A 19 -2.17 8.23 9.08
C LEU A 19 -2.75 7.84 10.47
N SER A 20 -4.07 7.65 10.68
CA SER A 20 -4.44 7.31 12.12
C SER A 20 -3.95 5.88 12.49
N ALA A 21 -3.61 5.04 11.54
CA ALA A 21 -3.17 3.66 11.93
C ALA A 21 -1.80 3.69 12.63
N VAL A 22 -0.81 4.33 12.06
CA VAL A 22 0.54 4.37 12.75
C VAL A 22 0.34 5.05 14.10
N ASP A 23 -0.39 6.10 14.09
CA ASP A 23 -0.68 6.84 15.34
C ASP A 23 -1.44 5.93 16.30
N ILE A 24 -2.42 5.18 15.82
CA ILE A 24 -3.15 4.28 16.79
C ILE A 24 -2.09 3.38 17.45
N LEU A 25 -1.08 3.02 16.71
CA LEU A 25 0.02 2.18 17.26
C LEU A 25 0.97 3.11 18.01
N GLY A 26 0.67 4.38 17.99
CA GLY A 26 1.53 5.39 18.67
C GLY A 26 2.83 5.59 17.90
N GLU A 27 2.84 5.18 16.65
CA GLU A 27 4.05 5.32 15.76
C GLU A 27 5.29 4.54 16.29
N LYS A 28 5.15 3.50 17.10
CA LYS A 28 6.40 2.79 17.57
C LYS A 28 6.49 1.45 16.81
N PHE A 29 6.16 1.45 15.57
CA PHE A 29 6.24 0.17 14.81
C PHE A 29 6.58 0.45 13.36
N GLY A 30 7.09 -0.57 12.71
CA GLY A 30 7.50 -0.48 11.28
C GLY A 30 6.29 -0.80 10.38
N ILE A 31 6.51 -0.85 9.09
CA ILE A 31 5.39 -1.12 8.12
C ILE A 31 4.82 -2.56 8.26
N GLY A 32 5.64 -3.47 8.73
CA GLY A 32 5.23 -4.91 8.85
C GLY A 32 3.98 -5.13 9.73
N LEU A 33 3.91 -4.52 10.89
CA LEU A 33 2.73 -4.76 11.78
C LEU A 33 1.45 -4.10 11.20
N PRO A 34 1.47 -2.86 10.76
CA PRO A 34 0.26 -2.20 10.18
C PRO A 34 -0.16 -2.75 8.80
N ILE A 35 0.74 -3.18 7.97
CA ILE A 35 0.26 -3.74 6.64
C ILE A 35 -0.58 -5.00 6.92
N LEU A 36 -0.10 -5.86 7.80
CA LEU A 36 -0.89 -7.09 8.16
C LEU A 36 -2.27 -6.70 8.72
N PHE A 37 -2.33 -5.75 9.64
CA PHE A 37 -3.66 -5.31 10.19
C PHE A 37 -4.36 -4.47 9.12
N LEU A 38 -4.13 -3.65 8.17
CA LEU A 38 -5.19 -3.09 7.41
C LEU A 38 -5.99 -4.23 6.75
N ARG A 39 -5.38 -5.27 6.23
CA ARG A 39 -6.15 -6.36 5.56
C ARG A 39 -7.14 -7.12 6.49
N GLY A 40 -7.16 -6.85 7.77
CA GLY A 40 -8.12 -7.53 8.69
C GLY A 40 -7.71 -8.97 8.88
N SER A 41 -6.43 -9.19 8.97
CA SER A 41 -5.93 -10.61 9.15
C SER A 41 -6.39 -11.27 10.48
N ASN A 42 -6.34 -12.58 10.54
CA ASN A 42 -6.74 -13.34 11.78
C ASN A 42 -5.72 -12.91 12.83
N SER A 43 -6.19 -12.16 13.80
CA SER A 43 -5.33 -11.66 14.92
C SER A 43 -6.19 -11.18 16.09
N GLN A 44 -6.38 -12.01 17.08
CA GLN A 44 -7.21 -11.61 18.25
C GLN A 44 -6.43 -10.70 19.21
N ARG A 45 -5.13 -10.84 19.29
CA ARG A 45 -4.33 -10.01 20.25
C ARG A 45 -4.47 -8.51 19.95
N LEU A 46 -4.44 -8.13 18.69
CA LEU A 46 -4.55 -6.69 18.34
C LEU A 46 -6.04 -6.34 18.16
N ALA A 47 -6.89 -7.33 18.19
CA ALA A 47 -8.33 -7.01 18.04
C ALA A 47 -8.92 -6.71 19.42
N ASP A 48 -8.31 -7.15 20.49
CA ASP A 48 -8.89 -6.87 21.84
C ASP A 48 -8.23 -5.59 22.40
N GLN A 49 -6.95 -5.45 22.20
CA GLN A 49 -6.25 -4.23 22.69
C GLN A 49 -6.53 -3.05 21.74
N TYR A 50 -6.12 -3.15 20.51
CA TYR A 50 -6.35 -2.04 19.52
C TYR A 50 -7.76 -2.17 18.92
N ARG A 51 -8.68 -2.58 19.73
CA ARG A 51 -10.11 -2.79 19.32
C ARG A 51 -10.75 -1.52 18.76
N ARG A 52 -10.47 -0.35 19.29
CA ARG A 52 -11.15 0.83 18.71
C ARG A 52 -10.76 0.97 17.25
N HIS A 53 -9.58 0.56 16.91
CA HIS A 53 -9.09 0.68 15.52
C HIS A 53 -10.15 0.30 14.48
N SER A 54 -10.94 1.24 14.04
CA SER A 54 -11.99 0.92 13.04
C SER A 54 -11.36 0.47 11.70
N LEU A 55 -10.31 1.12 11.26
CA LEU A 55 -9.68 0.76 9.94
C LEU A 55 -9.44 -0.76 9.84
N PHE A 56 -9.73 -1.53 10.85
CA PHE A 56 -9.43 -2.93 10.68
C PHE A 56 -10.13 -3.48 9.43
N GLY A 57 -9.40 -4.14 8.59
CA GLY A 57 -9.90 -4.80 7.32
C GLY A 57 -10.35 -3.92 6.15
N THR A 58 -9.91 -2.69 5.94
CA THR A 58 -10.53 -2.03 4.75
C THR A 58 -9.53 -2.31 3.58
N GLY A 59 -8.35 -2.75 3.91
CA GLY A 59 -7.27 -3.10 2.92
C GLY A 59 -7.38 -4.54 2.58
N LYS A 60 -8.44 -5.04 3.04
CA LYS A 60 -8.80 -6.47 2.87
C LYS A 60 -8.96 -6.86 1.37
N ASP A 61 -9.61 -6.05 0.56
CA ASP A 61 -9.79 -6.39 -0.91
C ASP A 61 -8.46 -6.14 -1.67
N GLN A 62 -7.50 -5.59 -0.99
CA GLN A 62 -6.21 -5.22 -1.64
C GLN A 62 -5.10 -6.17 -1.29
N THR A 63 -4.34 -6.50 -2.27
CA THR A 63 -3.21 -7.40 -2.04
C THR A 63 -2.10 -6.67 -1.28
N GLU A 64 -1.16 -7.45 -0.84
CA GLU A 64 0.05 -6.97 -0.11
C GLU A 64 0.96 -6.02 -0.93
N SER A 65 1.24 -6.28 -2.17
CA SER A 65 2.12 -5.39 -2.93
C SER A 65 1.46 -4.05 -3.19
N TRP A 66 0.18 -3.97 -3.34
CA TRP A 66 -0.44 -2.64 -3.58
C TRP A 66 -0.15 -1.84 -2.33
N TRP A 67 -0.38 -2.42 -1.23
CA TRP A 67 -0.18 -1.70 0.02
C TRP A 67 1.34 -1.39 0.02
N LYS A 68 2.17 -2.34 -0.39
CA LYS A 68 3.65 -2.09 -0.47
C LYS A 68 3.87 -0.94 -1.43
N ALA A 69 3.25 -1.05 -2.54
CA ALA A 69 3.36 -0.04 -3.60
C ALA A 69 2.86 1.31 -3.08
N PHE A 70 1.78 1.34 -2.34
CA PHE A 70 1.27 2.66 -1.80
C PHE A 70 2.31 3.28 -0.87
N SER A 71 2.94 2.47 -0.05
CA SER A 71 3.98 3.03 0.87
C SER A 71 4.96 3.88 0.07
N ARG A 72 5.33 3.42 -1.09
CA ARG A 72 6.28 4.19 -1.95
C ARG A 72 5.67 5.55 -2.33
N GLN A 73 4.42 5.58 -2.70
CA GLN A 73 3.77 6.86 -3.08
C GLN A 73 3.90 7.90 -1.95
N LEU A 74 3.74 7.50 -0.72
CA LEU A 74 3.81 8.45 0.44
C LEU A 74 5.20 9.11 0.58
N ILE A 75 6.26 8.36 0.41
CA ILE A 75 7.62 8.95 0.57
C ILE A 75 7.90 10.06 -0.45
N THR A 76 7.56 9.84 -1.69
CA THR A 76 7.84 10.87 -2.75
C THR A 76 7.04 12.15 -2.51
N GLU A 77 5.78 12.05 -2.18
CA GLU A 77 4.96 13.29 -1.98
C GLU A 77 5.50 14.12 -0.80
N GLY A 78 6.16 13.51 0.15
CA GLY A 78 6.69 14.31 1.31
C GLY A 78 5.73 14.12 2.48
N PHE A 79 4.60 13.54 2.21
CA PHE A 79 3.58 13.26 3.25
C PHE A 79 4.18 12.35 4.33
N LEU A 80 5.15 11.55 3.98
CA LEU A 80 5.77 10.62 4.98
C LEU A 80 7.30 10.59 4.84
N VAL A 81 7.96 10.34 5.94
CA VAL A 81 9.45 10.24 5.98
C VAL A 81 9.78 8.95 6.73
N GLU A 82 10.76 8.18 6.32
CA GLU A 82 11.05 6.91 7.08
C GLU A 82 12.36 7.01 7.83
N VAL A 83 12.41 6.57 9.08
CA VAL A 83 13.69 6.65 9.82
C VAL A 83 14.19 5.23 10.07
N SER A 84 15.38 5.02 9.65
CA SER A 84 16.04 3.73 9.82
C SER A 84 16.72 3.69 11.18
N ARG A 85 16.83 4.80 11.85
CA ARG A 85 17.56 4.77 13.15
C ARG A 85 16.59 4.36 14.26
N TYR A 86 15.46 3.96 13.75
CA TYR A 86 14.24 3.58 14.49
C TYR A 86 13.51 2.36 13.89
N ASN A 87 13.54 1.29 14.65
CA ASN A 87 12.97 -0.06 14.29
C ASN A 87 14.04 -0.86 13.53
N LYS A 88 14.84 -1.65 14.21
CA LYS A 88 15.81 -2.52 13.47
C LYS A 88 14.98 -3.54 12.68
N PHE A 89 13.69 -3.47 12.91
CA PHE A 89 12.67 -4.34 12.24
C PHE A 89 12.53 -3.79 10.82
N MET A 90 11.76 -2.76 10.71
CA MET A 90 11.42 -2.13 9.40
C MET A 90 11.17 -0.63 9.42
N LYS A 91 12.28 0.08 9.41
CA LYS A 91 12.31 1.57 9.36
C LYS A 91 11.07 2.21 9.95
N ILE A 92 10.97 2.57 11.23
CA ILE A 92 9.65 3.21 11.55
C ILE A 92 9.09 4.18 10.52
N CYS A 93 7.88 3.89 10.06
CA CYS A 93 7.22 4.84 9.14
C CYS A 93 6.95 6.04 10.08
N ALA A 94 7.52 7.18 9.85
CA ALA A 94 7.29 8.33 10.78
C ALA A 94 6.40 9.39 10.16
N LEU A 95 5.51 9.94 10.94
CA LEU A 95 4.57 11.00 10.43
C LEU A 95 5.26 12.35 10.58
N THR A 96 5.22 13.18 9.56
CA THR A 96 5.86 14.54 9.64
C THR A 96 4.79 15.61 9.89
N LYS A 97 5.21 16.80 10.21
CA LYS A 97 4.23 17.91 10.46
C LYS A 97 3.20 17.94 9.33
N LYS A 98 3.50 17.29 8.23
CA LYS A 98 2.55 17.27 7.08
C LYS A 98 1.23 16.61 7.51
N GLY A 99 1.30 15.45 8.10
CA GLY A 99 0.05 14.73 8.48
C GLY A 99 -0.34 15.04 9.93
N ARG A 100 0.55 15.53 10.75
CA ARG A 100 0.18 15.83 12.19
C ARG A 100 -0.90 16.91 12.22
N ASN A 101 -0.74 17.92 11.36
CA ASN A 101 -1.77 18.99 11.31
C ASN A 101 -3.00 18.34 10.72
N TRP A 102 -2.80 17.44 9.79
CA TRP A 102 -3.98 16.74 9.24
C TRP A 102 -4.72 15.95 10.34
N LEU A 103 -3.96 15.24 11.15
CA LEU A 103 -4.53 14.39 12.24
C LEU A 103 -5.25 15.25 13.29
N HIS A 104 -4.70 16.38 13.64
CA HIS A 104 -5.34 17.23 14.68
C HIS A 104 -6.67 17.87 14.23
N LYS A 105 -6.99 17.93 12.94
CA LYS A 105 -8.27 18.59 12.51
C LYS A 105 -9.03 17.79 11.45
N ALA A 106 -8.40 17.38 10.38
CA ALA A 106 -9.20 16.61 9.32
C ALA A 106 -9.30 15.13 9.69
N ASN A 107 -9.30 14.86 10.94
CA ASN A 107 -9.36 13.45 11.43
C ASN A 107 -10.63 12.73 10.94
N THR A 108 -11.73 13.43 10.73
CA THR A 108 -12.95 12.73 10.24
C THR A 108 -12.80 12.40 8.74
N GLU A 109 -13.38 13.19 7.87
CA GLU A 109 -13.24 12.95 6.42
C GLU A 109 -13.32 14.29 5.68
N SER A 110 -12.30 15.10 5.78
CA SER A 110 -12.36 16.41 5.07
C SER A 110 -10.99 16.65 4.44
N GLN A 111 -10.74 16.04 3.31
CA GLN A 111 -9.40 16.19 2.62
C GLN A 111 -9.43 15.40 1.32
N SER A 112 -8.63 15.74 0.30
CA SER A 112 -8.70 14.88 -0.94
C SER A 112 -7.33 14.92 -1.66
N LEU A 113 -6.63 13.84 -1.52
CA LEU A 113 -5.28 13.62 -2.13
C LEU A 113 -5.61 12.65 -3.28
N ILE A 114 -5.60 13.03 -4.53
CA ILE A 114 -5.78 11.95 -5.53
C ILE A 114 -4.27 11.64 -5.57
N LEU A 115 -3.83 10.39 -5.49
CA LEU A 115 -2.32 10.19 -5.36
C LEU A 115 -1.52 9.76 -6.57
N GLN A 116 -0.28 9.63 -6.31
CA GLN A 116 0.68 9.17 -7.29
C GLN A 116 0.12 7.82 -7.68
N ALA A 117 -0.04 7.42 -8.90
CA ALA A 117 -0.55 6.01 -9.15
C ALA A 117 0.51 4.95 -8.73
N ASN A 118 0.11 3.80 -8.25
CA ASN A 118 1.10 2.77 -7.81
C ASN A 118 1.89 2.30 -9.03
N GLU A 119 3.09 1.88 -8.81
CA GLU A 119 3.94 1.42 -9.93
C GLU A 119 3.36 0.16 -10.62
N GLU A 120 2.86 -0.81 -9.89
CA GLU A 120 2.31 -2.02 -10.61
C GLU A 120 0.87 -1.75 -11.01
N LEU A 121 0.63 -1.25 -12.20
CA LEU A 121 -0.81 -0.97 -12.59
C LEU A 121 -1.35 -2.00 -13.59
N CYS A 122 -1.30 -3.28 -13.29
CA CYS A 122 -1.85 -4.28 -14.24
C CYS A 122 -2.34 -5.50 -13.42
N PRO A 123 -3.32 -5.35 -12.53
CA PRO A 123 -3.80 -6.51 -11.71
C PRO A 123 -4.61 -7.55 -12.53
N LYS A 124 -4.68 -7.39 -13.82
CA LYS A 124 -5.47 -8.37 -14.66
C LYS A 124 -4.57 -9.50 -15.12
N LYS A 125 -3.36 -9.58 -14.61
CA LYS A 125 -2.44 -10.67 -15.04
C LYS A 125 -2.97 -12.02 -14.54
N LEU A 126 -4.19 -12.38 -14.90
CA LEU A 126 -4.76 -13.68 -14.44
C LEU A 126 -4.40 -14.79 -15.43
N LEU A 127 -3.93 -15.90 -14.94
CA LEU A 127 -3.55 -17.06 -15.83
C LEU A 127 -4.82 -17.69 -16.37
N LEU A 128 -5.09 -17.55 -17.64
CA LEU A 128 -6.32 -18.16 -18.22
C LEU A 128 -5.96 -19.54 -18.80
N PRO A 129 -6.75 -20.56 -18.54
CA PRO A 129 -6.46 -21.94 -19.06
C PRO A 129 -6.72 -22.05 -20.56
N SER A 130 -6.00 -22.92 -21.23
CA SER A 130 -6.20 -23.10 -22.70
C SER A 130 -7.62 -23.65 -22.94
N SER A 131 -8.27 -23.21 -23.99
CA SER A 131 -9.64 -23.73 -24.27
C SER A 131 -9.77 -24.01 -25.77
N LYS A 132 -9.25 -25.12 -26.23
CA LYS A 132 -9.34 -25.47 -27.68
C LYS A 132 -10.73 -26.03 -28.00
N THR A 133 -11.14 -25.95 -29.25
CA THR A 133 -12.47 -26.47 -29.66
C THR A 133 -12.44 -28.01 -29.67
N VAL A 134 -13.59 -28.64 -29.64
CA VAL A 134 -13.63 -30.14 -29.64
C VAL A 134 -13.85 -30.65 -31.07
N SER A 135 -12.89 -31.33 -31.63
CA SER A 135 -13.04 -31.87 -33.01
C SER A 135 -14.06 -33.00 -33.04
N SER A 136 -14.10 -33.81 -32.02
CA SER A 136 -15.09 -34.94 -32.02
C SER A 136 -16.51 -34.38 -31.98
N GLY A 137 -17.49 -35.18 -32.35
CA GLY A 137 -18.90 -34.70 -32.32
C GLY A 137 -19.26 -34.10 -33.68
N THR A 138 -18.29 -33.92 -34.54
CA THR A 138 -18.59 -33.34 -35.88
C THR A 138 -19.05 -34.44 -36.84
N LYS A 139 -19.73 -34.08 -37.90
CA LYS A 139 -20.18 -35.10 -38.89
C LYS A 139 -20.62 -34.36 -40.15
N GLU A 140 -19.86 -34.47 -41.18
CA GLU A 140 -20.19 -33.79 -42.47
C GLU A 140 -20.67 -34.83 -43.50
N HIS A 141 -20.48 -36.08 -43.21
CA HIS A 141 -20.90 -37.16 -44.17
C HIS A 141 -22.41 -37.07 -44.43
N CYS A 142 -23.19 -36.79 -43.42
CA CYS A 142 -24.66 -36.70 -43.63
C CYS A 142 -24.95 -35.72 -44.78
N TYR A 143 -24.49 -34.51 -44.68
CA TYR A 143 -24.73 -33.52 -45.76
C TYR A 143 -23.64 -33.66 -46.84
N ASN A 144 -24.04 -33.81 -48.07
CA ASN A 144 -23.04 -33.97 -49.16
C ASN A 144 -21.96 -32.90 -49.01
N MET A 1 9.56 21.95 -3.04
CA MET A 1 8.74 21.68 -4.26
C MET A 1 8.23 20.25 -4.23
N ASP A 2 8.01 19.70 -3.06
CA ASP A 2 7.52 18.30 -2.97
C ASP A 2 6.00 18.28 -3.23
N ASP A 3 5.41 19.42 -3.40
CA ASP A 3 3.94 19.48 -3.65
C ASP A 3 3.62 18.85 -5.02
N SER A 4 4.62 18.66 -5.84
CA SER A 4 4.37 18.07 -7.18
C SER A 4 3.74 16.67 -7.00
N GLU A 5 2.44 16.60 -7.08
CA GLU A 5 1.73 15.30 -6.93
C GLU A 5 1.93 14.48 -8.19
N ASP A 6 2.04 13.18 -8.06
CA ASP A 6 2.28 12.31 -9.25
C ASP A 6 0.95 11.91 -9.92
N THR A 7 0.97 10.93 -10.79
CA THR A 7 -0.30 10.53 -11.50
C THR A 7 -0.52 9.02 -11.25
N SER A 8 -1.75 8.49 -11.17
CA SER A 8 -3.01 9.31 -11.12
C SER A 8 -4.10 8.36 -10.69
N TRP A 9 -4.65 8.66 -9.56
CA TRP A 9 -5.81 7.97 -9.04
C TRP A 9 -6.01 8.63 -7.69
N ASP A 10 -7.22 8.88 -7.31
CA ASP A 10 -7.44 9.53 -5.98
C ASP A 10 -7.70 8.47 -4.93
N PHE A 11 -6.81 8.29 -4.00
CA PHE A 11 -7.13 7.28 -2.94
C PHE A 11 -6.78 7.93 -1.58
N GLY A 12 -7.31 9.07 -1.21
CA GLY A 12 -6.91 9.62 0.13
C GLY A 12 -7.37 8.71 1.29
N PRO A 13 -8.58 8.22 1.20
CA PRO A 13 -9.15 7.34 2.24
C PRO A 13 -8.08 6.49 2.91
N GLN A 14 -7.53 5.53 2.21
CA GLN A 14 -6.51 4.67 2.83
C GLN A 14 -5.30 5.53 3.22
N ALA A 15 -4.99 6.59 2.53
CA ALA A 15 -3.78 7.36 2.94
C ALA A 15 -4.15 8.20 4.14
N PHE A 16 -5.34 8.76 4.16
CA PHE A 16 -5.72 9.59 5.32
C PHE A 16 -5.92 8.58 6.43
N LYS A 17 -6.60 7.52 6.14
CA LYS A 17 -6.82 6.49 7.18
C LYS A 17 -5.48 5.84 7.57
N LEU A 18 -4.54 5.63 6.67
CA LEU A 18 -3.25 5.04 7.14
C LEU A 18 -2.68 6.02 8.15
N LEU A 19 -2.71 7.29 7.84
CA LEU A 19 -2.17 8.27 8.80
C LEU A 19 -2.94 8.24 10.16
N SER A 20 -4.27 8.17 10.25
CA SER A 20 -4.82 8.18 11.67
C SER A 20 -4.52 6.84 12.40
N ALA A 21 -4.49 5.72 11.70
CA ALA A 21 -4.23 4.44 12.44
C ALA A 21 -2.82 4.42 13.06
N VAL A 22 -1.80 4.87 12.36
CA VAL A 22 -0.43 4.87 12.97
C VAL A 22 -0.49 5.73 14.24
N ASP A 23 -1.15 6.83 14.13
CA ASP A 23 -1.29 7.74 15.29
C ASP A 23 -1.99 7.00 16.42
N ILE A 24 -3.06 6.27 16.15
CA ILE A 24 -3.71 5.53 17.28
C ILE A 24 -2.67 4.53 17.84
N LEU A 25 -1.96 3.89 16.96
CA LEU A 25 -0.90 2.93 17.38
C LEU A 25 0.20 3.72 18.08
N GLY A 26 0.01 5.02 18.13
CA GLY A 26 1.01 5.92 18.79
C GLY A 26 2.32 5.91 18.01
N GLU A 27 2.24 5.59 16.73
CA GLU A 27 3.45 5.55 15.82
C GLU A 27 4.50 4.50 16.27
N LYS A 28 4.26 3.66 17.26
CA LYS A 28 5.32 2.66 17.63
C LYS A 28 5.25 1.49 16.65
N PHE A 29 4.58 1.68 15.56
CA PHE A 29 4.49 0.56 14.57
C PHE A 29 5.30 0.91 13.32
N GLY A 30 5.91 -0.10 12.76
CA GLY A 30 6.74 0.03 11.53
C GLY A 30 5.88 -0.31 10.29
N ILE A 31 6.50 -0.86 9.29
CA ILE A 31 5.76 -1.24 8.02
C ILE A 31 5.24 -2.70 8.05
N GLY A 32 6.04 -3.59 8.58
CA GLY A 32 5.70 -5.05 8.60
C GLY A 32 4.59 -5.40 9.61
N LEU A 33 4.67 -4.88 10.83
CA LEU A 33 3.64 -5.24 11.86
C LEU A 33 2.22 -4.78 11.42
N PRO A 34 2.02 -3.56 10.98
CA PRO A 34 0.67 -3.07 10.56
C PRO A 34 0.25 -3.49 9.13
N ILE A 35 1.14 -3.53 8.18
CA ILE A 35 0.69 -3.98 6.80
C ILE A 35 -0.07 -5.31 6.96
N LEU A 36 0.48 -6.23 7.73
CA LEU A 36 -0.24 -7.52 7.99
C LEU A 36 -1.60 -7.25 8.67
N PHE A 37 -1.65 -6.40 9.67
CA PHE A 37 -2.95 -6.09 10.35
C PHE A 37 -3.78 -5.21 9.42
N LEU A 38 -3.67 -4.30 8.53
CA LEU A 38 -4.81 -3.75 7.89
C LEU A 38 -5.56 -4.88 7.17
N ARG A 39 -4.90 -5.81 6.53
CA ARG A 39 -5.64 -6.91 5.80
C ARG A 39 -6.50 -7.83 6.74
N GLY A 40 -6.63 -7.52 8.00
CA GLY A 40 -7.50 -8.34 8.90
C GLY A 40 -6.87 -9.71 9.08
N SER A 41 -5.63 -9.73 9.46
CA SER A 41 -4.92 -11.06 9.65
C SER A 41 -5.53 -11.95 10.77
N ASN A 42 -5.29 -13.23 10.71
CA ASN A 42 -5.81 -14.18 11.76
C ASN A 42 -5.00 -13.86 13.02
N SER A 43 -5.62 -13.09 13.90
CA SER A 43 -4.97 -12.69 15.18
C SER A 43 -6.02 -12.18 16.18
N GLN A 44 -6.47 -13.03 17.06
CA GLN A 44 -7.51 -12.61 18.05
C GLN A 44 -6.90 -11.70 19.14
N ARG A 45 -5.71 -11.99 19.61
CA ARG A 45 -5.12 -11.16 20.71
C ARG A 45 -4.93 -9.69 20.28
N LEU A 46 -4.51 -9.47 19.07
CA LEU A 46 -4.29 -8.07 18.60
C LEU A 46 -5.63 -7.49 18.12
N ALA A 47 -6.65 -8.31 18.08
CA ALA A 47 -7.96 -7.79 17.64
C ALA A 47 -8.73 -7.30 18.86
N ASP A 48 -8.37 -7.71 20.06
CA ASP A 48 -9.11 -7.24 21.27
C ASP A 48 -8.44 -5.98 21.82
N GLN A 49 -7.15 -5.94 21.76
CA GLN A 49 -6.41 -4.74 22.25
C GLN A 49 -6.45 -3.62 21.20
N TYR A 50 -5.89 -3.85 20.04
CA TYR A 50 -5.88 -2.81 18.96
C TYR A 50 -7.24 -2.79 18.25
N ARG A 51 -8.27 -3.02 19.00
CA ARG A 51 -9.68 -3.05 18.49
C ARG A 51 -10.13 -1.70 17.92
N ARG A 52 -9.71 -0.58 18.46
CA ARG A 52 -10.22 0.68 17.86
C ARG A 52 -9.80 0.76 16.41
N HIS A 53 -8.71 0.14 16.08
CA HIS A 53 -8.20 0.17 14.68
C HIS A 53 -9.31 0.00 13.65
N SER A 54 -9.87 1.08 13.16
CA SER A 54 -10.96 0.97 12.14
C SER A 54 -10.45 0.28 10.85
N LEU A 55 -9.29 0.65 10.37
CA LEU A 55 -8.75 0.05 9.11
C LEU A 55 -8.53 -1.48 9.28
N PHE A 56 -8.69 -2.01 10.46
CA PHE A 56 -8.41 -3.44 10.53
C PHE A 56 -9.29 -4.20 9.53
N GLY A 57 -8.69 -4.89 8.62
CA GLY A 57 -9.36 -5.73 7.57
C GLY A 57 -10.03 -5.03 6.38
N THR A 58 -10.02 -3.73 6.19
CA THR A 58 -10.77 -3.30 4.95
C THR A 58 -9.70 -3.34 3.81
N GLY A 59 -8.45 -3.40 4.17
CA GLY A 59 -7.29 -3.49 3.21
C GLY A 59 -7.17 -4.90 2.75
N LYS A 60 -8.05 -5.64 3.26
CA LYS A 60 -8.15 -7.08 2.99
C LYS A 60 -8.44 -7.38 1.48
N ASP A 61 -9.22 -6.58 0.80
CA ASP A 61 -9.51 -6.82 -0.68
C ASP A 61 -8.25 -6.53 -1.50
N GLN A 62 -7.25 -5.98 -0.88
CA GLN A 62 -6.00 -5.59 -1.61
C GLN A 62 -4.84 -6.51 -1.31
N THR A 63 -4.07 -6.73 -2.30
CA THR A 63 -2.90 -7.59 -2.11
C THR A 63 -1.83 -6.84 -1.32
N GLU A 64 -0.87 -7.59 -0.86
CA GLU A 64 0.30 -7.09 -0.09
C GLU A 64 1.16 -6.03 -0.84
N SER A 65 1.49 -6.22 -2.10
CA SER A 65 2.32 -5.22 -2.79
C SER A 65 1.54 -3.93 -3.01
N TRP A 66 0.25 -3.94 -3.06
CA TRP A 66 -0.47 -2.65 -3.27
C TRP A 66 -0.23 -1.86 -2.00
N TRP A 67 -0.42 -2.48 -0.91
CA TRP A 67 -0.24 -1.76 0.35
C TRP A 67 1.25 -1.37 0.36
N LYS A 68 2.13 -2.32 0.03
CA LYS A 68 3.61 -1.99 -0.03
C LYS A 68 3.77 -0.77 -0.92
N ALA A 69 3.24 -0.89 -2.09
CA ALA A 69 3.30 0.19 -3.07
C ALA A 69 2.55 1.41 -2.56
N PHE A 70 1.44 1.23 -1.87
CA PHE A 70 0.67 2.41 -1.35
C PHE A 70 1.54 3.21 -0.38
N SER A 71 2.20 2.53 0.53
CA SER A 71 3.08 3.25 1.49
C SER A 71 4.14 4.06 0.73
N ARG A 72 4.64 3.49 -0.33
CA ARG A 72 5.67 4.21 -1.15
C ARG A 72 5.11 5.54 -1.67
N GLN A 73 3.89 5.54 -2.15
CA GLN A 73 3.28 6.80 -2.67
C GLN A 73 3.37 7.93 -1.62
N LEU A 74 3.09 7.63 -0.38
CA LEU A 74 3.14 8.67 0.71
C LEU A 74 4.55 9.24 0.93
N ILE A 75 5.55 8.43 0.84
CA ILE A 75 6.95 8.94 1.09
C ILE A 75 7.34 10.04 0.09
N THR A 76 7.07 9.84 -1.17
CA THR A 76 7.46 10.87 -2.19
C THR A 76 6.67 12.18 -2.00
N GLU A 77 5.39 12.10 -1.75
CA GLU A 77 4.59 13.36 -1.59
C GLU A 77 5.10 14.18 -0.39
N GLY A 78 5.69 13.57 0.59
CA GLY A 78 6.18 14.35 1.77
C GLY A 78 5.22 14.11 2.93
N PHE A 79 4.09 13.55 2.62
CA PHE A 79 3.04 13.24 3.63
C PHE A 79 3.66 12.36 4.73
N LEU A 80 4.56 11.47 4.36
CA LEU A 80 5.18 10.56 5.39
C LEU A 80 6.71 10.44 5.18
N VAL A 81 7.40 10.24 6.26
CA VAL A 81 8.88 10.07 6.24
C VAL A 81 9.18 8.78 7.00
N GLU A 82 10.12 7.97 6.58
CA GLU A 82 10.40 6.70 7.36
C GLU A 82 11.76 6.73 8.02
N VAL A 83 11.83 6.50 9.32
CA VAL A 83 13.16 6.52 9.97
C VAL A 83 13.71 5.10 9.97
N SER A 84 14.81 4.99 9.33
CA SER A 84 15.51 3.70 9.22
C SER A 84 16.41 3.52 10.42
N ARG A 85 16.64 4.54 11.20
CA ARG A 85 17.57 4.39 12.36
C ARG A 85 16.80 3.84 13.55
N TYR A 86 15.62 3.44 13.18
CA TYR A 86 14.53 2.94 14.08
C TYR A 86 13.73 1.77 13.46
N ASN A 87 13.93 0.61 14.06
CA ASN A 87 13.33 -0.70 13.63
C ASN A 87 13.89 -1.08 12.25
N LYS A 88 15.12 -1.50 12.16
CA LYS A 88 15.65 -1.98 10.84
C LYS A 88 14.80 -3.20 10.45
N PHE A 89 13.96 -3.59 11.38
CA PHE A 89 13.01 -4.75 11.22
C PHE A 89 11.90 -4.23 10.30
N MET A 90 11.36 -3.11 10.68
CA MET A 90 10.18 -2.51 10.00
C MET A 90 10.17 -0.98 9.90
N LYS A 91 11.37 -0.48 9.73
CA LYS A 91 11.63 0.97 9.53
C LYS A 91 10.60 1.85 10.21
N ILE A 92 10.74 2.33 11.45
CA ILE A 92 9.60 3.20 11.88
C ILE A 92 9.05 4.19 10.85
N CYS A 93 7.73 4.24 10.73
CA CYS A 93 7.14 5.26 9.85
C CYS A 93 6.94 6.44 10.81
N ALA A 94 7.27 7.64 10.44
CA ALA A 94 7.10 8.79 11.39
C ALA A 94 6.21 9.88 10.79
N LEU A 95 5.37 10.44 11.61
CA LEU A 95 4.45 11.53 11.15
C LEU A 95 5.23 12.85 11.17
N THR A 96 5.11 13.65 10.14
CA THR A 96 5.84 14.97 10.10
C THR A 96 4.84 16.12 10.03
N LYS A 97 5.32 17.34 10.15
CA LYS A 97 4.41 18.52 10.08
C LYS A 97 3.41 18.34 8.95
N LYS A 98 3.83 17.71 7.88
CA LYS A 98 2.91 17.50 6.72
C LYS A 98 1.67 16.72 7.17
N GLY A 99 1.87 15.64 7.87
CA GLY A 99 0.69 14.81 8.28
C GLY A 99 0.24 15.20 9.71
N ARG A 100 1.10 15.71 10.55
CA ARG A 100 0.66 16.10 11.93
C ARG A 100 -0.32 17.28 11.84
N ASN A 101 -0.02 18.22 10.97
CA ASN A 101 -0.93 19.37 10.81
C ASN A 101 -2.22 18.77 10.27
N TRP A 102 -2.10 17.84 9.35
CA TRP A 102 -3.34 17.20 8.86
C TRP A 102 -4.03 16.39 9.98
N LEU A 103 -3.23 15.72 10.79
CA LEU A 103 -3.75 14.86 11.90
C LEU A 103 -4.63 15.69 12.85
N HIS A 104 -4.19 16.86 13.21
CA HIS A 104 -4.99 17.71 14.15
C HIS A 104 -5.87 18.76 13.44
N LYS A 105 -5.75 18.96 12.14
CA LYS A 105 -6.59 20.03 11.48
C LYS A 105 -7.63 19.43 10.51
N ALA A 106 -7.26 18.54 9.64
CA ALA A 106 -8.31 18.00 8.66
C ALA A 106 -9.16 16.91 9.32
N ASN A 107 -8.98 16.74 10.58
CA ASN A 107 -9.73 15.69 11.32
C ASN A 107 -11.25 15.90 11.25
N THR A 108 -11.72 17.06 10.83
CA THR A 108 -13.21 17.25 10.75
C THR A 108 -13.77 16.39 9.60
N GLU A 109 -13.97 16.96 8.43
CA GLU A 109 -14.49 16.19 7.30
C GLU A 109 -13.75 16.62 6.03
N SER A 110 -12.49 16.30 5.90
CA SER A 110 -11.77 16.70 4.66
C SER A 110 -11.01 15.48 4.16
N GLN A 111 -11.36 15.00 2.99
CA GLN A 111 -10.69 13.78 2.42
C GLN A 111 -10.31 14.05 0.97
N SER A 112 -9.10 14.53 0.68
CA SER A 112 -8.77 14.73 -0.79
C SER A 112 -7.25 14.64 -0.99
N LEU A 113 -6.88 13.88 -1.96
CA LEU A 113 -5.46 13.64 -2.38
C LEU A 113 -5.64 13.04 -3.78
N ILE A 114 -5.20 13.66 -4.85
CA ILE A 114 -5.32 12.88 -6.12
C ILE A 114 -3.96 12.20 -5.91
N LEU A 115 -3.84 10.87 -5.98
CA LEU A 115 -2.48 10.28 -5.63
C LEU A 115 -1.55 9.84 -6.76
N GLN A 116 -0.42 9.44 -6.31
CA GLN A 116 0.60 8.90 -7.19
C GLN A 116 0.04 7.53 -7.51
N ALA A 117 -0.01 7.04 -8.72
CA ALA A 117 -0.54 5.64 -8.91
C ALA A 117 0.51 4.58 -8.50
N ASN A 118 0.10 3.42 -8.00
CA ASN A 118 1.10 2.38 -7.58
C ASN A 118 1.79 1.83 -8.82
N GLU A 119 3.00 1.43 -8.67
CA GLU A 119 3.74 0.87 -9.83
C GLU A 119 3.06 -0.40 -10.39
N GLU A 120 2.70 -1.36 -9.59
CA GLU A 120 2.06 -2.59 -10.21
C GLU A 120 0.57 -2.33 -10.39
N LEU A 121 0.16 -1.83 -11.53
CA LEU A 121 -1.33 -1.56 -11.71
C LEU A 121 -2.06 -2.73 -12.40
N CYS A 122 -1.38 -3.81 -12.68
CA CYS A 122 -2.09 -4.96 -13.32
C CYS A 122 -1.30 -6.25 -13.00
N PRO A 123 -1.56 -6.94 -11.91
CA PRO A 123 -0.79 -8.17 -11.55
C PRO A 123 -0.89 -9.28 -12.62
N LYS A 124 -1.43 -8.98 -13.78
CA LYS A 124 -1.57 -10.02 -14.85
C LYS A 124 -0.23 -10.24 -15.55
N LYS A 125 0.86 -9.87 -14.92
CA LYS A 125 2.20 -10.04 -15.57
C LYS A 125 2.53 -11.54 -15.64
N LEU A 126 1.62 -12.40 -15.29
CA LEU A 126 1.90 -13.87 -15.33
C LEU A 126 1.48 -14.43 -16.70
N LEU A 127 2.32 -14.29 -17.68
CA LEU A 127 2.01 -14.81 -19.05
C LEU A 127 2.57 -16.23 -19.18
N LEU A 128 1.75 -17.19 -19.49
CA LEU A 128 2.25 -18.59 -19.63
C LEU A 128 1.32 -19.36 -20.59
N PRO A 129 1.20 -18.94 -21.83
CA PRO A 129 0.33 -19.65 -22.82
C PRO A 129 0.90 -21.01 -23.25
N SER A 130 0.05 -21.94 -23.59
CA SER A 130 0.54 -23.28 -24.03
C SER A 130 1.07 -23.18 -25.46
N SER A 131 2.07 -23.93 -25.79
CA SER A 131 2.62 -23.87 -27.18
C SER A 131 1.73 -24.71 -28.10
N LYS A 132 1.45 -24.20 -29.29
CA LYS A 132 0.58 -24.95 -30.25
C LYS A 132 1.44 -25.53 -31.38
N THR A 133 1.20 -26.76 -31.75
CA THR A 133 1.98 -27.41 -32.84
C THR A 133 1.61 -26.77 -34.18
N VAL A 134 2.59 -26.50 -35.02
CA VAL A 134 2.29 -25.86 -36.34
C VAL A 134 1.72 -26.91 -37.31
N SER A 135 0.57 -26.64 -37.87
CA SER A 135 -0.04 -27.63 -38.82
C SER A 135 0.28 -27.24 -40.26
N SER A 136 0.36 -25.97 -40.56
CA SER A 136 0.67 -25.55 -41.96
C SER A 136 2.13 -25.89 -42.29
N GLY A 137 2.43 -26.05 -43.55
CA GLY A 137 3.83 -26.39 -43.95
C GLY A 137 4.13 -27.86 -43.61
N THR A 138 3.11 -28.64 -43.39
CA THR A 138 3.35 -30.08 -43.06
C THR A 138 3.41 -30.90 -44.35
N LYS A 139 4.27 -31.89 -44.41
CA LYS A 139 4.38 -32.74 -45.62
C LYS A 139 4.83 -34.12 -45.17
N GLU A 140 3.93 -35.06 -45.19
CA GLU A 140 4.26 -36.46 -44.76
C GLU A 140 4.32 -37.39 -45.99
N HIS A 141 4.25 -36.82 -47.16
CA HIS A 141 4.30 -37.64 -48.41
C HIS A 141 5.59 -38.45 -48.46
N CYS A 142 6.71 -37.85 -48.13
CA CYS A 142 7.99 -38.59 -48.18
C CYS A 142 7.94 -39.76 -47.19
N TYR A 143 7.55 -39.50 -45.97
CA TYR A 143 7.47 -40.59 -44.95
C TYR A 143 6.16 -41.37 -45.15
N ASN A 144 6.21 -42.67 -45.03
CA ASN A 144 4.98 -43.48 -45.21
C ASN A 144 4.20 -42.97 -46.43
N MET A 1 9.65 3.81 -17.38
CA MET A 1 8.97 5.11 -17.16
C MET A 1 7.84 4.94 -16.13
N ASP A 2 7.26 3.78 -16.07
CA ASP A 2 6.16 3.55 -15.08
C ASP A 2 6.77 3.28 -13.71
N ASP A 3 8.07 3.19 -13.63
CA ASP A 3 8.74 2.93 -12.32
C ASP A 3 8.40 4.04 -11.32
N SER A 4 8.43 5.27 -11.75
CA SER A 4 8.10 6.40 -10.84
C SER A 4 6.59 6.46 -10.65
N GLU A 5 6.14 6.23 -9.44
CA GLU A 5 4.67 6.27 -9.15
C GLU A 5 4.19 7.71 -9.20
N ASP A 6 3.60 8.10 -10.30
CA ASP A 6 3.13 9.52 -10.44
C ASP A 6 1.61 9.59 -10.62
N THR A 7 1.10 10.61 -11.27
CA THR A 7 -0.38 10.71 -11.51
C THR A 7 -0.91 9.29 -11.79
N SER A 8 -2.17 8.94 -11.51
CA SER A 8 -3.13 9.81 -10.74
C SER A 8 -4.26 8.90 -10.33
N TRP A 9 -4.70 9.10 -9.13
CA TRP A 9 -5.89 8.46 -8.61
C TRP A 9 -5.99 9.02 -7.20
N ASP A 10 -7.13 9.49 -6.82
CA ASP A 10 -7.24 10.09 -5.46
C ASP A 10 -7.79 9.06 -4.48
N PHE A 11 -7.07 8.72 -3.46
CA PHE A 11 -7.67 7.77 -2.48
C PHE A 11 -7.38 8.32 -1.07
N GLY A 12 -7.93 9.44 -0.65
CA GLY A 12 -7.60 9.88 0.76
C GLY A 12 -7.84 8.75 1.78
N PRO A 13 -8.99 8.15 1.72
CA PRO A 13 -9.37 7.05 2.64
C PRO A 13 -8.17 6.15 2.94
N GLN A 14 -7.44 5.73 1.94
CA GLN A 14 -6.28 4.86 2.21
C GLN A 14 -5.26 5.63 3.04
N ALA A 15 -5.03 6.90 2.80
CA ALA A 15 -4.02 7.59 3.66
C ALA A 15 -4.57 7.62 5.06
N PHE A 16 -5.86 7.75 5.22
CA PHE A 16 -6.41 7.76 6.59
C PHE A 16 -6.06 6.39 7.13
N LYS A 17 -6.27 5.39 6.35
CA LYS A 17 -5.95 4.02 6.83
C LYS A 17 -4.48 3.94 7.25
N LEU A 18 -3.52 4.42 6.47
CA LEU A 18 -2.11 4.29 6.94
C LEU A 18 -1.94 5.37 8.02
N LEU A 19 -2.21 6.60 7.69
CA LEU A 19 -2.03 7.67 8.69
C LEU A 19 -2.84 7.38 9.99
N SER A 20 -4.13 7.03 9.98
CA SER A 20 -4.75 6.84 11.36
C SER A 20 -4.15 5.59 12.06
N ALA A 21 -3.66 4.61 11.34
CA ALA A 21 -3.11 3.41 12.05
C ALA A 21 -1.80 3.75 12.79
N VAL A 22 -0.87 4.45 12.17
CA VAL A 22 0.40 4.79 12.89
C VAL A 22 0.03 5.64 14.10
N ASP A 23 -0.98 6.41 13.94
CA ASP A 23 -1.43 7.29 15.04
C ASP A 23 -1.86 6.43 16.23
N ILE A 24 -2.77 5.51 16.05
CA ILE A 24 -3.18 4.68 17.23
C ILE A 24 -1.95 3.91 17.72
N LEU A 25 -1.19 3.36 16.79
CA LEU A 25 0.05 2.62 17.14
C LEU A 25 1.07 3.63 17.63
N GLY A 26 0.68 4.89 17.65
CA GLY A 26 1.57 5.97 18.12
C GLY A 26 2.96 5.81 17.48
N GLU A 27 2.99 5.62 16.18
CA GLU A 27 4.27 5.44 15.41
C GLU A 27 5.25 4.44 16.07
N LYS A 28 4.91 3.77 17.15
CA LYS A 28 5.91 2.79 17.74
C LYS A 28 6.00 1.58 16.79
N PHE A 29 5.44 1.69 15.63
CA PHE A 29 5.54 0.55 14.69
C PHE A 29 5.88 1.07 13.29
N GLY A 30 6.63 0.27 12.58
CA GLY A 30 7.06 0.60 11.19
C GLY A 30 6.02 0.07 10.19
N ILE A 31 6.39 0.01 8.93
CA ILE A 31 5.44 -0.48 7.86
C ILE A 31 5.11 -1.98 8.01
N GLY A 32 6.02 -2.73 8.58
CA GLY A 32 5.84 -4.22 8.74
C GLY A 32 4.44 -4.62 9.25
N LEU A 33 4.10 -4.28 10.47
CA LEU A 33 2.77 -4.69 11.02
C LEU A 33 1.61 -4.03 10.24
N PRO A 34 1.60 -2.74 10.00
CA PRO A 34 0.50 -2.05 9.24
C PRO A 34 -0.01 -2.87 8.03
N ILE A 35 0.82 -3.30 7.13
CA ILE A 35 0.26 -4.12 5.98
C ILE A 35 -0.39 -5.39 6.58
N LEU A 36 0.28 -6.05 7.49
CA LEU A 36 -0.34 -7.25 8.16
C LEU A 36 -1.63 -6.86 8.90
N PHE A 37 -1.62 -5.76 9.64
CA PHE A 37 -2.86 -5.32 10.37
C PHE A 37 -3.75 -4.56 9.38
N LEU A 38 -3.69 -3.80 8.37
CA LEU A 38 -4.88 -3.30 7.76
C LEU A 38 -5.69 -4.49 7.21
N ARG A 39 -5.08 -5.51 6.65
CA ARG A 39 -5.87 -6.66 6.09
C ARG A 39 -6.59 -7.54 7.16
N GLY A 40 -6.40 -7.29 8.43
CA GLY A 40 -7.11 -8.08 9.49
C GLY A 40 -6.43 -9.41 9.64
N SER A 41 -5.26 -9.42 10.20
CA SER A 41 -4.51 -10.72 10.39
C SER A 41 -5.12 -11.63 11.50
N ASN A 42 -4.73 -12.88 11.51
CA ASN A 42 -5.23 -13.85 12.55
C ASN A 42 -4.51 -13.46 13.84
N SER A 43 -5.23 -12.79 14.71
CA SER A 43 -4.68 -12.34 16.02
C SER A 43 -5.80 -11.89 16.94
N GLN A 44 -6.24 -12.74 17.82
CA GLN A 44 -7.35 -12.37 18.75
C GLN A 44 -6.90 -11.34 19.79
N ARG A 45 -5.70 -11.45 20.31
CA ARG A 45 -5.25 -10.48 21.36
C ARG A 45 -5.16 -9.04 20.80
N LEU A 46 -4.65 -8.89 19.61
CA LEU A 46 -4.53 -7.52 19.02
C LEU A 46 -5.86 -7.15 18.35
N ALA A 47 -6.78 -8.07 18.30
CA ALA A 47 -8.07 -7.73 17.67
C ALA A 47 -9.00 -7.17 18.75
N ASP A 48 -9.17 -7.83 19.87
CA ASP A 48 -10.09 -7.29 20.93
C ASP A 48 -9.56 -5.94 21.40
N GLN A 49 -8.27 -5.84 21.55
CA GLN A 49 -7.66 -4.54 22.01
C GLN A 49 -7.97 -3.44 20.98
N TYR A 50 -7.80 -3.74 19.71
CA TYR A 50 -8.06 -2.71 18.64
C TYR A 50 -9.49 -2.87 18.12
N ARG A 51 -10.38 -3.22 19.00
CA ARG A 51 -11.83 -3.43 18.67
C ARG A 51 -12.48 -2.18 18.07
N ARG A 52 -12.38 -1.02 18.67
CA ARG A 52 -13.05 0.14 18.03
C ARG A 52 -12.35 0.45 16.71
N HIS A 53 -11.06 0.25 16.67
CA HIS A 53 -10.28 0.55 15.44
C HIS A 53 -10.98 0.09 14.17
N SER A 54 -11.62 0.99 13.45
CA SER A 54 -12.31 0.58 12.20
C SER A 54 -11.30 0.14 11.11
N LEU A 55 -10.22 0.87 10.95
CA LEU A 55 -9.22 0.53 9.87
C LEU A 55 -8.89 -0.99 9.89
N PHE A 56 -9.06 -1.66 10.99
CA PHE A 56 -8.68 -3.06 10.93
C PHE A 56 -9.47 -3.77 9.83
N GLY A 57 -8.80 -4.52 9.01
CA GLY A 57 -9.40 -5.36 7.91
C GLY A 57 -10.04 -4.65 6.69
N THR A 58 -9.83 -3.39 6.40
CA THR A 58 -10.59 -2.94 5.18
C THR A 58 -9.60 -3.10 4.00
N GLY A 59 -8.35 -3.31 4.30
CA GLY A 59 -7.24 -3.51 3.30
C GLY A 59 -7.29 -4.93 2.85
N LYS A 60 -8.22 -5.57 3.39
CA LYS A 60 -8.48 -7.00 3.15
C LYS A 60 -8.76 -7.30 1.64
N ASP A 61 -9.53 -6.48 0.95
CA ASP A 61 -9.84 -6.73 -0.51
C ASP A 61 -8.59 -6.41 -1.35
N GLN A 62 -7.62 -5.77 -0.76
CA GLN A 62 -6.38 -5.35 -1.50
C GLN A 62 -5.25 -6.31 -1.30
N THR A 63 -4.54 -6.55 -2.35
CA THR A 63 -3.39 -7.43 -2.25
C THR A 63 -2.26 -6.74 -1.50
N GLU A 64 -1.26 -7.52 -1.19
CA GLU A 64 -0.03 -7.06 -0.48
C GLU A 64 0.77 -5.97 -1.23
N SER A 65 1.05 -6.11 -2.50
CA SER A 65 1.85 -5.09 -3.20
C SER A 65 1.06 -3.78 -3.33
N TRP A 66 -0.23 -3.81 -3.34
CA TRP A 66 -0.96 -2.50 -3.46
C TRP A 66 -0.64 -1.74 -2.20
N TRP A 67 -0.71 -2.41 -1.12
CA TRP A 67 -0.46 -1.72 0.14
C TRP A 67 1.04 -1.35 0.09
N LYS A 68 1.89 -2.31 -0.27
CA LYS A 68 3.37 -2.01 -0.39
C LYS A 68 3.51 -0.76 -1.26
N ALA A 69 2.87 -0.82 -2.37
CA ALA A 69 2.93 0.26 -3.34
C ALA A 69 2.33 1.53 -2.75
N PHE A 70 1.24 1.44 -2.04
CA PHE A 70 0.61 2.68 -1.44
C PHE A 70 1.59 3.33 -0.46
N SER A 71 2.22 2.54 0.39
CA SER A 71 3.17 3.14 1.36
C SER A 71 4.24 3.93 0.60
N ARG A 72 4.70 3.38 -0.50
CA ARG A 72 5.75 4.09 -1.31
C ARG A 72 5.21 5.43 -1.83
N GLN A 73 3.99 5.46 -2.30
CA GLN A 73 3.42 6.72 -2.83
C GLN A 73 3.52 7.87 -1.78
N LEU A 74 3.19 7.58 -0.55
CA LEU A 74 3.22 8.63 0.52
C LEU A 74 4.64 9.15 0.81
N ILE A 75 5.63 8.30 0.79
CA ILE A 75 7.02 8.75 1.10
C ILE A 75 7.52 9.80 0.09
N THR A 76 7.35 9.56 -1.17
CA THR A 76 7.85 10.53 -2.20
C THR A 76 7.08 11.86 -2.14
N GLU A 77 5.79 11.83 -1.98
CA GLU A 77 5.02 13.11 -1.96
C GLU A 77 5.47 14.02 -0.80
N GLY A 78 6.02 13.47 0.25
CA GLY A 78 6.48 14.35 1.38
C GLY A 78 5.51 14.17 2.55
N PHE A 79 4.38 13.59 2.26
CA PHE A 79 3.34 13.31 3.29
C PHE A 79 3.95 12.46 4.41
N LEU A 80 4.86 11.57 4.08
CA LEU A 80 5.47 10.68 5.13
C LEU A 80 7.00 10.59 4.95
N VAL A 81 7.68 10.45 6.06
CA VAL A 81 9.17 10.33 6.07
C VAL A 81 9.49 9.08 6.88
N GLU A 82 10.46 8.28 6.52
CA GLU A 82 10.74 7.05 7.33
C GLU A 82 12.12 7.10 7.98
N VAL A 83 12.23 6.72 9.23
CA VAL A 83 13.57 6.76 9.87
C VAL A 83 14.08 5.34 9.99
N SER A 84 15.21 5.14 9.41
CA SER A 84 15.87 3.83 9.41
C SER A 84 16.70 3.70 10.66
N ARG A 85 16.96 4.77 11.38
CA ARG A 85 17.85 4.66 12.56
C ARG A 85 17.02 4.19 13.77
N TYR A 86 15.83 3.82 13.37
CA TYR A 86 14.70 3.40 14.25
C TYR A 86 13.85 2.27 13.64
N ASN A 87 13.91 1.14 14.31
CA ASN A 87 13.23 -0.14 13.93
C ASN A 87 13.90 -0.71 12.67
N LYS A 88 15.03 -1.36 12.78
CA LYS A 88 15.64 -2.00 11.58
C LYS A 88 14.70 -3.14 11.16
N PHE A 89 13.67 -3.30 11.96
CA PHE A 89 12.61 -4.34 11.75
C PHE A 89 11.81 -3.86 10.53
N MET A 90 11.64 -2.58 10.47
CA MET A 90 10.81 -1.92 9.42
C MET A 90 10.72 -0.40 9.50
N LYS A 91 11.90 0.18 9.49
CA LYS A 91 12.10 1.65 9.50
C LYS A 91 10.96 2.40 10.16
N ILE A 92 10.98 2.76 11.44
CA ILE A 92 9.73 3.49 11.86
C ILE A 92 9.12 4.45 10.84
N CYS A 93 7.80 4.37 10.69
CA CYS A 93 7.13 5.34 9.80
C CYS A 93 7.03 6.58 10.69
N ALA A 94 7.39 7.75 10.23
CA ALA A 94 7.32 8.96 11.10
C ALA A 94 6.46 10.05 10.48
N LEU A 95 5.65 10.68 11.29
CA LEU A 95 4.75 11.76 10.79
C LEU A 95 5.53 13.08 10.82
N THR A 96 5.41 13.89 9.79
CA THR A 96 6.14 15.20 9.75
C THR A 96 5.18 16.36 10.05
N LYS A 97 5.66 17.57 9.95
CA LYS A 97 4.79 18.76 10.22
C LYS A 97 3.59 18.72 9.26
N LYS A 98 3.84 18.51 7.99
CA LYS A 98 2.73 18.47 7.00
C LYS A 98 1.81 17.29 7.30
N GLY A 99 2.35 16.13 7.51
CA GLY A 99 1.48 14.94 7.75
C GLY A 99 0.86 15.00 9.16
N ARG A 100 1.56 15.49 10.16
CA ARG A 100 0.96 15.56 11.54
C ARG A 100 -0.20 16.58 11.54
N ASN A 101 0.04 17.70 10.89
CA ASN A 101 -1.04 18.72 10.81
C ASN A 101 -2.14 18.07 10.00
N TRP A 102 -1.77 17.36 8.96
CA TRP A 102 -2.81 16.64 8.20
C TRP A 102 -3.58 15.65 9.09
N LEU A 103 -2.83 14.84 9.81
CA LEU A 103 -3.43 13.80 10.71
C LEU A 103 -4.28 14.45 11.81
N HIS A 104 -3.79 15.50 12.42
CA HIS A 104 -4.57 16.16 13.51
C HIS A 104 -5.57 17.22 12.99
N LYS A 105 -5.50 17.67 11.74
CA LYS A 105 -6.46 18.73 11.28
C LYS A 105 -7.53 18.19 10.33
N ALA A 106 -7.18 17.29 9.43
CA ALA A 106 -8.26 16.82 8.45
C ALA A 106 -9.13 15.72 9.09
N ASN A 107 -8.74 15.30 10.22
CA ASN A 107 -9.49 14.21 10.93
C ASN A 107 -11.00 14.49 10.97
N THR A 108 -11.42 15.74 11.04
CA THR A 108 -12.90 15.99 11.06
C THR A 108 -13.56 15.35 9.81
N GLU A 109 -13.73 16.09 8.74
CA GLU A 109 -14.32 15.52 7.53
C GLU A 109 -13.59 16.10 6.31
N SER A 110 -12.35 15.72 6.10
CA SER A 110 -11.61 16.27 4.91
C SER A 110 -10.91 15.09 4.23
N GLN A 111 -11.24 14.82 3.00
CA GLN A 111 -10.60 13.69 2.26
C GLN A 111 -9.95 14.22 0.99
N SER A 112 -8.66 14.54 0.97
CA SER A 112 -8.08 15.04 -0.33
C SER A 112 -6.61 14.62 -0.44
N LEU A 113 -6.30 14.05 -1.56
CA LEU A 113 -4.94 13.58 -1.94
C LEU A 113 -5.14 13.12 -3.38
N ILE A 114 -4.71 13.82 -4.40
CA ILE A 114 -4.88 13.16 -5.73
C ILE A 114 -3.52 12.45 -5.62
N LEU A 115 -3.43 11.13 -5.76
CA LEU A 115 -2.07 10.49 -5.49
C LEU A 115 -1.21 10.11 -6.69
N GLN A 116 -0.12 9.52 -6.32
CA GLN A 116 0.81 8.98 -7.28
C GLN A 116 0.19 7.67 -7.66
N ALA A 117 -0.03 7.30 -8.90
CA ALA A 117 -0.61 5.93 -9.16
C ALA A 117 0.34 4.81 -8.66
N ASN A 118 -0.16 3.75 -8.07
CA ASN A 118 0.74 2.68 -7.55
C ASN A 118 1.62 2.17 -8.69
N GLU A 119 2.79 1.74 -8.37
CA GLU A 119 3.72 1.26 -9.42
C GLU A 119 3.16 0.03 -10.17
N GLU A 120 2.67 -0.99 -9.49
CA GLU A 120 2.17 -2.18 -10.28
C GLU A 120 0.69 -1.97 -10.59
N LEU A 121 0.37 -1.36 -11.71
CA LEU A 121 -1.10 -1.15 -12.02
C LEU A 121 -1.67 -2.28 -12.88
N CYS A 122 -0.87 -2.96 -13.66
CA CYS A 122 -1.42 -4.09 -14.47
C CYS A 122 -0.25 -5.05 -14.80
N PRO A 123 0.12 -5.98 -13.93
CA PRO A 123 1.25 -6.92 -14.22
C PRO A 123 1.01 -7.79 -15.46
N LYS A 124 0.00 -7.51 -16.24
CA LYS A 124 -0.28 -8.34 -17.46
C LYS A 124 0.49 -7.79 -18.67
N LYS A 125 1.68 -7.28 -18.45
CA LYS A 125 2.46 -6.73 -19.59
C LYS A 125 3.02 -7.88 -20.44
N LEU A 126 2.44 -9.06 -20.34
CA LEU A 126 2.95 -10.21 -21.15
C LEU A 126 2.41 -10.12 -22.57
N LEU A 127 3.18 -9.58 -23.47
CA LEU A 127 2.74 -9.46 -24.91
C LEU A 127 2.91 -10.81 -25.59
N LEU A 128 2.07 -11.13 -26.53
CA LEU A 128 2.20 -12.44 -27.23
C LEU A 128 1.79 -12.26 -28.71
N PRO A 129 2.68 -11.83 -29.57
CA PRO A 129 2.36 -11.63 -31.01
C PRO A 129 1.88 -12.92 -31.69
N SER A 130 0.92 -12.82 -32.58
CA SER A 130 0.42 -14.03 -33.29
C SER A 130 1.40 -14.40 -34.40
N SER A 131 1.59 -15.67 -34.64
CA SER A 131 2.54 -16.08 -35.72
C SER A 131 1.81 -16.08 -37.06
N LYS A 132 2.16 -15.18 -37.95
CA LYS A 132 1.49 -15.11 -39.28
C LYS A 132 2.34 -15.82 -40.34
N THR A 133 1.71 -16.53 -41.25
CA THR A 133 2.46 -17.24 -42.32
C THR A 133 2.72 -16.28 -43.48
N VAL A 134 3.59 -16.65 -44.38
CA VAL A 134 3.91 -15.76 -45.55
C VAL A 134 3.58 -16.48 -46.86
N SER A 135 2.86 -15.83 -47.74
CA SER A 135 2.50 -16.48 -49.05
C SER A 135 3.55 -16.14 -50.11
N SER A 136 4.46 -15.24 -49.82
CA SER A 136 5.49 -14.87 -50.84
C SER A 136 6.40 -16.07 -51.10
N GLY A 137 7.02 -16.11 -52.24
CA GLY A 137 7.95 -17.23 -52.56
C GLY A 137 7.14 -18.42 -53.12
N THR A 138 5.91 -18.19 -53.48
CA THR A 138 5.07 -19.30 -54.05
C THR A 138 5.65 -19.73 -55.40
N LYS A 139 5.77 -21.01 -55.62
CA LYS A 139 6.29 -21.50 -56.92
C LYS A 139 5.89 -22.98 -57.06
N GLU A 140 4.97 -23.25 -57.92
CA GLU A 140 4.50 -24.65 -58.14
C GLU A 140 4.82 -25.11 -59.57
N HIS A 141 5.04 -24.17 -60.45
CA HIS A 141 5.34 -24.52 -61.87
C HIS A 141 6.60 -25.38 -61.95
N CYS A 142 7.64 -25.00 -61.25
CA CYS A 142 8.90 -25.81 -61.30
C CYS A 142 8.67 -27.14 -60.57
N TYR A 143 8.51 -27.09 -59.28
CA TYR A 143 8.28 -28.36 -58.51
C TYR A 143 6.82 -28.76 -58.63
N ASN A 144 6.55 -30.00 -58.92
CA ASN A 144 5.15 -30.46 -59.05
C ASN A 144 4.49 -30.49 -57.67
N MET A 1 2.57 23.96 -0.30
CA MET A 1 3.70 23.65 -1.20
C MET A 1 3.96 22.14 -1.20
N ASP A 2 3.76 21.50 -0.08
CA ASP A 2 3.99 20.02 -0.02
C ASP A 2 2.73 19.28 -0.45
N ASP A 3 1.71 20.02 -0.81
CA ASP A 3 0.43 19.37 -1.24
C ASP A 3 0.53 18.95 -2.71
N SER A 4 1.69 19.04 -3.30
CA SER A 4 1.86 18.66 -4.73
C SER A 4 1.23 17.27 -4.94
N GLU A 5 0.22 17.20 -5.75
CA GLU A 5 -0.46 15.89 -6.02
C GLU A 5 0.21 15.23 -7.23
N ASP A 6 0.36 13.94 -7.19
CA ASP A 6 1.01 13.22 -8.32
C ASP A 6 -0.01 12.65 -9.31
N THR A 7 0.35 11.66 -10.10
CA THR A 7 -0.62 11.07 -11.07
C THR A 7 -0.75 9.56 -10.79
N SER A 8 -1.92 8.92 -10.83
CA SER A 8 -3.24 9.62 -11.02
C SER A 8 -4.29 8.61 -10.61
N TRP A 9 -4.87 8.86 -9.49
CA TRP A 9 -6.01 8.11 -9.01
C TRP A 9 -6.22 8.68 -7.62
N ASP A 10 -7.42 9.02 -7.26
CA ASP A 10 -7.64 9.62 -5.93
C ASP A 10 -7.74 8.53 -4.87
N PHE A 11 -6.78 8.40 -4.01
CA PHE A 11 -6.95 7.37 -2.94
C PHE A 11 -6.52 8.02 -1.62
N GLY A 12 -6.93 9.23 -1.29
CA GLY A 12 -6.46 9.78 0.04
C GLY A 12 -6.86 8.86 1.20
N PRO A 13 -8.08 8.40 1.19
CA PRO A 13 -8.62 7.51 2.25
C PRO A 13 -7.52 6.60 2.81
N GLN A 14 -7.10 5.62 2.08
CA GLN A 14 -6.06 4.71 2.61
C GLN A 14 -4.84 5.54 3.02
N ALA A 15 -4.61 6.70 2.45
CA ALA A 15 -3.38 7.44 2.87
C ALA A 15 -3.72 8.19 4.14
N PHE A 16 -4.87 8.81 4.21
CA PHE A 16 -5.22 9.54 5.44
C PHE A 16 -5.45 8.46 6.47
N LYS A 17 -6.11 7.42 6.09
CA LYS A 17 -6.35 6.32 7.05
C LYS A 17 -5.00 5.76 7.54
N LEU A 18 -3.94 5.73 6.75
CA LEU A 18 -2.67 5.20 7.30
C LEU A 18 -2.30 6.12 8.46
N LEU A 19 -2.52 7.40 8.31
CA LEU A 19 -2.20 8.32 9.40
C LEU A 19 -2.95 7.95 10.72
N SER A 20 -4.27 7.79 10.78
CA SER A 20 -4.81 7.46 12.18
C SER A 20 -4.37 6.04 12.62
N ALA A 21 -3.97 5.17 11.72
CA ALA A 21 -3.59 3.80 12.18
C ALA A 21 -2.25 3.81 12.94
N VAL A 22 -1.23 4.49 12.45
CA VAL A 22 0.07 4.50 13.19
C VAL A 22 -0.16 5.24 14.51
N ASP A 23 -1.04 6.17 14.48
CA ASP A 23 -1.36 6.95 15.69
C ASP A 23 -1.80 6.00 16.81
N ILE A 24 -2.69 5.06 16.52
CA ILE A 24 -3.08 4.13 17.62
C ILE A 24 -1.81 3.40 18.11
N LEU A 25 -0.99 3.01 17.17
CA LEU A 25 0.31 2.34 17.51
C LEU A 25 1.27 3.40 18.00
N GLY A 26 0.81 4.64 17.98
CA GLY A 26 1.66 5.79 18.43
C GLY A 26 2.94 5.84 17.59
N GLU A 27 2.85 5.41 16.34
CA GLU A 27 4.02 5.42 15.40
C GLU A 27 5.24 4.62 15.92
N LYS A 28 5.15 3.94 17.05
CA LYS A 28 6.37 3.15 17.50
C LYS A 28 6.53 1.92 16.60
N PHE A 29 5.88 1.93 15.49
CA PHE A 29 6.03 0.76 14.58
C PHE A 29 6.25 1.23 13.15
N GLY A 30 6.98 0.44 12.41
CA GLY A 30 7.32 0.73 11.00
C GLY A 30 6.31 0.02 10.07
N ILE A 31 6.60 -0.01 8.79
CA ILE A 31 5.69 -0.67 7.79
C ILE A 31 5.26 -2.10 8.21
N GLY A 32 6.16 -2.80 8.87
CA GLY A 32 5.91 -4.22 9.29
C GLY A 32 4.44 -4.50 9.67
N LEU A 33 4.04 -4.21 10.89
CA LEU A 33 2.64 -4.53 11.31
C LEU A 33 1.60 -3.83 10.40
N PRO A 34 1.72 -2.56 10.10
CA PRO A 34 0.74 -1.84 9.22
C PRO A 34 0.22 -2.68 8.04
N ILE A 35 1.06 -3.25 7.21
CA ILE A 35 0.50 -4.10 6.09
C ILE A 35 -0.25 -5.29 6.71
N LEU A 36 0.33 -5.92 7.71
CA LEU A 36 -0.36 -7.06 8.40
C LEU A 36 -1.68 -6.57 9.06
N PHE A 37 -1.65 -5.43 9.72
CA PHE A 37 -2.91 -4.91 10.37
C PHE A 37 -3.71 -4.14 9.32
N LEU A 38 -3.56 -3.39 8.30
CA LEU A 38 -4.69 -2.87 7.61
C LEU A 38 -5.51 -4.03 7.03
N ARG A 39 -4.92 -5.10 6.57
CA ARG A 39 -5.72 -6.24 6.00
C ARG A 39 -6.53 -7.05 7.05
N GLY A 40 -6.43 -6.75 8.32
CA GLY A 40 -7.23 -7.48 9.35
C GLY A 40 -6.76 -8.91 9.42
N SER A 41 -5.56 -9.10 9.90
CA SER A 41 -5.01 -10.51 10.00
C SER A 41 -5.78 -11.41 11.01
N ASN A 42 -5.56 -12.70 10.93
CA ASN A 42 -6.23 -13.67 11.87
C ASN A 42 -5.45 -13.55 13.18
N SER A 43 -6.03 -12.85 14.12
CA SER A 43 -5.41 -12.63 15.47
C SER A 43 -6.44 -12.17 16.48
N GLN A 44 -6.97 -13.06 17.27
CA GLN A 44 -8.00 -12.67 18.27
C GLN A 44 -7.41 -11.77 19.37
N ARG A 45 -6.20 -12.01 19.80
CA ARG A 45 -5.62 -11.18 20.90
C ARG A 45 -5.49 -9.70 20.48
N LEU A 46 -5.07 -9.45 19.28
CA LEU A 46 -4.90 -8.02 18.83
C LEU A 46 -6.23 -7.54 18.23
N ALA A 47 -7.18 -8.42 18.09
CA ALA A 47 -8.48 -7.98 17.53
C ALA A 47 -9.38 -7.57 18.68
N ASP A 48 -9.12 -7.99 19.90
CA ASP A 48 -10.00 -7.56 21.05
C ASP A 48 -9.42 -6.30 21.69
N GLN A 49 -8.13 -6.24 21.77
CA GLN A 49 -7.47 -5.04 22.38
C GLN A 49 -7.63 -3.83 21.44
N TYR A 50 -7.29 -4.00 20.19
CA TYR A 50 -7.40 -2.88 19.19
C TYR A 50 -8.76 -2.94 18.49
N ARG A 51 -9.73 -3.44 19.18
CA ARG A 51 -11.12 -3.61 18.66
C ARG A 51 -11.75 -2.27 18.26
N ARG A 52 -11.55 -1.20 18.98
CA ARG A 52 -12.22 0.06 18.53
C ARG A 52 -11.68 0.45 17.17
N HIS A 53 -10.44 0.17 16.93
CA HIS A 53 -9.80 0.55 15.64
C HIS A 53 -10.72 0.28 14.44
N SER A 54 -11.45 1.26 13.99
CA SER A 54 -12.34 1.06 12.82
C SER A 54 -11.54 0.69 11.56
N LEU A 55 -10.42 1.34 11.31
CA LEU A 55 -9.60 1.05 10.09
C LEU A 55 -9.16 -0.43 10.07
N PHE A 56 -9.28 -1.15 11.15
CA PHE A 56 -8.79 -2.52 11.06
C PHE A 56 -9.52 -3.25 9.92
N GLY A 57 -8.77 -3.91 9.09
CA GLY A 57 -9.28 -4.74 7.93
C GLY A 57 -9.86 -4.03 6.70
N THR A 58 -9.62 -2.77 6.38
CA THR A 58 -10.33 -2.31 5.15
C THR A 58 -9.33 -2.56 3.99
N GLY A 59 -8.08 -2.77 4.31
CA GLY A 59 -6.98 -3.07 3.33
C GLY A 59 -7.08 -4.51 2.93
N LYS A 60 -8.03 -5.09 3.51
CA LYS A 60 -8.32 -6.52 3.33
C LYS A 60 -8.71 -6.85 1.85
N ASP A 61 -9.42 -6.01 1.16
CA ASP A 61 -9.81 -6.29 -0.28
C ASP A 61 -8.58 -6.10 -1.19
N GLN A 62 -7.51 -5.59 -0.64
CA GLN A 62 -6.28 -5.31 -1.44
C GLN A 62 -5.22 -6.34 -1.26
N THR A 63 -4.50 -6.58 -2.30
CA THR A 63 -3.42 -7.55 -2.21
C THR A 63 -2.25 -6.96 -1.42
N GLU A 64 -1.33 -7.81 -1.11
CA GLU A 64 -0.07 -7.47 -0.38
C GLU A 64 0.84 -6.44 -1.10
N SER A 65 1.09 -6.55 -2.38
CA SER A 65 1.96 -5.59 -3.05
C SER A 65 1.24 -4.26 -3.28
N TRP A 66 -0.04 -4.23 -3.32
CA TRP A 66 -0.71 -2.91 -3.53
C TRP A 66 -0.33 -2.07 -2.34
N TRP A 67 -0.43 -2.64 -1.20
CA TRP A 67 -0.12 -1.86 -0.01
C TRP A 67 1.39 -1.55 -0.15
N LYS A 68 2.18 -2.54 -0.48
CA LYS A 68 3.67 -2.29 -0.69
C LYS A 68 3.80 -1.07 -1.58
N ALA A 69 3.23 -1.17 -2.73
CA ALA A 69 3.28 -0.10 -3.71
C ALA A 69 2.61 1.16 -3.16
N PHE A 70 1.54 1.02 -2.41
CA PHE A 70 0.86 2.25 -1.84
C PHE A 70 1.82 3.00 -0.92
N SER A 71 2.53 2.28 -0.08
CA SER A 71 3.49 2.98 0.83
C SER A 71 4.48 3.79 0.01
N ARG A 72 4.93 3.23 -1.08
CA ARG A 72 5.93 3.94 -1.94
C ARG A 72 5.36 5.29 -2.41
N GLN A 73 4.12 5.32 -2.83
CA GLN A 73 3.49 6.60 -3.30
C GLN A 73 3.62 7.70 -2.22
N LEU A 74 3.36 7.37 -0.98
CA LEU A 74 3.42 8.40 0.12
C LEU A 74 4.82 8.97 0.34
N ILE A 75 5.83 8.16 0.19
CA ILE A 75 7.23 8.66 0.42
C ILE A 75 7.62 9.77 -0.57
N THR A 76 7.32 9.59 -1.83
CA THR A 76 7.70 10.61 -2.85
C THR A 76 6.88 11.91 -2.69
N GLU A 77 5.61 11.81 -2.45
CA GLU A 77 4.79 13.06 -2.31
C GLU A 77 5.26 13.90 -1.11
N GLY A 78 5.99 13.34 -0.18
CA GLY A 78 6.45 14.14 1.00
C GLY A 78 5.49 13.88 2.16
N PHE A 79 4.42 13.22 1.87
CA PHE A 79 3.40 12.86 2.89
C PHE A 79 4.03 11.92 3.93
N LEU A 80 4.97 11.10 3.50
CA LEU A 80 5.61 10.14 4.46
C LEU A 80 7.15 10.16 4.32
N VAL A 81 7.81 9.95 5.43
CA VAL A 81 9.30 9.91 5.48
C VAL A 81 9.68 8.69 6.30
N GLU A 82 10.81 8.07 6.09
CA GLU A 82 11.16 6.85 6.91
C GLU A 82 12.50 7.01 7.59
N VAL A 83 12.62 6.56 8.83
CA VAL A 83 13.94 6.68 9.50
C VAL A 83 14.46 5.28 9.79
N SER A 84 15.66 5.09 9.40
CA SER A 84 16.35 3.81 9.58
C SER A 84 17.00 3.78 10.94
N ARG A 85 17.07 4.89 11.63
CA ARG A 85 17.79 4.89 12.93
C ARG A 85 16.82 4.47 14.05
N TYR A 86 15.70 4.05 13.54
CA TYR A 86 14.49 3.65 14.28
C TYR A 86 13.76 2.44 13.67
N ASN A 87 13.77 1.36 14.44
CA ASN A 87 13.20 0.03 14.08
C ASN A 87 14.28 -0.82 13.40
N LYS A 88 15.05 -1.58 14.13
CA LYS A 88 16.03 -2.50 13.47
C LYS A 88 15.21 -3.54 12.70
N PHE A 89 13.91 -3.44 12.89
CA PHE A 89 12.91 -4.33 12.21
C PHE A 89 12.83 -3.84 10.77
N MET A 90 12.08 -2.80 10.60
CA MET A 90 11.79 -2.22 9.26
C MET A 90 11.51 -0.73 9.21
N LYS A 91 12.62 0.00 9.18
CA LYS A 91 12.63 1.48 9.06
C LYS A 91 11.40 2.13 9.65
N ILE A 92 11.34 2.56 10.92
CA ILE A 92 10.02 3.18 11.26
C ILE A 92 9.38 4.07 10.19
N CYS A 93 8.05 4.09 10.18
CA CYS A 93 7.37 5.00 9.24
C CYS A 93 7.18 6.26 10.11
N ALA A 94 7.52 7.42 9.62
CA ALA A 94 7.37 8.65 10.47
C ALA A 94 6.57 9.73 9.76
N LEU A 95 5.57 10.25 10.41
CA LEU A 95 4.71 11.31 9.81
C LEU A 95 5.41 12.66 10.01
N THR A 96 5.23 13.59 9.10
CA THR A 96 5.88 14.94 9.22
C THR A 96 4.84 15.97 9.68
N LYS A 97 5.30 17.15 10.02
CA LYS A 97 4.36 18.22 10.47
C LYS A 97 3.15 18.26 9.53
N LYS A 98 3.30 17.74 8.36
CA LYS A 98 2.17 17.75 7.37
C LYS A 98 1.02 16.87 7.90
N GLY A 99 1.34 15.80 8.56
CA GLY A 99 0.25 14.90 9.05
C GLY A 99 -0.28 15.37 10.42
N ARG A 100 0.48 16.09 11.19
CA ARG A 100 -0.05 16.58 12.53
C ARG A 100 -1.26 17.49 12.30
N ASN A 101 -1.16 18.33 11.28
CA ASN A 101 -2.30 19.23 10.98
C ASN A 101 -3.43 18.31 10.58
N TRP A 102 -3.13 17.30 9.81
CA TRP A 102 -4.19 16.34 9.44
C TRP A 102 -4.76 15.64 10.70
N LEU A 103 -3.87 15.12 11.52
CA LEU A 103 -4.26 14.38 12.77
C LEU A 103 -5.02 15.30 13.72
N HIS A 104 -4.56 16.51 13.91
CA HIS A 104 -5.27 17.45 14.85
C HIS A 104 -6.34 18.31 14.17
N LYS A 105 -6.48 18.29 12.84
CA LYS A 105 -7.53 19.17 12.20
C LYS A 105 -8.35 18.43 11.14
N ALA A 106 -7.75 17.59 10.35
CA ALA A 106 -8.60 16.89 9.27
C ALA A 106 -9.35 15.69 9.86
N ASN A 107 -9.35 15.59 11.13
CA ASN A 107 -10.02 14.45 11.82
C ASN A 107 -11.54 14.47 11.57
N THR A 108 -12.12 15.56 11.13
CA THR A 108 -13.60 15.56 10.89
C THR A 108 -13.92 14.75 9.61
N GLU A 109 -14.03 15.39 8.47
CA GLU A 109 -14.32 14.68 7.24
C GLU A 109 -13.54 15.34 6.08
N SER A 110 -12.25 15.13 6.03
CA SER A 110 -11.48 15.76 4.92
C SER A 110 -10.59 14.68 4.29
N GLN A 111 -10.79 14.41 3.03
CA GLN A 111 -10.00 13.34 2.34
C GLN A 111 -9.67 13.81 0.92
N SER A 112 -8.51 14.43 0.65
CA SER A 112 -8.26 14.83 -0.78
C SER A 112 -6.74 14.76 -1.06
N LEU A 113 -6.42 13.92 -2.00
CA LEU A 113 -5.03 13.70 -2.50
C LEU A 113 -5.27 13.09 -3.88
N ILE A 114 -4.91 13.70 -4.98
CA ILE A 114 -5.09 12.91 -6.24
C ILE A 114 -3.72 12.24 -6.09
N LEU A 115 -3.61 10.92 -6.17
CA LEU A 115 -2.23 10.32 -5.87
C LEU A 115 -1.36 9.89 -7.03
N GLN A 116 -0.20 9.51 -6.65
CA GLN A 116 0.77 8.96 -7.58
C GLN A 116 0.20 7.61 -7.90
N ALA A 117 0.06 7.15 -9.12
CA ALA A 117 -0.50 5.76 -9.32
C ALA A 117 0.52 4.68 -8.85
N ASN A 118 0.07 3.60 -8.23
CA ASN A 118 1.03 2.55 -7.75
C ASN A 118 1.69 1.90 -8.96
N GLU A 119 2.96 1.67 -8.87
CA GLU A 119 3.69 1.05 -10.00
C GLU A 119 3.18 -0.37 -10.31
N GLU A 120 2.97 -1.24 -9.33
CA GLU A 120 2.52 -2.62 -9.69
C GLU A 120 0.99 -2.64 -9.74
N LEU A 121 0.39 -2.16 -10.80
CA LEU A 121 -1.12 -2.19 -10.84
C LEU A 121 -1.68 -3.57 -11.22
N CYS A 122 -0.90 -4.40 -11.87
CA CYS A 122 -1.40 -5.77 -12.23
C CYS A 122 -0.19 -6.70 -12.41
N PRO A 123 0.23 -7.44 -11.41
CA PRO A 123 1.42 -8.35 -11.55
C PRO A 123 1.30 -9.35 -12.72
N LYS A 124 0.30 -9.21 -13.55
CA LYS A 124 0.14 -10.15 -14.71
C LYS A 124 1.18 -9.88 -15.79
N LYS A 125 2.34 -9.40 -15.41
CA LYS A 125 3.39 -9.10 -16.43
C LYS A 125 4.00 -10.41 -16.95
N LEU A 126 3.38 -11.53 -16.67
CA LEU A 126 3.93 -12.83 -17.15
C LEU A 126 3.69 -12.97 -18.66
N LEU A 127 4.58 -13.63 -19.35
CA LEU A 127 4.44 -13.82 -20.82
C LEU A 127 3.51 -15.01 -21.08
N LEU A 128 2.54 -14.85 -21.94
CA LEU A 128 1.62 -15.99 -22.23
C LEU A 128 1.00 -15.78 -23.63
N PRO A 129 1.80 -15.72 -24.67
CA PRO A 129 1.27 -15.52 -26.06
C PRO A 129 0.46 -16.71 -26.56
N SER A 130 -0.67 -16.47 -27.17
CA SER A 130 -1.51 -17.58 -27.70
C SER A 130 -1.37 -17.64 -29.22
N SER A 131 -0.90 -18.73 -29.75
CA SER A 131 -0.76 -18.83 -31.24
C SER A 131 -2.15 -18.99 -31.86
N LYS A 132 -2.41 -18.26 -32.93
CA LYS A 132 -3.75 -18.34 -33.60
C LYS A 132 -3.82 -19.59 -34.47
N THR A 133 -4.95 -20.25 -34.48
CA THR A 133 -5.11 -21.49 -35.32
C THR A 133 -5.98 -21.16 -36.54
N VAL A 134 -5.46 -21.39 -37.72
CA VAL A 134 -6.25 -21.09 -38.96
C VAL A 134 -6.81 -22.39 -39.54
N SER A 135 -8.11 -22.48 -39.67
CA SER A 135 -8.72 -23.73 -40.24
C SER A 135 -8.84 -23.61 -41.76
N SER A 136 -8.57 -22.45 -42.31
CA SER A 136 -8.68 -22.29 -43.79
C SER A 136 -7.51 -23.00 -44.48
N GLY A 137 -7.60 -23.19 -45.76
CA GLY A 137 -6.50 -23.87 -46.50
C GLY A 137 -6.63 -25.38 -46.33
N THR A 138 -7.70 -25.96 -46.81
CA THR A 138 -7.88 -27.43 -46.69
C THR A 138 -7.03 -28.15 -47.74
N LYS A 139 -6.85 -29.44 -47.61
CA LYS A 139 -6.06 -30.20 -48.61
C LYS A 139 -6.27 -31.69 -48.33
N GLU A 140 -7.01 -32.34 -49.18
CA GLU A 140 -7.29 -33.81 -49.00
C GLU A 140 -6.25 -34.64 -49.77
N HIS A 141 -5.44 -33.99 -50.56
CA HIS A 141 -4.41 -34.72 -51.35
C HIS A 141 -3.40 -35.39 -50.41
N CYS A 142 -2.93 -34.68 -49.42
CA CYS A 142 -1.94 -35.27 -48.49
C CYS A 142 -2.62 -36.36 -47.64
N TYR A 143 -3.86 -36.13 -47.27
CA TYR A 143 -4.58 -37.13 -46.44
C TYR A 143 -5.08 -38.28 -47.35
N ASN A 144 -5.00 -39.49 -46.88
CA ASN A 144 -5.46 -40.64 -47.71
C ASN A 144 -4.99 -40.45 -49.15
N MET A 1 2.42 22.21 2.61
CA MET A 1 2.73 22.00 1.17
C MET A 1 2.00 20.77 0.64
N ASP A 2 0.71 20.68 0.89
CA ASP A 2 -0.05 19.50 0.41
C ASP A 2 -0.35 19.66 -1.08
N ASP A 3 -0.01 20.77 -1.65
CA ASP A 3 -0.28 21.01 -3.10
C ASP A 3 0.65 20.13 -3.95
N SER A 4 1.74 19.66 -3.39
CA SER A 4 2.67 18.81 -4.17
C SER A 4 2.01 17.45 -4.43
N GLU A 5 0.78 17.48 -4.87
CA GLU A 5 0.04 16.21 -5.18
C GLU A 5 0.67 15.56 -6.41
N ASP A 6 0.67 14.26 -6.46
CA ASP A 6 1.29 13.55 -7.62
C ASP A 6 0.23 13.09 -8.63
N THR A 7 0.53 12.12 -9.47
CA THR A 7 -0.48 11.64 -10.46
C THR A 7 -0.68 10.13 -10.26
N SER A 8 -1.89 9.57 -10.34
CA SER A 8 -3.17 10.34 -10.46
C SER A 8 -4.29 9.37 -10.10
N TRP A 9 -4.83 9.58 -8.96
CA TRP A 9 -6.00 8.87 -8.49
C TRP A 9 -6.13 9.34 -7.06
N ASP A 10 -7.30 9.72 -6.65
CA ASP A 10 -7.44 10.22 -5.26
C ASP A 10 -7.62 9.05 -4.29
N PHE A 11 -6.66 8.78 -3.47
CA PHE A 11 -6.91 7.67 -2.49
C PHE A 11 -6.41 8.17 -1.12
N GLY A 12 -6.67 9.39 -0.69
CA GLY A 12 -6.15 9.77 0.67
C GLY A 12 -6.63 8.79 1.76
N PRO A 13 -7.89 8.45 1.73
CA PRO A 13 -8.49 7.51 2.71
C PRO A 13 -7.48 6.48 3.19
N GLN A 14 -7.18 5.49 2.38
CA GLN A 14 -6.21 4.47 2.84
C GLN A 14 -4.93 5.15 3.31
N ALA A 15 -4.55 6.28 2.77
CA ALA A 15 -3.27 6.86 3.24
C ALA A 15 -3.53 7.57 4.54
N PHE A 16 -4.57 8.37 4.61
CA PHE A 16 -4.85 9.06 5.87
C PHE A 16 -5.19 7.96 6.85
N LYS A 17 -6.00 7.05 6.43
CA LYS A 17 -6.35 5.92 7.32
C LYS A 17 -5.08 5.14 7.69
N LEU A 18 -4.16 4.88 6.78
CA LEU A 18 -2.94 4.14 7.22
C LEU A 18 -2.27 5.03 8.26
N LEU A 19 -2.23 6.31 8.03
CA LEU A 19 -1.61 7.21 9.02
C LEU A 19 -2.35 7.16 10.39
N SER A 20 -3.68 7.18 10.50
CA SER A 20 -4.22 7.14 11.93
C SER A 20 -3.87 5.80 12.61
N ALA A 21 -3.60 4.74 11.88
CA ALA A 21 -3.28 3.45 12.58
C ALA A 21 -1.92 3.52 13.29
N VAL A 22 -0.89 4.01 12.66
CA VAL A 22 0.44 4.08 13.37
C VAL A 22 0.25 5.00 14.58
N ASP A 23 -0.47 6.04 14.39
CA ASP A 23 -0.74 6.99 15.49
C ASP A 23 -1.51 6.27 16.59
N ILE A 24 -2.54 5.52 16.26
CA ILE A 24 -3.27 4.82 17.37
C ILE A 24 -2.26 3.89 18.07
N LEU A 25 -1.25 3.48 17.35
CA LEU A 25 -0.18 2.60 17.92
C LEU A 25 0.85 3.53 18.56
N GLY A 26 0.63 4.81 18.46
CA GLY A 26 1.57 5.82 19.03
C GLY A 26 2.83 5.91 18.18
N GLU A 27 2.71 5.52 16.92
CA GLU A 27 3.86 5.55 15.94
C GLU A 27 5.06 4.68 16.39
N LYS A 28 4.95 3.84 17.41
CA LYS A 28 6.16 2.99 17.76
C LYS A 28 6.21 1.79 16.82
N PHE A 29 5.62 1.92 15.67
CA PHE A 29 5.67 0.77 14.73
C PHE A 29 5.87 1.29 13.31
N GLY A 30 6.51 0.47 12.51
CA GLY A 30 6.82 0.80 11.09
C GLY A 30 5.77 0.13 10.18
N ILE A 31 6.08 0.00 8.91
CA ILE A 31 5.13 -0.63 7.92
C ILE A 31 4.78 -2.10 8.27
N GLY A 32 5.71 -2.78 8.88
CA GLY A 32 5.51 -4.23 9.24
C GLY A 32 4.08 -4.58 9.66
N LEU A 33 3.67 -4.20 10.84
CA LEU A 33 2.29 -4.57 11.32
C LEU A 33 1.20 -3.92 10.44
N PRO A 34 1.25 -2.62 10.16
CA PRO A 34 0.23 -1.94 9.31
C PRO A 34 -0.25 -2.79 8.11
N ILE A 35 0.61 -3.29 7.27
CA ILE A 35 0.08 -4.14 6.13
C ILE A 35 -0.61 -5.38 6.74
N LEU A 36 0.01 -6.01 7.70
CA LEU A 36 -0.63 -7.18 8.38
C LEU A 36 -1.95 -6.75 9.08
N PHE A 37 -1.95 -5.63 9.78
CA PHE A 37 -3.21 -5.16 10.45
C PHE A 37 -4.02 -4.38 9.42
N LEU A 38 -3.91 -3.63 8.40
CA LEU A 38 -5.04 -3.09 7.74
C LEU A 38 -5.89 -4.24 7.17
N ARG A 39 -5.32 -5.30 6.65
CA ARG A 39 -6.14 -6.41 6.08
C ARG A 39 -6.86 -7.29 7.14
N GLY A 40 -6.65 -7.07 8.41
CA GLY A 40 -7.35 -7.88 9.47
C GLY A 40 -6.73 -9.26 9.53
N SER A 41 -5.44 -9.31 9.73
CA SER A 41 -4.75 -10.64 9.80
C SER A 41 -5.15 -11.49 11.05
N ASN A 42 -4.83 -12.76 11.02
CA ASN A 42 -5.15 -13.68 12.18
C ASN A 42 -4.24 -13.20 13.32
N SER A 43 -4.87 -12.59 14.30
CA SER A 43 -4.15 -12.05 15.50
C SER A 43 -5.12 -11.82 16.66
N GLN A 44 -5.21 -12.75 17.56
CA GLN A 44 -6.15 -12.59 18.71
C GLN A 44 -5.68 -11.49 19.68
N ARG A 45 -4.39 -11.39 19.92
CA ARG A 45 -3.90 -10.35 20.89
C ARG A 45 -4.16 -8.93 20.37
N LEU A 46 -3.94 -8.68 19.11
CA LEU A 46 -4.16 -7.30 18.58
C LEU A 46 -5.62 -7.17 18.13
N ALA A 47 -6.35 -8.26 18.14
CA ALA A 47 -7.77 -8.15 17.74
C ALA A 47 -8.62 -7.87 18.98
N ASP A 48 -8.12 -8.12 20.17
CA ASP A 48 -8.95 -7.84 21.40
C ASP A 48 -8.62 -6.43 21.91
N GLN A 49 -7.36 -6.09 21.89
CA GLN A 49 -6.96 -4.72 22.36
C GLN A 49 -7.43 -3.68 21.35
N TYR A 50 -7.07 -3.83 20.10
CA TYR A 50 -7.48 -2.84 19.05
C TYR A 50 -8.80 -3.28 18.40
N ARG A 51 -9.65 -3.85 19.20
CA ARG A 51 -10.98 -4.37 18.75
C ARG A 51 -11.90 -3.25 18.27
N ARG A 52 -11.94 -2.10 18.87
CA ARG A 52 -12.88 -1.08 18.36
C ARG A 52 -12.31 -0.45 17.11
N HIS A 53 -11.02 -0.61 16.91
CA HIS A 53 -10.35 0.00 15.73
C HIS A 53 -11.16 -0.19 14.43
N SER A 54 -11.76 0.85 13.94
CA SER A 54 -12.56 0.73 12.67
C SER A 54 -11.65 0.33 11.49
N LEU A 55 -10.49 0.92 11.37
CA LEU A 55 -9.58 0.62 10.21
C LEU A 55 -9.23 -0.89 10.17
N PHE A 56 -9.41 -1.61 11.24
CA PHE A 56 -9.02 -3.00 11.13
C PHE A 56 -9.78 -3.68 9.97
N GLY A 57 -9.07 -4.32 9.11
CA GLY A 57 -9.63 -5.10 7.93
C GLY A 57 -10.24 -4.30 6.76
N THR A 58 -9.93 -3.07 6.47
CA THR A 58 -10.69 -2.52 5.29
C THR A 58 -9.75 -2.76 4.07
N GLY A 59 -8.49 -2.98 4.32
CA GLY A 59 -7.45 -3.25 3.26
C GLY A 59 -7.57 -4.66 2.83
N LYS A 60 -8.49 -5.27 3.46
CA LYS A 60 -8.80 -6.69 3.25
C LYS A 60 -9.13 -7.01 1.75
N ASP A 61 -9.89 -6.18 1.07
CA ASP A 61 -10.23 -6.44 -0.39
C ASP A 61 -8.97 -6.27 -1.26
N GLN A 62 -7.99 -5.58 -0.75
CA GLN A 62 -6.75 -5.28 -1.55
C GLN A 62 -5.67 -6.30 -1.32
N THR A 63 -4.96 -6.57 -2.36
CA THR A 63 -3.87 -7.53 -2.26
C THR A 63 -2.69 -6.88 -1.53
N GLU A 64 -1.74 -7.71 -1.21
CA GLU A 64 -0.48 -7.32 -0.52
C GLU A 64 0.39 -6.31 -1.31
N SER A 65 0.64 -6.48 -2.59
CA SER A 65 1.48 -5.54 -3.32
C SER A 65 0.77 -4.19 -3.48
N TRP A 66 -0.50 -4.13 -3.52
CA TRP A 66 -1.15 -2.79 -3.66
C TRP A 66 -0.75 -2.01 -2.43
N TRP A 67 -0.88 -2.63 -1.33
CA TRP A 67 -0.57 -1.91 -0.10
C TRP A 67 0.95 -1.60 -0.22
N LYS A 68 1.74 -2.58 -0.61
CA LYS A 68 3.23 -2.33 -0.80
C LYS A 68 3.38 -1.04 -1.60
N ALA A 69 3.02 -1.14 -2.83
CA ALA A 69 3.14 -0.01 -3.74
C ALA A 69 2.44 1.22 -3.15
N PHE A 70 1.34 1.04 -2.48
CA PHE A 70 0.62 2.23 -1.88
C PHE A 70 1.53 2.93 -0.87
N SER A 71 2.16 2.17 -0.01
CA SER A 71 3.06 2.80 0.99
C SER A 71 4.14 3.62 0.28
N ARG A 72 4.65 3.09 -0.81
CA ARG A 72 5.70 3.80 -1.57
C ARG A 72 5.18 5.17 -2.05
N GLN A 73 3.97 5.23 -2.50
CA GLN A 73 3.40 6.53 -2.99
C GLN A 73 3.54 7.63 -1.91
N LEU A 74 3.25 7.31 -0.67
CA LEU A 74 3.34 8.34 0.43
C LEU A 74 4.76 8.86 0.65
N ILE A 75 5.74 8.02 0.58
CA ILE A 75 7.15 8.48 0.83
C ILE A 75 7.61 9.54 -0.18
N THR A 76 7.36 9.32 -1.44
CA THR A 76 7.79 10.32 -2.48
C THR A 76 7.03 11.64 -2.35
N GLU A 77 5.74 11.60 -2.13
CA GLU A 77 4.97 12.87 -2.06
C GLU A 77 5.52 13.79 -0.95
N GLY A 78 6.14 13.25 0.07
CA GLY A 78 6.68 14.13 1.16
C GLY A 78 5.76 13.99 2.37
N PHE A 79 4.56 13.54 2.13
CA PHE A 79 3.55 13.33 3.20
C PHE A 79 4.12 12.37 4.25
N LEU A 80 5.04 11.51 3.86
CA LEU A 80 5.61 10.54 4.83
C LEU A 80 7.16 10.54 4.78
N VAL A 81 7.76 10.49 5.93
CA VAL A 81 9.25 10.49 6.06
C VAL A 81 9.62 9.20 6.80
N GLU A 82 10.60 8.45 6.39
CA GLU A 82 10.92 7.19 7.14
C GLU A 82 12.30 7.26 7.79
N VAL A 83 12.44 6.77 9.01
CA VAL A 83 13.78 6.82 9.65
C VAL A 83 14.24 5.39 9.88
N SER A 84 15.43 5.17 9.46
CA SER A 84 16.07 3.85 9.60
C SER A 84 16.70 3.75 10.97
N ARG A 85 16.84 4.83 11.68
CA ARG A 85 17.53 4.75 13.00
C ARG A 85 16.54 4.32 14.08
N TYR A 86 15.41 3.95 13.52
CA TYR A 86 14.16 3.57 14.23
C TYR A 86 13.44 2.37 13.58
N ASN A 87 13.40 1.30 14.34
CA ASN A 87 12.81 -0.03 13.94
C ASN A 87 13.91 -0.89 13.29
N LYS A 88 14.60 -1.70 14.05
CA LYS A 88 15.60 -2.63 13.42
C LYS A 88 14.79 -3.61 12.56
N PHE A 89 13.48 -3.48 12.66
CA PHE A 89 12.49 -4.31 11.91
C PHE A 89 12.52 -3.78 10.48
N MET A 90 11.88 -2.66 10.31
CA MET A 90 11.71 -2.03 8.97
C MET A 90 11.35 -0.55 8.97
N LYS A 91 12.41 0.24 8.94
CA LYS A 91 12.34 1.72 8.86
C LYS A 91 11.09 2.28 9.49
N ILE A 92 11.02 2.64 10.78
CA ILE A 92 9.67 3.18 11.15
C ILE A 92 9.02 4.15 10.17
N CYS A 93 7.70 4.21 10.19
CA CYS A 93 7.01 5.20 9.35
C CYS A 93 6.87 6.40 10.32
N ALA A 94 7.25 7.58 9.93
CA ALA A 94 7.16 8.73 10.88
C ALA A 94 6.26 9.84 10.34
N LEU A 95 5.39 10.33 11.18
CA LEU A 95 4.46 11.43 10.75
C LEU A 95 5.23 12.76 10.76
N THR A 96 5.07 13.57 9.75
CA THR A 96 5.79 14.88 9.69
C THR A 96 4.86 16.02 10.12
N LYS A 97 5.39 17.21 10.26
CA LYS A 97 4.55 18.36 10.69
C LYS A 97 3.43 18.58 9.67
N LYS A 98 3.72 18.42 8.41
CA LYS A 98 2.68 18.62 7.36
C LYS A 98 1.55 17.59 7.54
N GLY A 99 1.89 16.37 7.77
CA GLY A 99 0.83 15.32 7.89
C GLY A 99 0.22 15.33 9.31
N ARG A 100 0.96 15.64 10.33
CA ARG A 100 0.37 15.65 11.72
C ARG A 100 -0.73 16.71 11.79
N ASN A 101 -0.50 17.83 11.13
CA ASN A 101 -1.54 18.90 11.13
C ASN A 101 -2.74 18.28 10.44
N TRP A 102 -2.49 17.54 9.38
CA TRP A 102 -3.63 16.88 8.72
C TRP A 102 -4.37 15.92 9.69
N LEU A 103 -3.59 15.21 10.49
CA LEU A 103 -4.14 14.21 11.45
C LEU A 103 -5.06 14.90 12.48
N HIS A 104 -4.68 16.05 12.96
CA HIS A 104 -5.52 16.75 13.98
C HIS A 104 -6.30 17.96 13.44
N LYS A 105 -6.39 18.16 12.13
CA LYS A 105 -7.14 19.36 11.62
C LYS A 105 -8.07 19.03 10.44
N ALA A 106 -7.58 18.40 9.40
CA ALA A 106 -8.54 18.12 8.23
C ALA A 106 -9.34 16.84 8.48
N ASN A 107 -9.54 16.53 9.70
CA ASN A 107 -10.28 15.30 10.07
C ASN A 107 -11.75 15.36 9.61
N THR A 108 -12.24 16.49 9.15
CA THR A 108 -13.66 16.52 8.69
C THR A 108 -13.80 15.79 7.34
N GLU A 109 -13.41 16.40 6.25
CA GLU A 109 -13.50 15.74 4.95
C GLU A 109 -12.29 14.81 4.78
N SER A 110 -12.47 13.53 4.86
CA SER A 110 -11.31 12.61 4.73
C SER A 110 -11.10 12.34 3.25
N GLN A 111 -10.45 13.24 2.56
CA GLN A 111 -10.20 13.07 1.09
C GLN A 111 -9.37 14.24 0.58
N SER A 112 -8.05 14.22 0.65
CA SER A 112 -7.30 15.41 0.10
C SER A 112 -5.83 15.00 -0.19
N LEU A 113 -5.66 14.45 -1.35
CA LEU A 113 -4.33 14.00 -1.88
C LEU A 113 -4.71 13.46 -3.26
N ILE A 114 -4.39 14.08 -4.37
CA ILE A 114 -4.68 13.33 -5.62
C ILE A 114 -3.36 12.56 -5.55
N LEU A 115 -3.35 11.23 -5.69
CA LEU A 115 -2.01 10.52 -5.43
C LEU A 115 -1.19 10.09 -6.63
N GLN A 116 -0.03 9.66 -6.27
CA GLN A 116 0.90 9.10 -7.23
C GLN A 116 0.22 7.82 -7.64
N ALA A 117 0.01 7.48 -8.89
CA ALA A 117 -0.66 6.16 -9.18
C ALA A 117 0.28 4.97 -8.84
N ASN A 118 -0.22 3.88 -8.28
CA ASN A 118 0.67 2.73 -7.93
C ASN A 118 1.16 2.08 -9.23
N GLU A 119 2.44 1.95 -9.36
CA GLU A 119 3.00 1.34 -10.59
C GLU A 119 2.56 -0.12 -10.75
N GLU A 120 2.60 -0.94 -9.72
CA GLU A 120 2.18 -2.38 -9.96
C GLU A 120 0.65 -2.45 -9.96
N LEU A 121 0.02 -2.23 -11.08
CA LEU A 121 -1.49 -2.31 -11.07
C LEU A 121 -2.01 -3.70 -11.52
N CYS A 122 -1.18 -4.52 -12.09
CA CYS A 122 -1.66 -5.88 -12.49
C CYS A 122 -0.43 -6.82 -12.54
N PRO A 123 0.27 -7.07 -11.45
CA PRO A 123 1.47 -7.96 -11.48
C PRO A 123 1.12 -9.45 -11.64
N LYS A 124 0.52 -10.07 -10.65
CA LYS A 124 0.17 -11.53 -10.75
C LYS A 124 -1.29 -11.69 -11.20
N LYS A 125 -1.94 -10.62 -11.56
CA LYS A 125 -3.36 -10.73 -12.00
C LYS A 125 -3.42 -11.37 -13.40
N LEU A 126 -2.29 -11.71 -13.96
CA LEU A 126 -2.30 -12.35 -15.32
C LEU A 126 -2.91 -13.76 -15.23
N LEU A 127 -4.03 -13.96 -15.87
CA LEU A 127 -4.70 -15.30 -15.85
C LEU A 127 -3.92 -16.25 -16.75
N LEU A 128 -3.81 -17.49 -16.36
CA LEU A 128 -3.05 -18.46 -17.21
C LEU A 128 -4.03 -19.20 -18.13
N PRO A 129 -3.91 -19.05 -19.44
CA PRO A 129 -4.85 -19.72 -20.40
C PRO A 129 -4.51 -21.20 -20.60
N SER A 130 -5.49 -22.05 -20.53
CA SER A 130 -5.24 -23.52 -20.73
C SER A 130 -5.10 -23.79 -22.23
N SER A 131 -4.36 -24.81 -22.59
CA SER A 131 -4.19 -25.12 -24.04
C SER A 131 -5.30 -26.07 -24.48
N LYS A 132 -5.96 -25.77 -25.57
CA LYS A 132 -7.07 -26.65 -26.07
C LYS A 132 -6.54 -27.55 -27.20
N THR A 133 -7.05 -28.77 -27.28
CA THR A 133 -6.61 -29.70 -28.36
C THR A 133 -7.15 -29.23 -29.70
N VAL A 134 -6.38 -29.38 -30.75
CA VAL A 134 -6.84 -28.93 -32.11
C VAL A 134 -7.32 -30.14 -32.92
N SER A 135 -8.49 -30.05 -33.50
CA SER A 135 -9.02 -31.20 -34.31
C SER A 135 -8.11 -31.46 -35.51
N SER A 136 -7.61 -30.43 -36.14
CA SER A 136 -6.71 -30.65 -37.32
C SER A 136 -5.41 -31.30 -36.86
N GLY A 137 -4.76 -32.02 -37.74
CA GLY A 137 -3.47 -32.68 -37.38
C GLY A 137 -3.77 -34.00 -36.65
N THR A 138 -4.96 -34.53 -36.82
CA THR A 138 -5.29 -35.82 -36.15
C THR A 138 -4.45 -36.96 -36.76
N LYS A 139 -4.03 -37.89 -35.94
CA LYS A 139 -3.23 -39.03 -36.46
C LYS A 139 -3.38 -40.19 -35.48
N GLU A 140 -4.11 -41.20 -35.88
CA GLU A 140 -4.33 -42.39 -35.00
C GLU A 140 -3.16 -43.37 -35.14
N HIS A 141 -2.25 -43.09 -36.03
CA HIS A 141 -1.09 -43.99 -36.25
C HIS A 141 -0.25 -44.09 -34.97
N CYS A 142 0.10 -42.98 -34.38
CA CYS A 142 0.91 -43.02 -33.14
C CYS A 142 0.09 -43.67 -32.01
N TYR A 143 -1.17 -43.36 -31.93
CA TYR A 143 -2.02 -43.96 -30.86
C TYR A 143 -2.30 -45.43 -31.21
N ASN A 144 -2.39 -46.28 -30.22
CA ASN A 144 -2.64 -47.72 -30.49
C ASN A 144 -1.75 -48.18 -31.64
N MET A 1 9.23 20.97 -6.23
CA MET A 1 8.70 19.98 -7.20
C MET A 1 7.37 19.42 -6.69
N ASP A 2 6.93 19.88 -5.55
CA ASP A 2 5.63 19.38 -5.00
C ASP A 2 4.49 20.26 -5.48
N ASP A 3 4.78 21.23 -6.31
CA ASP A 3 3.71 22.14 -6.82
C ASP A 3 2.67 21.33 -7.59
N SER A 4 3.09 20.41 -8.41
CA SER A 4 2.11 19.59 -9.18
C SER A 4 1.92 18.25 -8.46
N GLU A 5 0.74 17.99 -7.99
CA GLU A 5 0.44 16.70 -7.29
C GLU A 5 0.78 15.54 -8.22
N ASP A 6 1.24 14.45 -7.67
CA ASP A 6 1.62 13.28 -8.52
C ASP A 6 0.43 12.78 -9.34
N THR A 7 0.62 11.77 -10.17
CA THR A 7 -0.50 11.25 -11.01
C THR A 7 -0.68 9.74 -10.70
N SER A 8 -1.90 9.17 -10.67
CA SER A 8 -3.19 9.94 -10.78
C SER A 8 -4.27 8.98 -10.34
N TRP A 9 -4.79 9.26 -9.19
CA TRP A 9 -5.95 8.56 -8.66
C TRP A 9 -6.06 9.14 -7.27
N ASP A 10 -7.22 9.55 -6.87
CA ASP A 10 -7.37 10.14 -5.52
C ASP A 10 -7.91 9.11 -4.55
N PHE A 11 -7.21 8.82 -3.49
CA PHE A 11 -7.80 7.84 -2.54
C PHE A 11 -7.60 8.43 -1.12
N GLY A 12 -8.21 9.53 -0.75
CA GLY A 12 -7.96 10.01 0.66
C GLY A 12 -8.14 8.89 1.69
N PRO A 13 -9.26 8.21 1.62
CA PRO A 13 -9.57 7.10 2.54
C PRO A 13 -8.33 6.28 2.88
N GLN A 14 -7.59 5.84 1.90
CA GLN A 14 -6.38 5.05 2.20
C GLN A 14 -5.46 5.86 3.10
N ALA A 15 -5.28 7.13 2.88
CA ALA A 15 -4.35 7.86 3.79
C ALA A 15 -4.99 7.88 5.17
N PHE A 16 -6.29 8.00 5.25
CA PHE A 16 -6.93 7.99 6.57
C PHE A 16 -6.58 6.62 7.13
N LYS A 17 -6.73 5.61 6.34
CA LYS A 17 -6.41 4.26 6.85
C LYS A 17 -4.93 4.18 7.27
N LEU A 18 -3.98 4.66 6.50
CA LEU A 18 -2.57 4.55 6.97
C LEU A 18 -2.43 5.59 8.07
N LEU A 19 -2.83 6.80 7.81
CA LEU A 19 -2.67 7.84 8.84
C LEU A 19 -3.49 7.51 10.13
N SER A 20 -4.74 7.03 10.09
CA SER A 20 -5.38 6.82 11.47
C SER A 20 -4.71 5.62 12.19
N ALA A 21 -4.27 4.60 11.50
CA ALA A 21 -3.69 3.43 12.24
C ALA A 21 -2.37 3.82 12.93
N VAL A 22 -1.49 4.55 12.27
CA VAL A 22 -0.20 4.93 12.95
C VAL A 22 -0.56 5.77 14.17
N ASP A 23 -1.49 6.64 14.01
CA ASP A 23 -1.92 7.51 15.12
C ASP A 23 -2.44 6.63 16.26
N ILE A 24 -3.32 5.69 15.99
CA ILE A 24 -3.81 4.84 17.12
C ILE A 24 -2.60 4.10 17.72
N LEU A 25 -1.75 3.60 16.85
CA LEU A 25 -0.53 2.87 17.31
C LEU A 25 0.40 3.91 17.94
N GLY A 26 -0.04 5.15 17.93
CA GLY A 26 0.77 6.25 18.53
C GLY A 26 2.07 6.43 17.74
N GLU A 27 2.05 6.06 16.48
CA GLU A 27 3.24 6.18 15.57
C GLU A 27 4.50 5.45 16.13
N LYS A 28 4.39 4.54 17.08
CA LYS A 28 5.65 3.85 17.55
C LYS A 28 5.81 2.55 16.76
N PHE A 29 5.36 2.53 15.56
CA PHE A 29 5.50 1.27 14.76
C PHE A 29 5.73 1.62 13.30
N GLY A 30 6.38 0.70 12.62
CA GLY A 30 6.72 0.86 11.18
C GLY A 30 5.58 0.28 10.32
N ILE A 31 5.86 0.06 9.05
CA ILE A 31 4.82 -0.49 8.11
C ILE A 31 4.48 -1.98 8.39
N GLY A 32 5.44 -2.71 8.88
CA GLY A 32 5.26 -4.18 9.14
C GLY A 32 4.05 -4.52 10.03
N LEU A 33 3.98 -3.94 11.21
CA LEU A 33 2.84 -4.27 12.13
C LEU A 33 1.49 -3.79 11.54
N PRO A 34 1.34 -2.55 11.12
CA PRO A 34 0.04 -2.03 10.58
C PRO A 34 -0.33 -2.59 9.20
N ILE A 35 0.61 -2.89 8.34
CA ILE A 35 0.19 -3.47 7.00
C ILE A 35 -0.52 -4.82 7.25
N LEU A 36 0.06 -5.65 8.09
CA LEU A 36 -0.59 -6.96 8.42
C LEU A 36 -2.01 -6.75 8.98
N PHE A 37 -2.18 -5.82 9.90
CA PHE A 37 -3.56 -5.53 10.46
C PHE A 37 -4.35 -4.77 9.41
N LEU A 38 -4.22 -3.94 8.46
CA LEU A 38 -5.34 -3.47 7.72
C LEU A 38 -6.00 -4.67 7.02
N ARG A 39 -5.27 -5.61 6.47
CA ARG A 39 -5.92 -6.76 5.76
C ARG A 39 -6.76 -7.70 6.69
N GLY A 40 -6.88 -7.40 7.96
CA GLY A 40 -7.72 -8.25 8.87
C GLY A 40 -7.04 -9.58 9.08
N SER A 41 -5.77 -9.54 9.37
CA SER A 41 -5.01 -10.84 9.58
C SER A 41 -5.51 -11.65 10.81
N ASN A 42 -5.18 -12.92 10.85
CA ASN A 42 -5.58 -13.80 12.01
C ASN A 42 -4.58 -13.47 13.12
N SER A 43 -5.06 -12.73 14.10
CA SER A 43 -4.22 -12.32 15.26
C SER A 43 -5.10 -11.82 16.42
N GLN A 44 -5.38 -12.67 17.36
CA GLN A 44 -6.25 -12.26 18.51
C GLN A 44 -5.55 -11.22 19.40
N ARG A 45 -4.25 -11.31 19.56
CA ARG A 45 -3.53 -10.35 20.46
C ARG A 45 -3.71 -8.89 19.98
N LEU A 46 -3.57 -8.66 18.70
CA LEU A 46 -3.72 -7.25 18.19
C LEU A 46 -5.21 -6.97 17.98
N ALA A 47 -6.04 -7.95 18.16
CA ALA A 47 -7.49 -7.69 17.97
C ALA A 47 -8.09 -7.21 19.30
N ASP A 48 -8.17 -8.06 20.30
CA ASP A 48 -8.76 -7.61 21.60
C ASP A 48 -8.12 -6.28 22.01
N GLN A 49 -6.84 -6.16 21.77
CA GLN A 49 -6.14 -4.89 22.12
C GLN A 49 -6.68 -3.73 21.25
N TYR A 50 -6.49 -3.81 19.97
CA TYR A 50 -6.97 -2.71 19.05
C TYR A 50 -8.40 -3.03 18.58
N ARG A 51 -9.17 -3.60 19.47
CA ARG A 51 -10.58 -4.00 19.19
C ARG A 51 -11.45 -2.83 18.73
N ARG A 52 -11.36 -1.67 19.33
CA ARG A 52 -12.25 -0.59 18.85
C ARG A 52 -11.89 -0.25 17.41
N HIS A 53 -10.63 -0.26 17.10
CA HIS A 53 -10.17 0.08 15.73
C HIS A 53 -11.03 -0.57 14.64
N SER A 54 -11.90 0.17 14.02
CA SER A 54 -12.75 -0.41 12.94
C SER A 54 -11.91 -0.78 11.70
N LEU A 55 -10.87 -0.04 11.41
CA LEU A 55 -10.02 -0.33 10.19
C LEU A 55 -9.69 -1.84 10.12
N PHE A 56 -9.99 -2.62 11.11
CA PHE A 56 -9.59 -4.01 10.98
C PHE A 56 -10.22 -4.61 9.71
N GLY A 57 -9.42 -5.21 8.90
CA GLY A 57 -9.84 -5.92 7.63
C GLY A 57 -10.44 -5.09 6.48
N THR A 58 -10.29 -3.80 6.34
CA THR A 58 -11.00 -3.22 5.15
C THR A 58 -9.94 -3.23 4.01
N GLY A 59 -8.70 -3.41 4.35
CA GLY A 59 -7.54 -3.49 3.39
C GLY A 59 -7.46 -4.87 2.88
N LYS A 60 -8.37 -5.61 3.34
CA LYS A 60 -8.51 -7.03 3.00
C LYS A 60 -8.74 -7.26 1.48
N ASP A 61 -9.47 -6.41 0.80
CA ASP A 61 -9.72 -6.57 -0.70
C ASP A 61 -8.43 -6.20 -1.46
N GLN A 62 -7.47 -5.65 -0.78
CA GLN A 62 -6.21 -5.18 -1.44
C GLN A 62 -5.05 -6.09 -1.18
N THR A 63 -4.34 -6.36 -2.21
CA THR A 63 -3.16 -7.22 -2.05
C THR A 63 -2.08 -6.48 -1.26
N GLU A 64 -1.08 -7.22 -0.88
CA GLU A 64 0.11 -6.73 -0.13
C GLU A 64 0.88 -5.59 -0.84
N SER A 65 1.23 -5.70 -2.11
CA SER A 65 1.97 -4.62 -2.76
C SER A 65 1.12 -3.38 -2.93
N TRP A 66 -0.16 -3.48 -3.07
CA TRP A 66 -0.97 -2.24 -3.23
C TRP A 66 -0.73 -1.45 -1.96
N TRP A 67 -0.71 -2.12 -0.88
CA TRP A 67 -0.54 -1.41 0.38
C TRP A 67 0.94 -0.96 0.37
N LYS A 68 1.85 -1.86 0.04
CA LYS A 68 3.32 -1.48 -0.04
C LYS A 68 3.43 -0.28 -0.95
N ALA A 69 2.89 -0.44 -2.11
CA ALA A 69 2.95 0.59 -3.12
C ALA A 69 2.35 1.90 -2.58
N PHE A 70 1.24 1.84 -1.89
CA PHE A 70 0.64 3.11 -1.33
C PHE A 70 1.62 3.79 -0.38
N SER A 71 2.24 3.02 0.48
CA SER A 71 3.23 3.64 1.42
C SER A 71 4.34 4.32 0.62
N ARG A 72 4.78 3.68 -0.42
CA ARG A 72 5.88 4.26 -1.26
C ARG A 72 5.44 5.61 -1.85
N GLN A 73 4.23 5.71 -2.32
CA GLN A 73 3.73 6.99 -2.91
C GLN A 73 3.88 8.16 -1.91
N LEU A 74 3.48 7.96 -0.67
CA LEU A 74 3.57 9.05 0.36
C LEU A 74 5.02 9.48 0.65
N ILE A 75 5.95 8.57 0.58
CA ILE A 75 7.37 8.94 0.89
C ILE A 75 7.93 9.99 -0.09
N THR A 76 7.70 9.82 -1.35
CA THR A 76 8.23 10.80 -2.36
C THR A 76 7.55 12.17 -2.22
N GLU A 77 6.26 12.22 -2.03
CA GLU A 77 5.57 13.54 -1.91
C GLU A 77 6.09 14.33 -0.70
N GLY A 78 6.59 13.67 0.32
CA GLY A 78 7.08 14.42 1.52
C GLY A 78 6.09 14.21 2.66
N PHE A 79 4.94 13.71 2.33
CA PHE A 79 3.88 13.41 3.32
C PHE A 79 4.43 12.43 4.37
N LEU A 80 5.32 11.56 3.97
CA LEU A 80 5.87 10.55 4.95
C LEU A 80 7.40 10.44 4.83
N VAL A 81 8.03 10.20 5.95
CA VAL A 81 9.51 10.02 6.02
C VAL A 81 9.75 8.72 6.80
N GLU A 82 10.79 7.98 6.52
CA GLU A 82 11.01 6.70 7.30
C GLU A 82 12.37 6.69 7.98
N VAL A 83 12.44 6.21 9.21
CA VAL A 83 13.76 6.19 9.88
C VAL A 83 14.14 4.73 10.12
N SER A 84 15.29 4.41 9.61
CA SER A 84 15.85 3.07 9.76
C SER A 84 16.61 2.98 11.05
N ARG A 85 16.87 4.07 11.72
CA ARG A 85 17.69 4.00 12.96
C ARG A 85 16.80 3.58 14.13
N TYR A 86 15.61 3.23 13.69
CA TYR A 86 14.44 2.86 14.52
C TYR A 86 13.56 1.79 13.87
N ASN A 87 13.56 0.63 14.50
CA ASN A 87 12.84 -0.61 14.05
C ASN A 87 13.52 -1.17 12.81
N LYS A 88 14.66 -1.81 12.95
CA LYS A 88 15.30 -2.46 11.76
C LYS A 88 14.36 -3.61 11.33
N PHE A 89 13.34 -3.80 12.12
CA PHE A 89 12.29 -4.84 11.91
C PHE A 89 11.46 -4.35 10.74
N MET A 90 11.26 -3.06 10.72
CA MET A 90 10.40 -2.38 9.71
C MET A 90 10.45 -0.86 9.70
N LYS A 91 11.68 -0.39 9.75
CA LYS A 91 12.00 1.07 9.70
C LYS A 91 10.90 1.94 10.26
N ILE A 92 10.88 2.36 11.53
CA ILE A 92 9.68 3.22 11.83
C ILE A 92 9.29 4.26 10.78
N CYS A 93 8.01 4.28 10.43
CA CYS A 93 7.55 5.33 9.50
C CYS A 93 7.17 6.47 10.48
N ALA A 94 7.36 7.69 10.12
CA ALA A 94 7.01 8.81 11.08
C ALA A 94 6.33 9.96 10.36
N LEU A 95 5.35 10.54 11.01
CA LEU A 95 4.60 11.70 10.41
C LEU A 95 5.38 12.98 10.70
N THR A 96 5.59 13.81 9.71
CA THR A 96 6.35 15.09 9.91
C THR A 96 5.37 16.27 10.09
N LYS A 97 5.87 17.46 10.05
CA LYS A 97 4.99 18.66 10.21
C LYS A 97 3.97 18.68 9.07
N LYS A 98 4.41 18.45 7.86
CA LYS A 98 3.47 18.45 6.70
C LYS A 98 2.47 17.31 6.84
N GLY A 99 2.93 16.13 7.13
CA GLY A 99 2.00 14.97 7.25
C GLY A 99 1.27 14.97 8.61
N ARG A 100 1.90 15.42 9.66
CA ARG A 100 1.19 15.44 11.00
C ARG A 100 0.05 16.47 10.95
N ASN A 101 0.30 17.59 10.31
CA ASN A 101 -0.76 18.62 10.18
C ASN A 101 -1.86 17.94 9.41
N TRP A 102 -1.50 17.16 8.41
CA TRP A 102 -2.55 16.43 7.67
C TRP A 102 -3.38 15.54 8.63
N LEU A 103 -2.69 14.75 9.43
CA LEU A 103 -3.34 13.82 10.39
C LEU A 103 -4.21 14.58 11.40
N HIS A 104 -3.71 15.66 11.94
CA HIS A 104 -4.52 16.45 12.93
C HIS A 104 -5.45 17.49 12.28
N LYS A 105 -5.27 17.86 11.01
CA LYS A 105 -6.16 18.92 10.42
C LYS A 105 -7.37 18.33 9.69
N ALA A 106 -7.19 17.39 8.80
CA ALA A 106 -8.43 16.84 8.07
C ALA A 106 -9.11 15.76 8.92
N ASN A 107 -8.63 15.55 10.08
CA ASN A 107 -9.19 14.50 10.97
C ASN A 107 -10.73 14.56 11.02
N THR A 108 -11.34 15.72 10.88
CA THR A 108 -12.84 15.75 10.90
C THR A 108 -13.40 14.95 9.71
N GLU A 109 -13.68 15.59 8.60
CA GLU A 109 -14.21 14.87 7.44
C GLU A 109 -13.64 15.52 6.18
N SER A 110 -12.36 15.34 5.92
CA SER A 110 -11.79 15.95 4.68
C SER A 110 -10.87 14.91 4.04
N GLN A 111 -11.17 14.50 2.84
CA GLN A 111 -10.34 13.46 2.15
C GLN A 111 -9.86 14.03 0.81
N SER A 112 -8.62 14.52 0.69
CA SER A 112 -8.21 15.05 -0.65
C SER A 112 -6.69 14.84 -0.84
N LEU A 113 -6.37 14.23 -1.95
CA LEU A 113 -4.98 13.94 -2.39
C LEU A 113 -5.21 13.32 -3.78
N ILE A 114 -4.80 13.93 -4.86
CA ILE A 114 -4.98 13.13 -6.12
C ILE A 114 -3.58 12.51 -6.00
N LEU A 115 -3.42 11.18 -6.01
CA LEU A 115 -2.03 10.65 -5.73
C LEU A 115 -1.17 10.19 -6.90
N GLN A 116 -0.03 9.75 -6.52
CA GLN A 116 0.92 9.17 -7.44
C GLN A 116 0.29 7.83 -7.76
N ALA A 117 0.12 7.38 -8.97
CA ALA A 117 -0.49 6.01 -9.16
C ALA A 117 0.48 4.90 -8.70
N ASN A 118 -0.01 3.77 -8.22
CA ASN A 118 0.91 2.68 -7.76
C ASN A 118 1.80 2.25 -8.92
N GLU A 119 2.84 1.57 -8.62
CA GLU A 119 3.78 1.12 -9.69
C GLU A 119 3.23 -0.11 -10.44
N GLU A 120 2.79 -1.16 -9.79
CA GLU A 120 2.30 -2.35 -10.59
C GLU A 120 0.79 -2.24 -10.75
N LEU A 121 0.31 -1.57 -11.78
CA LEU A 121 -1.19 -1.48 -11.95
C LEU A 121 -1.70 -2.29 -13.15
N CYS A 122 -0.93 -3.23 -13.65
CA CYS A 122 -1.44 -4.05 -14.79
C CYS A 122 -0.71 -5.41 -14.75
N PRO A 123 -0.90 -6.24 -13.73
CA PRO A 123 -0.20 -7.55 -13.66
C PRO A 123 -0.50 -8.48 -14.85
N LYS A 124 -1.15 -7.98 -15.88
CA LYS A 124 -1.49 -8.84 -17.06
C LYS A 124 -0.42 -8.71 -18.15
N LYS A 125 0.60 -7.94 -17.91
CA LYS A 125 1.67 -7.78 -18.93
C LYS A 125 2.46 -9.09 -19.07
N LEU A 126 1.79 -10.21 -18.99
CA LEU A 126 2.51 -11.52 -19.11
C LEU A 126 2.55 -11.95 -20.59
N LEU A 127 3.71 -12.30 -21.07
CA LEU A 127 3.86 -12.74 -22.50
C LEU A 127 3.82 -14.26 -22.56
N LEU A 128 2.98 -14.82 -23.39
CA LEU A 128 2.89 -16.31 -23.47
C LEU A 128 2.68 -16.71 -24.95
N PRO A 129 3.69 -16.62 -25.78
CA PRO A 129 3.57 -16.98 -27.23
C PRO A 129 3.15 -18.44 -27.41
N SER A 130 2.29 -18.70 -28.37
CA SER A 130 1.83 -20.10 -28.63
C SER A 130 2.83 -20.77 -29.60
N SER A 131 3.27 -21.96 -29.28
CA SER A 131 4.23 -22.64 -30.19
C SER A 131 3.46 -23.54 -31.16
N LYS A 132 3.54 -23.26 -32.44
CA LYS A 132 2.80 -24.09 -33.45
C LYS A 132 3.73 -25.19 -33.98
N THR A 133 3.22 -26.39 -34.13
CA THR A 133 4.04 -27.52 -34.65
C THR A 133 4.05 -27.46 -36.18
N VAL A 134 5.21 -27.67 -36.78
CA VAL A 134 5.31 -27.62 -38.28
C VAL A 134 4.65 -28.87 -38.88
N SER A 135 3.66 -28.70 -39.71
CA SER A 135 2.96 -29.87 -40.33
C SER A 135 3.95 -30.65 -41.21
N SER A 136 4.78 -29.99 -41.95
CA SER A 136 5.75 -30.72 -42.83
C SER A 136 6.62 -31.64 -41.97
N GLY A 137 7.46 -32.42 -42.60
CA GLY A 137 8.34 -33.34 -41.83
C GLY A 137 7.57 -34.62 -41.45
N THR A 138 6.51 -34.91 -42.16
CA THR A 138 5.72 -36.14 -41.85
C THR A 138 6.38 -37.35 -42.52
N LYS A 139 6.01 -38.54 -42.10
CA LYS A 139 6.59 -39.76 -42.73
C LYS A 139 5.79 -40.96 -42.22
N GLU A 140 5.01 -41.55 -43.07
CA GLU A 140 4.18 -42.73 -42.68
C GLU A 140 5.05 -44.00 -42.63
N HIS A 141 6.29 -43.87 -42.98
CA HIS A 141 7.21 -45.05 -42.98
C HIS A 141 7.27 -45.66 -41.57
N CYS A 142 7.40 -44.85 -40.56
CA CYS A 142 7.47 -45.41 -39.18
C CYS A 142 6.14 -46.08 -38.84
N TYR A 143 5.04 -45.46 -39.17
CA TYR A 143 3.71 -46.07 -38.87
C TYR A 143 3.35 -47.08 -39.98
N ASN A 144 3.00 -48.28 -39.60
CA ASN A 144 2.63 -49.30 -40.63
C ASN A 144 1.26 -48.98 -41.21
N MET A 1 11.58 20.28 -3.98
CA MET A 1 10.38 20.42 -4.86
C MET A 1 9.72 19.05 -5.05
N ASP A 2 9.86 18.18 -4.08
CA ASP A 2 9.25 16.83 -4.22
C ASP A 2 7.75 16.91 -3.89
N ASP A 3 7.30 18.06 -3.48
CA ASP A 3 5.85 18.22 -3.13
C ASP A 3 5.00 18.08 -4.39
N SER A 4 5.59 18.19 -5.55
CA SER A 4 4.81 18.06 -6.81
C SER A 4 4.07 16.73 -6.80
N GLU A 5 2.76 16.78 -6.84
CA GLU A 5 1.93 15.54 -6.85
C GLU A 5 2.17 14.81 -8.17
N ASP A 6 2.17 13.50 -8.12
CA ASP A 6 2.42 12.70 -9.37
C ASP A 6 1.11 12.28 -10.04
N THR A 7 1.14 11.32 -10.93
CA THR A 7 -0.11 10.91 -11.64
C THR A 7 -0.34 9.39 -11.39
N SER A 8 -1.56 8.90 -11.17
CA SER A 8 -2.79 9.73 -10.99
C SER A 8 -3.89 8.77 -10.57
N TRP A 9 -4.36 8.98 -9.39
CA TRP A 9 -5.51 8.28 -8.87
C TRP A 9 -5.67 8.87 -7.49
N ASP A 10 -6.85 9.23 -7.10
CA ASP A 10 -7.03 9.84 -5.76
C ASP A 10 -7.51 8.80 -4.77
N PHE A 11 -6.81 8.56 -3.72
CA PHE A 11 -7.36 7.58 -2.73
C PHE A 11 -7.17 8.20 -1.33
N GLY A 12 -7.85 9.25 -0.95
CA GLY A 12 -7.61 9.78 0.44
C GLY A 12 -7.80 8.68 1.50
N PRO A 13 -8.89 7.97 1.42
CA PRO A 13 -9.21 6.88 2.37
C PRO A 13 -7.97 6.07 2.73
N GLN A 14 -7.16 5.73 1.76
CA GLN A 14 -5.96 4.94 2.08
C GLN A 14 -5.03 5.76 2.98
N ALA A 15 -4.88 7.04 2.76
CA ALA A 15 -3.95 7.78 3.67
C ALA A 15 -4.58 7.78 5.06
N PHE A 16 -5.88 7.86 5.14
CA PHE A 16 -6.50 7.84 6.47
C PHE A 16 -6.17 6.48 7.03
N LYS A 17 -6.31 5.48 6.23
CA LYS A 17 -5.99 4.11 6.72
C LYS A 17 -4.55 4.06 7.22
N LEU A 18 -3.55 4.55 6.50
CA LEU A 18 -2.17 4.47 7.05
C LEU A 18 -2.10 5.51 8.15
N LEU A 19 -2.54 6.70 7.88
CA LEU A 19 -2.46 7.76 8.91
C LEU A 19 -3.32 7.39 10.17
N SER A 20 -4.57 6.90 10.09
CA SER A 20 -5.24 6.64 11.43
C SER A 20 -4.58 5.42 12.14
N ALA A 21 -4.11 4.43 11.43
CA ALA A 21 -3.50 3.26 12.15
C ALA A 21 -2.27 3.68 12.99
N VAL A 22 -1.38 4.49 12.45
CA VAL A 22 -0.19 4.91 13.26
C VAL A 22 -0.72 5.71 14.46
N ASP A 23 -1.75 6.43 14.24
CA ASP A 23 -2.35 7.25 15.32
C ASP A 23 -2.85 6.32 16.41
N ILE A 24 -3.64 5.32 16.10
CA ILE A 24 -4.11 4.41 17.20
C ILE A 24 -2.88 3.74 17.82
N LEU A 25 -1.98 3.30 16.98
CA LEU A 25 -0.72 2.65 17.45
C LEU A 25 0.21 3.76 17.93
N GLY A 26 -0.27 4.99 17.86
CA GLY A 26 0.54 6.16 18.29
C GLY A 26 1.98 6.01 17.83
N GLU A 27 2.18 5.86 16.54
CA GLU A 27 3.55 5.71 15.93
C GLU A 27 4.44 4.70 16.70
N LYS A 28 3.93 3.88 17.60
CA LYS A 28 4.85 2.90 18.29
C LYS A 28 5.12 1.74 17.33
N PHE A 29 4.90 1.94 16.08
CA PHE A 29 5.16 0.83 15.12
C PHE A 29 5.59 1.41 13.77
N GLY A 30 6.04 0.52 12.93
CA GLY A 30 6.55 0.89 11.57
C GLY A 30 5.55 0.39 10.50
N ILE A 31 5.96 0.40 9.27
CA ILE A 31 5.05 -0.04 8.13
C ILE A 31 4.68 -1.55 8.22
N GLY A 32 5.66 -2.37 8.47
CA GLY A 32 5.46 -3.86 8.53
C GLY A 32 4.09 -4.27 9.11
N LEU A 33 3.97 -4.32 10.42
CA LEU A 33 2.67 -4.75 11.02
C LEU A 33 1.46 -4.17 10.25
N PRO A 34 1.33 -2.87 10.10
CA PRO A 34 0.20 -2.24 9.33
C PRO A 34 -0.25 -3.06 8.11
N ILE A 35 0.63 -3.56 7.29
CA ILE A 35 0.13 -4.39 6.12
C ILE A 35 -0.64 -5.60 6.68
N LEU A 36 -0.11 -6.25 7.69
CA LEU A 36 -0.83 -7.41 8.31
C LEU A 36 -2.18 -6.94 8.92
N PHE A 37 -2.19 -5.81 9.60
CA PHE A 37 -3.49 -5.31 10.21
C PHE A 37 -4.20 -4.47 9.16
N LEU A 38 -3.98 -3.68 8.17
CA LEU A 38 -5.06 -3.10 7.46
C LEU A 38 -5.89 -4.20 6.79
N ARG A 39 -5.30 -5.28 6.32
CA ARG A 39 -6.11 -6.36 5.66
C ARG A 39 -6.94 -7.24 6.64
N GLY A 40 -6.82 -7.05 7.93
CA GLY A 40 -7.63 -7.86 8.91
C GLY A 40 -7.01 -9.22 9.07
N SER A 41 -5.82 -9.27 9.61
CA SER A 41 -5.14 -10.59 9.80
C SER A 41 -5.70 -11.42 10.99
N ASN A 42 -5.38 -12.69 11.03
CA ASN A 42 -5.85 -13.59 12.15
C ASN A 42 -4.92 -13.26 13.33
N SER A 43 -5.46 -12.52 14.27
CA SER A 43 -4.70 -12.11 15.49
C SER A 43 -5.65 -11.58 16.57
N GLN A 44 -6.01 -12.41 17.51
CA GLN A 44 -6.95 -11.96 18.58
C GLN A 44 -6.24 -11.07 19.62
N ARG A 45 -4.97 -11.30 19.87
CA ARG A 45 -4.25 -10.48 20.90
C ARG A 45 -4.27 -8.97 20.54
N LEU A 46 -4.08 -8.65 19.30
CA LEU A 46 -4.08 -7.20 18.90
C LEU A 46 -5.53 -6.78 18.59
N ALA A 47 -6.44 -7.71 18.58
CA ALA A 47 -7.83 -7.31 18.32
C ALA A 47 -8.50 -6.94 19.64
N ASP A 48 -7.97 -7.34 20.76
CA ASP A 48 -8.63 -6.98 22.06
C ASP A 48 -7.95 -5.70 22.62
N GLN A 49 -6.65 -5.70 22.64
CA GLN A 49 -5.92 -4.50 23.15
C GLN A 49 -6.16 -3.31 22.21
N TYR A 50 -5.86 -3.47 20.94
CA TYR A 50 -6.05 -2.35 19.96
C TYR A 50 -7.44 -2.46 19.32
N ARG A 51 -8.39 -2.89 20.11
CA ARG A 51 -9.80 -3.09 19.67
C ARG A 51 -10.44 -1.80 19.15
N ARG A 52 -10.07 -0.64 19.63
CA ARG A 52 -10.76 0.56 19.09
C ARG A 52 -10.55 0.63 17.59
N HIS A 53 -9.42 0.18 17.13
CA HIS A 53 -9.10 0.22 15.68
C HIS A 53 -10.26 -0.28 14.81
N SER A 54 -11.23 0.56 14.53
CA SER A 54 -12.37 0.12 13.68
C SER A 54 -11.90 -0.26 12.27
N LEU A 55 -11.00 0.49 11.69
CA LEU A 55 -10.51 0.19 10.29
C LEU A 55 -9.99 -1.27 10.19
N PHE A 56 -10.12 -2.05 11.22
CA PHE A 56 -9.56 -3.38 11.06
C PHE A 56 -10.18 -4.07 9.83
N GLY A 57 -9.35 -4.56 8.96
CA GLY A 57 -9.76 -5.32 7.71
C GLY A 57 -10.71 -4.65 6.71
N THR A 58 -10.82 -3.35 6.56
CA THR A 58 -11.83 -2.95 5.52
C THR A 58 -11.01 -2.81 4.20
N GLY A 59 -9.71 -2.74 4.31
CA GLY A 59 -8.76 -2.63 3.14
C GLY A 59 -8.33 -3.99 2.76
N LYS A 60 -9.21 -4.86 3.00
CA LYS A 60 -9.03 -6.29 2.75
C LYS A 60 -8.94 -6.61 1.22
N ASP A 61 -9.57 -5.86 0.36
CA ASP A 61 -9.51 -6.13 -1.14
C ASP A 61 -8.12 -5.76 -1.67
N GLN A 62 -7.33 -5.11 -0.86
CA GLN A 62 -5.98 -4.64 -1.31
C GLN A 62 -4.94 -5.70 -1.24
N THR A 63 -4.24 -5.86 -2.31
CA THR A 63 -3.18 -6.86 -2.32
C THR A 63 -2.02 -6.40 -1.43
N GLU A 64 -1.13 -7.32 -1.20
CA GLU A 64 0.11 -7.10 -0.38
C GLU A 64 1.02 -5.96 -0.89
N SER A 65 1.63 -6.06 -2.04
CA SER A 65 2.52 -4.99 -2.50
C SER A 65 1.75 -3.71 -2.79
N TRP A 66 0.47 -3.76 -2.99
CA TRP A 66 -0.25 -2.48 -3.25
C TRP A 66 -0.03 -1.63 -2.02
N TRP A 67 -0.09 -2.25 -0.91
CA TRP A 67 0.08 -1.48 0.33
C TRP A 67 1.57 -1.05 0.30
N LYS A 68 2.46 -1.97 -0.04
CA LYS A 68 3.93 -1.61 -0.15
C LYS A 68 4.05 -0.43 -1.09
N ALA A 69 3.40 -0.56 -2.19
CA ALA A 69 3.45 0.46 -3.22
C ALA A 69 2.82 1.76 -2.71
N PHE A 70 1.72 1.69 -2.01
CA PHE A 70 1.08 2.95 -1.48
C PHE A 70 2.03 3.65 -0.49
N SER A 71 2.63 2.88 0.39
CA SER A 71 3.56 3.52 1.37
C SER A 71 4.67 4.25 0.61
N ARG A 72 5.16 3.66 -0.44
CA ARG A 72 6.24 4.30 -1.25
C ARG A 72 5.76 5.65 -1.80
N GLN A 73 4.56 5.70 -2.30
CA GLN A 73 4.01 6.99 -2.84
C GLN A 73 4.09 8.12 -1.80
N LEU A 74 3.78 7.83 -0.57
CA LEU A 74 3.80 8.89 0.51
C LEU A 74 5.21 9.43 0.77
N ILE A 75 6.22 8.60 0.72
CA ILE A 75 7.60 9.09 0.97
C ILE A 75 8.03 10.18 -0.02
N THR A 76 7.85 9.95 -1.29
CA THR A 76 8.26 10.97 -2.31
C THR A 76 7.40 12.24 -2.22
N GLU A 77 6.12 12.12 -2.00
CA GLU A 77 5.26 13.35 -1.93
C GLU A 77 5.63 14.22 -0.72
N GLY A 78 6.15 13.64 0.33
CA GLY A 78 6.53 14.47 1.53
C GLY A 78 5.50 14.20 2.63
N PHE A 79 4.32 13.83 2.23
CA PHE A 79 3.21 13.51 3.18
C PHE A 79 3.77 12.65 4.33
N LEU A 80 4.74 11.80 4.04
CA LEU A 80 5.29 10.92 5.12
C LEU A 80 6.82 10.75 4.96
N VAL A 81 7.48 10.54 6.07
CA VAL A 81 8.96 10.33 6.09
C VAL A 81 9.19 9.03 6.86
N GLU A 82 10.10 8.17 6.45
CA GLU A 82 10.30 6.90 7.22
C GLU A 82 11.71 6.82 7.80
N VAL A 83 11.83 6.54 9.09
CA VAL A 83 13.19 6.45 9.67
C VAL A 83 13.64 5.00 9.61
N SER A 84 14.70 4.82 8.90
CA SER A 84 15.30 3.49 8.73
C SER A 84 16.25 3.23 9.88
N ARG A 85 16.62 4.23 10.64
CA ARG A 85 17.62 3.98 11.73
C ARG A 85 16.88 3.46 12.97
N TYR A 86 15.66 3.12 12.66
CA TYR A 86 14.61 2.68 13.60
C TYR A 86 13.71 1.56 13.03
N ASN A 87 13.86 0.40 13.63
CA ASN A 87 13.18 -0.88 13.24
C ASN A 87 13.67 -1.33 11.86
N LYS A 88 14.85 -1.90 11.78
CA LYS A 88 15.32 -2.43 10.45
C LYS A 88 14.32 -3.52 10.03
N PHE A 89 13.44 -3.83 10.95
CA PHE A 89 12.36 -4.84 10.78
C PHE A 89 11.30 -4.16 9.91
N MET A 90 10.68 -3.18 10.49
CA MET A 90 9.54 -2.45 9.86
C MET A 90 9.70 -0.94 9.73
N LYS A 91 10.94 -0.57 9.51
CA LYS A 91 11.35 0.84 9.29
C LYS A 91 10.44 1.83 9.97
N ILE A 92 10.68 2.33 11.19
CA ILE A 92 9.62 3.29 11.65
C ILE A 92 9.08 4.27 10.60
N CYS A 93 7.76 4.32 10.50
CA CYS A 93 7.16 5.31 9.59
C CYS A 93 6.94 6.50 10.54
N ALA A 94 7.34 7.69 10.18
CA ALA A 94 7.16 8.85 11.11
C ALA A 94 6.30 9.95 10.48
N LEU A 95 5.52 10.61 11.29
CA LEU A 95 4.65 11.71 10.78
C LEU A 95 5.43 13.03 10.86
N THR A 96 5.44 13.80 9.80
CA THR A 96 6.19 15.09 9.80
C THR A 96 5.26 16.25 10.19
N LYS A 97 5.74 17.46 10.11
CA LYS A 97 4.88 18.64 10.47
C LYS A 97 3.65 18.66 9.57
N LYS A 98 3.83 18.47 8.29
CA LYS A 98 2.68 18.49 7.35
C LYS A 98 1.80 17.26 7.59
N GLY A 99 2.39 16.11 7.73
CA GLY A 99 1.58 14.87 7.92
C GLY A 99 0.87 14.88 9.28
N ARG A 100 1.49 15.37 10.33
CA ARG A 100 0.79 15.39 11.67
C ARG A 100 -0.39 16.38 11.61
N ASN A 101 -0.16 17.52 10.99
CA ASN A 101 -1.25 18.50 10.85
C ASN A 101 -2.29 17.82 10.00
N TRP A 102 -1.85 17.07 9.02
CA TRP A 102 -2.83 16.32 8.20
C TRP A 102 -3.68 15.38 9.08
N LEU A 103 -3.01 14.56 9.87
CA LEU A 103 -3.69 13.56 10.74
C LEU A 103 -4.59 14.27 11.76
N HIS A 104 -4.12 15.31 12.38
CA HIS A 104 -4.96 16.02 13.41
C HIS A 104 -6.00 16.98 12.79
N LYS A 105 -5.83 17.48 11.57
CA LYS A 105 -6.84 18.44 11.02
C LYS A 105 -7.86 17.76 10.11
N ALA A 106 -7.47 16.82 9.29
CA ALA A 106 -8.53 16.18 8.38
C ALA A 106 -9.38 15.17 9.14
N ASN A 107 -9.02 14.93 10.35
CA ASN A 107 -9.76 13.94 11.19
C ASN A 107 -11.28 14.10 11.05
N THR A 108 -11.79 15.30 10.79
CA THR A 108 -13.28 15.43 10.64
C THR A 108 -13.74 14.69 9.38
N GLU A 109 -13.85 15.37 8.25
CA GLU A 109 -14.27 14.71 7.02
C GLU A 109 -13.56 15.38 5.84
N SER A 110 -12.28 15.18 5.70
CA SER A 110 -11.57 15.82 4.56
C SER A 110 -10.64 14.77 3.94
N GLN A 111 -11.00 14.26 2.78
CA GLN A 111 -10.17 13.21 2.11
C GLN A 111 -9.78 13.70 0.72
N SER A 112 -8.62 14.30 0.52
CA SER A 112 -8.29 14.75 -0.89
C SER A 112 -6.76 14.71 -1.10
N LEU A 113 -6.39 13.95 -2.08
CA LEU A 113 -4.98 13.78 -2.53
C LEU A 113 -5.14 13.16 -3.92
N ILE A 114 -4.78 13.81 -5.01
CA ILE A 114 -4.90 13.03 -6.27
C ILE A 114 -3.52 12.37 -6.06
N LEU A 115 -3.39 11.05 -6.09
CA LEU A 115 -2.02 10.48 -5.72
C LEU A 115 -1.09 10.05 -6.84
N GLN A 116 0.09 9.77 -6.41
CA GLN A 116 1.11 9.26 -7.29
C GLN A 116 0.60 7.89 -7.64
N ALA A 117 0.65 7.38 -8.84
CA ALA A 117 0.14 5.98 -9.06
C ALA A 117 1.17 4.93 -8.54
N ASN A 118 0.73 3.82 -7.99
CA ASN A 118 1.70 2.80 -7.45
C ASN A 118 2.45 2.18 -8.62
N GLU A 119 3.61 1.68 -8.36
CA GLU A 119 4.42 1.07 -9.45
C GLU A 119 3.81 -0.25 -9.95
N GLU A 120 3.34 -1.13 -9.09
CA GLU A 120 2.79 -2.43 -9.63
C GLU A 120 1.32 -2.24 -9.98
N LEU A 121 1.01 -1.61 -11.09
CA LEU A 121 -0.45 -1.42 -11.44
C LEU A 121 -1.10 -2.72 -11.96
N CYS A 122 -0.35 -3.59 -12.58
CA CYS A 122 -0.96 -4.87 -13.05
C CYS A 122 0.17 -5.92 -13.21
N PRO A 123 0.20 -6.98 -12.43
CA PRO A 123 1.30 -7.98 -12.53
C PRO A 123 1.16 -8.92 -13.75
N LYS A 124 0.11 -8.76 -14.53
CA LYS A 124 -0.10 -9.66 -15.72
C LYS A 124 0.68 -9.13 -16.93
N LYS A 125 1.25 -7.97 -16.82
CA LYS A 125 2.01 -7.40 -17.98
C LYS A 125 3.42 -7.99 -18.01
N LEU A 126 3.67 -9.03 -17.25
CA LEU A 126 5.03 -9.65 -17.25
C LEU A 126 5.11 -10.75 -18.30
N LEU A 127 5.35 -10.38 -19.53
CA LEU A 127 5.46 -11.40 -20.64
C LEU A 127 6.92 -11.75 -20.87
N LEU A 128 7.23 -13.00 -21.06
CA LEU A 128 8.65 -13.39 -21.29
C LEU A 128 8.70 -14.49 -22.37
N PRO A 129 8.50 -14.16 -23.62
CA PRO A 129 8.52 -15.16 -24.72
C PRO A 129 9.87 -15.87 -24.83
N SER A 130 9.87 -17.15 -25.13
CA SER A 130 11.15 -17.91 -25.27
C SER A 130 11.51 -18.03 -26.75
N SER A 131 12.67 -17.56 -27.14
CA SER A 131 13.05 -17.65 -28.58
C SER A 131 13.25 -19.13 -28.95
N LYS A 132 12.35 -19.67 -29.74
CA LYS A 132 12.46 -21.10 -30.16
C LYS A 132 13.12 -21.21 -31.53
N THR A 133 13.95 -22.20 -31.73
CA THR A 133 14.64 -22.38 -33.04
C THR A 133 13.82 -23.34 -33.91
N VAL A 134 13.99 -23.27 -35.22
CA VAL A 134 13.22 -24.18 -36.13
C VAL A 134 14.01 -25.48 -36.35
N SER A 135 13.38 -26.61 -36.15
CA SER A 135 14.08 -27.91 -36.33
C SER A 135 13.90 -28.41 -37.76
N SER A 136 12.73 -28.88 -38.10
CA SER A 136 12.51 -29.40 -39.49
C SER A 136 12.52 -28.23 -40.48
N GLY A 137 12.67 -28.52 -41.74
CA GLY A 137 12.68 -27.43 -42.76
C GLY A 137 14.10 -26.86 -42.90
N THR A 138 15.06 -27.47 -42.25
CA THR A 138 16.46 -26.95 -42.35
C THR A 138 17.17 -27.60 -43.54
N LYS A 139 17.78 -26.80 -44.39
CA LYS A 139 18.50 -27.35 -45.56
C LYS A 139 19.71 -26.45 -45.83
N GLU A 140 20.87 -26.93 -45.52
CA GLU A 140 22.13 -26.14 -45.74
C GLU A 140 22.66 -26.39 -47.17
N HIS A 141 21.77 -26.58 -48.10
CA HIS A 141 22.20 -26.83 -49.51
C HIS A 141 22.93 -25.61 -50.08
N CYS A 142 22.36 -24.45 -49.96
CA CYS A 142 23.03 -23.23 -50.49
C CYS A 142 24.28 -22.94 -49.65
N TYR A 143 24.18 -23.07 -48.36
CA TYR A 143 25.35 -22.80 -47.48
C TYR A 143 26.26 -24.04 -47.44
N ASN A 144 27.51 -23.86 -47.15
CA ASN A 144 28.43 -25.03 -47.09
C ASN A 144 28.16 -25.95 -48.28
N MET A 1 6.03 19.87 -0.21
CA MET A 1 5.61 19.89 -1.65
C MET A 1 4.25 19.20 -1.77
N ASP A 2 3.35 19.44 -0.86
CA ASP A 2 2.01 18.80 -0.94
C ASP A 2 1.17 19.52 -1.99
N ASP A 3 1.65 20.63 -2.50
CA ASP A 3 0.88 21.38 -3.54
C ASP A 3 0.93 20.63 -4.87
N SER A 4 2.02 19.98 -5.17
CA SER A 4 2.14 19.25 -6.45
C SER A 4 1.61 17.81 -6.25
N GLU A 5 0.56 17.47 -6.94
CA GLU A 5 -0.02 16.10 -6.82
C GLU A 5 0.58 15.21 -7.90
N ASP A 6 0.80 13.97 -7.59
CA ASP A 6 1.42 13.04 -8.59
C ASP A 6 0.37 12.49 -9.57
N THR A 7 0.67 11.42 -10.29
CA THR A 7 -0.33 10.85 -11.26
C THR A 7 -0.53 9.36 -10.90
N SER A 8 -1.74 8.78 -11.00
CA SER A 8 -3.02 9.52 -11.28
C SER A 8 -4.13 8.58 -10.92
N TRP A 9 -4.76 8.89 -9.84
CA TRP A 9 -5.96 8.21 -9.40
C TRP A 9 -6.22 8.84 -8.05
N ASP A 10 -7.43 9.21 -7.78
CA ASP A 10 -7.72 9.86 -6.47
C ASP A 10 -7.92 8.81 -5.39
N PHE A 11 -7.02 8.67 -4.48
CA PHE A 11 -7.30 7.67 -3.40
C PHE A 11 -6.90 8.33 -2.06
N GLY A 12 -7.36 9.51 -1.71
CA GLY A 12 -6.91 10.07 -0.38
C GLY A 12 -7.34 9.17 0.78
N PRO A 13 -8.56 8.72 0.76
CA PRO A 13 -9.11 7.86 1.82
C PRO A 13 -8.05 6.95 2.42
N GLN A 14 -7.63 5.95 1.71
CA GLN A 14 -6.61 5.04 2.28
C GLN A 14 -5.35 5.84 2.63
N ALA A 15 -5.08 6.95 2.00
CA ALA A 15 -3.82 7.65 2.36
C ALA A 15 -4.09 8.45 3.62
N PHE A 16 -5.23 9.07 3.74
CA PHE A 16 -5.50 9.85 4.96
C PHE A 16 -5.76 8.79 6.02
N LYS A 17 -6.52 7.80 5.69
CA LYS A 17 -6.78 6.74 6.67
C LYS A 17 -5.47 6.01 7.04
N LEU A 18 -4.49 5.91 6.16
CA LEU A 18 -3.24 5.23 6.59
C LEU A 18 -2.70 6.05 7.75
N LEU A 19 -2.72 7.35 7.63
CA LEU A 19 -2.19 8.18 8.73
C LEU A 19 -2.93 7.89 10.08
N SER A 20 -4.26 7.80 10.18
CA SER A 20 -4.78 7.55 11.59
C SER A 20 -4.42 6.11 12.06
N ALA A 21 -4.37 5.13 11.18
CA ALA A 21 -4.05 3.75 11.68
C ALA A 21 -2.62 3.66 12.22
N VAL A 22 -1.63 4.15 11.50
CA VAL A 22 -0.22 4.05 12.02
C VAL A 22 -0.18 4.79 13.36
N ASP A 23 -0.83 5.91 13.40
CA ASP A 23 -0.89 6.70 14.65
C ASP A 23 -1.58 5.87 15.73
N ILE A 24 -2.65 5.17 15.43
CA ILE A 24 -3.30 4.36 16.50
C ILE A 24 -2.25 3.33 17.00
N LEU A 25 -1.53 2.76 16.07
CA LEU A 25 -0.46 1.77 16.43
C LEU A 25 0.63 2.53 17.17
N GLY A 26 0.45 3.83 17.30
CA GLY A 26 1.44 4.69 18.01
C GLY A 26 2.81 4.57 17.33
N GLU A 27 2.81 4.16 16.09
CA GLU A 27 4.08 4.00 15.28
C GLU A 27 5.22 3.32 16.08
N LYS A 28 5.02 2.20 16.74
CA LYS A 28 6.19 1.58 17.47
C LYS A 28 6.66 0.35 16.69
N PHE A 29 6.55 0.39 15.41
CA PHE A 29 7.01 -0.78 14.63
C PHE A 29 7.37 -0.35 13.20
N GLY A 30 8.00 -1.25 12.50
CA GLY A 30 8.43 -1.02 11.09
C GLY A 30 7.24 -1.23 10.15
N ILE A 31 7.51 -1.36 8.87
CA ILE A 31 6.42 -1.58 7.85
C ILE A 31 5.66 -2.92 8.06
N GLY A 32 6.32 -3.89 8.62
CA GLY A 32 5.73 -5.25 8.82
C GLY A 32 4.43 -5.24 9.64
N LEU A 33 4.37 -4.47 10.69
CA LEU A 33 3.12 -4.47 11.54
C LEU A 33 1.95 -3.80 10.80
N PRO A 34 2.08 -2.60 10.29
CA PRO A 34 0.96 -1.90 9.55
C PRO A 34 0.54 -2.59 8.24
N ILE A 35 1.44 -3.16 7.49
CA ILE A 35 0.97 -3.84 6.22
C ILE A 35 0.03 -4.99 6.62
N LEU A 36 0.44 -5.84 7.52
CA LEU A 36 -0.46 -6.94 8.00
C LEU A 36 -1.69 -6.36 8.72
N PHE A 37 -1.52 -5.36 9.57
CA PHE A 37 -2.69 -4.74 10.28
C PHE A 37 -3.55 -4.05 9.23
N LEU A 38 -3.48 -3.30 8.20
CA LEU A 38 -4.65 -2.88 7.51
C LEU A 38 -5.35 -4.12 6.92
N ARG A 39 -4.67 -5.09 6.39
CA ARG A 39 -5.36 -6.29 5.79
C ARG A 39 -6.15 -7.15 6.83
N GLY A 40 -6.43 -6.64 8.00
CA GLY A 40 -7.24 -7.43 8.99
C GLY A 40 -6.40 -8.54 9.55
N SER A 41 -5.37 -8.18 10.28
CA SER A 41 -4.47 -9.23 10.87
C SER A 41 -5.18 -10.14 11.92
N ASN A 42 -4.72 -11.36 12.05
CA ASN A 42 -5.30 -12.32 13.06
C ASN A 42 -4.32 -12.32 14.22
N SER A 43 -4.86 -12.12 15.41
CA SER A 43 -4.04 -12.10 16.66
C SER A 43 -4.94 -12.08 17.89
N GLN A 44 -4.98 -13.15 18.63
CA GLN A 44 -5.85 -13.21 19.85
C GLN A 44 -5.78 -11.90 20.65
N ARG A 45 -4.73 -11.69 21.42
CA ARG A 45 -4.65 -10.43 22.24
C ARG A 45 -5.11 -9.21 21.45
N LEU A 46 -4.64 -9.04 20.25
CA LEU A 46 -5.08 -7.85 19.45
C LEU A 46 -6.46 -8.12 18.86
N ALA A 47 -6.97 -9.31 19.06
CA ALA A 47 -8.31 -9.60 18.49
C ALA A 47 -9.35 -8.74 19.19
N ASP A 48 -9.21 -8.48 20.47
CA ASP A 48 -10.25 -7.66 21.17
C ASP A 48 -9.84 -6.19 21.13
N GLN A 49 -8.56 -5.95 21.01
CA GLN A 49 -8.07 -4.53 21.00
C GLN A 49 -8.59 -3.82 19.74
N TYR A 50 -8.79 -4.55 18.66
CA TYR A 50 -9.25 -3.92 17.39
C TYR A 50 -10.41 -2.94 17.67
N ARG A 51 -11.21 -3.30 18.63
CA ARG A 51 -12.40 -2.50 19.03
C ARG A 51 -12.18 -0.99 18.89
N ARG A 52 -11.14 -0.42 19.46
CA ARG A 52 -10.99 1.05 19.28
C ARG A 52 -10.60 1.35 17.85
N HIS A 53 -9.72 0.56 17.31
CA HIS A 53 -9.23 0.78 15.92
C HIS A 53 -10.28 0.43 14.86
N SER A 54 -11.07 1.38 14.43
CA SER A 54 -12.09 1.09 13.39
C SER A 54 -11.44 0.77 12.03
N LEU A 55 -10.40 1.48 11.65
CA LEU A 55 -9.75 1.23 10.32
C LEU A 55 -9.22 -0.22 10.23
N PHE A 56 -9.17 -0.95 11.31
CA PHE A 56 -8.61 -2.29 11.14
C PHE A 56 -9.40 -3.04 10.06
N GLY A 57 -8.70 -3.73 9.21
CA GLY A 57 -9.27 -4.60 8.12
C GLY A 57 -9.92 -3.92 6.89
N THR A 58 -9.70 -2.68 6.54
CA THR A 58 -10.47 -2.25 5.33
C THR A 58 -9.50 -2.49 4.13
N GLY A 59 -8.24 -2.68 4.42
CA GLY A 59 -7.16 -2.95 3.39
C GLY A 59 -7.23 -4.38 3.02
N LYS A 60 -8.20 -4.97 3.57
CA LYS A 60 -8.49 -6.40 3.38
C LYS A 60 -8.82 -6.75 1.89
N ASP A 61 -9.52 -5.92 1.17
CA ASP A 61 -9.86 -6.21 -0.28
C ASP A 61 -8.62 -5.97 -1.16
N GLN A 62 -7.58 -5.43 -0.58
CA GLN A 62 -6.35 -5.09 -1.37
C GLN A 62 -5.25 -6.08 -1.16
N THR A 63 -4.55 -6.35 -2.21
CA THR A 63 -3.43 -7.27 -2.10
C THR A 63 -2.30 -6.64 -1.30
N GLU A 64 -1.36 -7.46 -0.96
CA GLU A 64 -0.13 -7.07 -0.19
C GLU A 64 0.77 -6.04 -0.92
N SER A 65 1.11 -6.21 -2.17
CA SER A 65 1.99 -5.23 -2.83
C SER A 65 1.26 -3.92 -3.09
N TRP A 66 -0.02 -3.89 -3.13
CA TRP A 66 -0.69 -2.58 -3.39
C TRP A 66 -0.38 -1.72 -2.19
N TRP A 67 -0.56 -2.28 -1.05
CA TRP A 67 -0.33 -1.50 0.16
C TRP A 67 1.19 -1.14 0.08
N LYS A 68 2.02 -2.11 -0.24
CA LYS A 68 3.50 -1.83 -0.39
C LYS A 68 3.65 -0.61 -1.28
N ALA A 69 3.18 -0.77 -2.47
CA ALA A 69 3.26 0.30 -3.46
C ALA A 69 2.49 1.54 -2.97
N PHE A 70 1.37 1.35 -2.33
CA PHE A 70 0.59 2.55 -1.83
C PHE A 70 1.43 3.33 -0.81
N SER A 71 2.05 2.63 0.11
CA SER A 71 2.89 3.34 1.11
C SER A 71 3.97 4.15 0.39
N ARG A 72 4.55 3.57 -0.64
CA ARG A 72 5.61 4.29 -1.40
C ARG A 72 5.07 5.60 -1.97
N GLN A 73 3.89 5.59 -2.52
CA GLN A 73 3.30 6.84 -3.10
C GLN A 73 3.33 8.00 -2.08
N LEU A 74 2.92 7.75 -0.85
CA LEU A 74 2.90 8.83 0.19
C LEU A 74 4.30 9.34 0.55
N ILE A 75 5.28 8.49 0.58
CA ILE A 75 6.66 8.96 0.94
C ILE A 75 7.18 10.04 -0.01
N THR A 76 7.04 9.86 -1.29
CA THR A 76 7.54 10.88 -2.27
C THR A 76 6.78 12.20 -2.14
N GLU A 77 5.48 12.16 -1.96
CA GLU A 77 4.71 13.44 -1.86
C GLU A 77 5.16 14.26 -0.64
N GLY A 78 5.70 13.63 0.38
CA GLY A 78 6.13 14.41 1.59
C GLY A 78 5.18 14.08 2.74
N PHE A 79 4.13 13.38 2.42
CA PHE A 79 3.11 12.96 3.43
C PHE A 79 3.80 12.08 4.48
N LEU A 80 4.74 11.24 4.08
CA LEU A 80 5.41 10.34 5.06
C LEU A 80 6.94 10.35 4.86
N VAL A 81 7.65 10.11 5.93
CA VAL A 81 9.14 10.05 5.92
C VAL A 81 9.53 8.76 6.65
N GLU A 82 10.66 8.16 6.35
CA GLU A 82 11.01 6.90 7.09
C GLU A 82 12.36 7.03 7.80
N VAL A 83 12.46 6.56 9.03
CA VAL A 83 13.77 6.67 9.72
C VAL A 83 14.34 5.27 9.88
N SER A 84 15.53 5.16 9.41
CA SER A 84 16.26 3.89 9.47
C SER A 84 17.00 3.80 10.79
N ARG A 85 17.12 4.88 11.52
CA ARG A 85 17.92 4.83 12.78
C ARG A 85 17.01 4.35 13.91
N TYR A 86 15.86 3.95 13.44
CA TYR A 86 14.68 3.53 14.24
C TYR A 86 13.99 2.28 13.67
N ASN A 87 14.03 1.23 14.46
CA ASN A 87 13.48 -0.13 14.13
C ASN A 87 14.56 -0.95 13.40
N LYS A 88 15.35 -1.72 14.10
CA LYS A 88 16.34 -2.60 13.39
C LYS A 88 15.52 -3.62 12.59
N PHE A 89 14.23 -3.54 12.78
CA PHE A 89 13.23 -4.42 12.09
C PHE A 89 13.15 -3.89 10.66
N MET A 90 12.40 -2.84 10.52
CA MET A 90 12.12 -2.22 9.18
C MET A 90 11.72 -0.75 9.19
N LYS A 91 12.76 0.06 9.11
CA LYS A 91 12.64 1.54 9.05
C LYS A 91 11.38 2.06 9.70
N ILE A 92 11.31 2.43 10.99
CA ILE A 92 9.96 2.94 11.38
C ILE A 92 9.28 3.92 10.42
N CYS A 93 8.03 3.63 10.09
CA CYS A 93 7.28 4.58 9.25
C CYS A 93 7.04 5.74 10.24
N ALA A 94 7.50 6.92 9.97
CA ALA A 94 7.31 8.04 10.96
C ALA A 94 6.43 9.15 10.39
N LEU A 95 5.54 9.66 11.20
CA LEU A 95 4.64 10.77 10.76
C LEU A 95 5.41 12.09 10.81
N THR A 96 5.01 13.07 10.05
CA THR A 96 5.72 14.39 10.05
C THR A 96 4.72 15.53 10.25
N LYS A 97 5.20 16.70 10.58
CA LYS A 97 4.29 17.87 10.79
C LYS A 97 3.31 17.95 9.62
N LYS A 98 3.62 17.31 8.53
CA LYS A 98 2.72 17.35 7.35
C LYS A 98 1.38 16.70 7.70
N GLY A 99 1.40 15.56 8.29
CA GLY A 99 0.12 14.86 8.61
C GLY A 99 -0.36 15.22 10.03
N ARG A 100 0.48 15.69 10.90
CA ARG A 100 0.02 16.07 12.29
C ARG A 100 -1.04 17.17 12.19
N ASN A 101 -0.80 18.13 11.32
CA ASN A 101 -1.79 19.23 11.15
C ASN A 101 -3.02 18.55 10.59
N TRP A 102 -2.83 17.63 9.69
CA TRP A 102 -4.00 16.91 9.17
C TRP A 102 -4.71 16.11 10.29
N LEU A 103 -3.94 15.30 11.00
CA LEU A 103 -4.47 14.43 12.08
C LEU A 103 -5.11 15.29 13.20
N HIS A 104 -4.51 16.40 13.53
CA HIS A 104 -5.07 17.24 14.62
C HIS A 104 -6.43 17.89 14.26
N LYS A 105 -6.69 18.26 13.02
CA LYS A 105 -7.99 18.95 12.71
C LYS A 105 -8.66 18.38 11.46
N ALA A 106 -7.93 18.10 10.40
CA ALA A 106 -8.65 17.59 9.15
C ALA A 106 -9.20 16.18 9.38
N ASN A 107 -9.30 15.80 10.59
CA ASN A 107 -9.80 14.44 10.94
C ASN A 107 -11.33 14.38 10.87
N THR A 108 -12.03 15.48 10.78
CA THR A 108 -13.53 15.40 10.70
C THR A 108 -13.94 14.68 9.40
N GLU A 109 -14.10 15.39 8.31
CA GLU A 109 -14.48 14.75 7.05
C GLU A 109 -13.71 15.44 5.91
N SER A 110 -12.43 15.21 5.80
CA SER A 110 -11.67 15.85 4.69
C SER A 110 -10.85 14.75 3.99
N GLN A 111 -11.05 14.57 2.71
CA GLN A 111 -10.32 13.49 1.96
C GLN A 111 -9.90 14.05 0.59
N SER A 112 -8.70 14.60 0.42
CA SER A 112 -8.35 15.09 -0.97
C SER A 112 -6.83 14.95 -1.18
N LEU A 113 -6.50 14.17 -2.17
CA LEU A 113 -5.09 13.90 -2.61
C LEU A 113 -5.30 13.30 -3.99
N ILE A 114 -4.75 13.82 -5.06
CA ILE A 114 -4.94 13.05 -6.32
C ILE A 114 -3.59 12.35 -6.18
N LEU A 115 -3.50 11.03 -6.20
CA LEU A 115 -2.14 10.40 -5.91
C LEU A 115 -1.28 9.94 -7.08
N GLN A 116 -0.15 9.49 -6.69
CA GLN A 116 0.80 8.89 -7.62
C GLN A 116 0.20 7.53 -7.87
N ALA A 117 0.08 7.00 -9.05
CA ALA A 117 -0.52 5.63 -9.18
C ALA A 117 0.49 4.53 -8.73
N ASN A 118 0.05 3.40 -8.21
CA ASN A 118 1.01 2.35 -7.74
C ASN A 118 1.73 1.79 -8.96
N GLU A 119 2.96 1.43 -8.78
CA GLU A 119 3.76 0.88 -9.91
C GLU A 119 3.20 -0.48 -10.38
N GLU A 120 2.90 -1.41 -9.52
CA GLU A 120 2.39 -2.73 -10.05
C GLU A 120 0.88 -2.63 -10.26
N LEU A 121 0.44 -2.22 -11.42
CA LEU A 121 -1.06 -2.11 -11.63
C LEU A 121 -1.66 -3.38 -12.26
N CYS A 122 -0.87 -4.39 -12.50
CA CYS A 122 -1.44 -5.65 -13.08
C CYS A 122 -0.53 -6.83 -12.66
N PRO A 123 -0.77 -7.51 -11.56
CA PRO A 123 0.11 -8.65 -11.13
C PRO A 123 0.20 -9.77 -12.18
N LYS A 124 -0.29 -9.55 -13.39
CA LYS A 124 -0.24 -10.61 -14.44
C LYS A 124 0.99 -10.43 -15.33
N LYS A 125 1.97 -9.70 -14.87
CA LYS A 125 3.19 -9.48 -15.70
C LYS A 125 3.96 -10.81 -15.86
N LEU A 126 3.34 -11.91 -15.53
CA LEU A 126 4.04 -13.23 -15.66
C LEU A 126 4.20 -13.59 -17.14
N LEU A 127 5.36 -13.35 -17.69
CA LEU A 127 5.63 -13.68 -19.13
C LEU A 127 5.94 -15.16 -19.26
N LEU A 128 5.54 -15.79 -20.33
CA LEU A 128 5.82 -17.24 -20.51
C LEU A 128 6.03 -17.54 -22.00
N PRO A 129 7.03 -16.96 -22.62
CA PRO A 129 7.31 -17.19 -24.08
C PRO A 129 7.85 -18.59 -24.35
N SER A 130 7.59 -19.13 -25.51
CA SER A 130 8.10 -20.50 -25.85
C SER A 130 9.58 -20.40 -26.23
N SER A 131 10.28 -21.50 -26.26
CA SER A 131 11.72 -21.46 -26.63
C SER A 131 11.86 -20.99 -28.08
N LYS A 132 12.95 -20.34 -28.41
CA LYS A 132 13.17 -19.84 -29.81
C LYS A 132 13.17 -21.03 -30.78
N THR A 133 13.30 -20.76 -32.05
CA THR A 133 13.34 -21.86 -33.07
C THR A 133 14.78 -22.28 -33.31
N VAL A 134 15.07 -23.55 -33.22
CA VAL A 134 16.47 -24.04 -33.43
C VAL A 134 16.81 -23.98 -34.94
N SER A 135 17.95 -23.44 -35.28
CA SER A 135 18.35 -23.35 -36.71
C SER A 135 19.02 -24.65 -37.17
N SER A 136 19.53 -25.43 -36.24
CA SER A 136 20.20 -26.71 -36.64
C SER A 136 19.13 -27.76 -36.96
N GLY A 137 19.55 -28.87 -37.50
CA GLY A 137 18.57 -29.95 -37.83
C GLY A 137 18.02 -29.73 -39.25
N THR A 138 18.50 -28.73 -39.93
CA THR A 138 18.01 -28.48 -41.32
C THR A 138 18.61 -29.52 -42.29
N LYS A 139 17.80 -30.06 -43.16
CA LYS A 139 18.31 -31.05 -44.15
C LYS A 139 17.18 -31.36 -45.13
N GLU A 140 17.36 -30.96 -46.35
CA GLU A 140 16.31 -31.19 -47.40
C GLU A 140 16.17 -32.69 -47.67
N HIS A 141 16.87 -33.50 -46.93
CA HIS A 141 16.81 -34.98 -47.14
C HIS A 141 15.37 -35.47 -47.00
N CYS A 142 14.68 -35.05 -45.98
CA CYS A 142 13.27 -35.50 -45.81
C CYS A 142 12.41 -34.95 -46.95
N TYR A 143 12.59 -33.70 -47.29
CA TYR A 143 11.79 -33.10 -48.40
C TYR A 143 12.43 -33.49 -49.74
N ASN A 144 11.72 -33.30 -50.81
CA ASN A 144 12.29 -33.65 -52.16
C ASN A 144 13.69 -33.07 -52.28
#